data_6ZFS
#
_entry.id   6ZFS
#
_cell.length_a   209.560
_cell.length_b   209.560
_cell.length_c   343.348
_cell.angle_alpha   90.000
_cell.angle_beta   90.000
_cell.angle_gamma   120.000
#
_symmetry.space_group_name_H-M   'P 65 2 2'
#
loop_
_entity.id
_entity.type
_entity.pdbx_description
1 polymer 'Cytochrome b-c1 complex subunit 1, mitochondrial'
2 polymer 'Cytochrome b-c1 complex subunit 2, mitochondrial'
3 polymer 'Cytochrome b'
4 polymer 'Cytochrome c1, heme protein, mitochondrial'
5 polymer 'Cytochrome b-c1 complex subunit Rieske, mitochondrial'
6 polymer 'Cytochrome b-c1 complex subunit 7'
7 polymer 'Cytochrome b-c1 complex subunit 8'
8 polymer 'Cytochrome b-c1 complex subunit 6, mitochondrial'
9 polymer 'Cytochrome b-c1 complex subunit Rieske, mitochondrial'
10 polymer 'Cytochrome b-c1 complex subunit 9'
11 non-polymer 1,2-DIHEXANOYL-SN-GLYCERO-3-PHOSPHOETHANOLAMINE
12 non-polymer 'PHOSPHATE ION'
13 non-polymer CARDIOLIPIN
14 non-polymer 'PROTOPORPHYRIN IX CONTAINING FE'
15 non-polymer DODECYL-BETA-D-MALTOSIDE
16 non-polymer 'TETRAETHYLENE GLYCOL'
17 non-polymer 1,2-dioleoyl-sn-glycero-3-phosphoethanolamine
18 non-polymer 2-methyl-3-[4-[[4-(trifluoromethyloxy)phenyl]methyl]phenyl]-3~{H}-quinolin-4-one
19 non-polymer 'HEME C'
20 non-polymer 'FE2/S2 (INORGANIC) CLUSTER'
21 non-polymer 1,2-DIMYRISTOYL-SN-GLYCERO-3-PHOSPHOCHOLINE
22 water water
#
loop_
_entity_poly.entity_id
_entity_poly.type
_entity_poly.pdbx_seq_one_letter_code
_entity_poly.pdbx_strand_id
1 'polypeptide(L)'
;ATYAQALQSVPETQVSQLDNGLRVASEQSSQPTCTVGVWIDAGSRYESEKNNGAGYFVEHLAFKGTKNRPGNALEKEVES
MGAHLNAYSTREHTAYYIKALSKDLPKAVELLADIVQNCSLEDSQIEKERDVILQELQENDTSMRDVVFNYLHATAFQGT
PLAQSVEGPSENVRKLSRADLTEYLSRHYKAPRMVLAAAGGLEHRQLLDLAQKHFSGLSGTYDEETVPTLSPCRFTGSQI
CHREDGLPLAHVAIAVEGPGWAHPDNVALQVANAIIGHYDCTYGGGAHLSSPLASIAATNKLCQSFQTFNICYADTGLLG
AHFVCDHMSIDDMMFVLQGQWMRLCTSATESEVLRGKNLLRNALVSHLDGTTPVCEDIGRSLLTYGRRIPLAEWESRIAE
VDARVVREVCSKYFYDQCPAVAGFGPIEQLPDYNRIRSGMFWLR
;
A
2 'polypeptide(L)'
;HPQDLEFTRLPNGLVIASLENYAPASRIGLFIKAGSRYENSNNLGTSHLLRLASSLTTKGASSFKITRGIEAVGGKLSVT
STRENMAYTVECLRDDVDILMEFLLNVTTAPEFRRWEVAALQPQLRIDKAVALQNPQAHVIENLHAAAYRNALANSLYCP
DYRIGKVTPVELHDYVQNHFTSARMALIGLGVSHPVLKQVAEQFLNIRGGLGLSGAKAKYHGGEIREQNGDSLVHAALVA
ESAAIGSAEANAFSVLQHVLGAGPHVKRGSNATSSLYQAVAKGVHQPFDVSAFNASYSDSGLFGFYTISQAASAGDVIKA
AYNQVKTIAQGNLSNPDVQAAKNKLKAGYLMSVESSEGFLDEVGSQALAAGSYTPPSTVLQQIDAVADADVINAAKKFVS
GRKSMAASGNLGHTPFIDEL
;
B
3 'polypeptide(L)'
;TNIRKSHPLMKIVNNAFIDLPAPSNISSWWNFGSLLGICLILQILTGLFLAMHYTSDTTTAFSSVTHICRDVNYGWIIRY
MHANGASMFFICLYMHVGRGLYYGSYTFLETWNIGVILLLTVMATAFMGYVLPWGQMSFWGATVITNLLSAIPYIGTNLV
EWIWGGFSVDKATLTRFFAFHFILPFIIMAIAMVHLLFLHETGSNNPTGISSDVDKIPFHPYYTIKDILGALLLILALML
LVLFAPDLLGDPDNYTPANPLNTPPHIKPEWYFLFAYAILRSIPNKLGGVLALAFSILILALIPLLHTSKQRSMMFRPLS
QCLFWALVADLLTLTWIGGQPVEHPYITIGQLASVLYFLLILVLMPTAGTIENKLLKW
;
C
4 'polypeptide(L)'
;DLELHPPSYPWSHRGLLSSLDHTSIRRGFQVYKQVCSSCHSMDYVAYRHLVGVCYTEDEAKALAEEVEVQDGPNEDGEMF
MRPGKLSDYFPKPYPNPEAARAANNGALPPDLSYIVRARHGGEDYVFSLLTGYCEPPTGVSLREGLYFNPYFPGQAIGMA
PPIYNEVLEFDDGTPATMSQVAKDVCTFLRWAAEPEHDHRKRMGLKMLLMMGLLLPLVYAMKRHKWSVLKSRKLAYRPP
;
D
5 'polypeptide(L)'
;SHTDIKVPDFSDYRRPEVLDSTKSSKESSEARKGFSYLVTATTTVGVAYAAKNVVSQFVSSMSASADVLAMSKIEIKLSD
IPEGKNMAFKWRGKPLFVRHRTKKEIDQEAAVEVSQLRDPQHDLERVKKPEWVILIGVCTHLGCVPIANAGDFGGYYCPC
HGSHYDASGRIRKGPAPLNLEVPSYEFTSDDMVIVG
;
E
6 'polypeptide(L)'
;RWLEGIRKWYYNAAGFNKLGLMRDDTIHENDDVKEAIRRLPENLYNDRVFRIKRALDLSMRQQILPKEQWTKYEEDKSYL
EPYLKEVIRERKEREEWAK
;
F
7 'polypeptide(L)' GRQFGHLTRVRHVITYSLSPFEQRAFPHYFSKGIPNVLRRTRACILRVAPPFVAFYLVYTWGTQEFEKSKRKNPA G
8 'polypeptide(L)' VDPLTTVREQCEQLEKCVKARERLELCDERVSSRSQTEEDCTEELLDFLHARDHCVAHKLFNSL H
9 'polypeptide(L)' AVPATSESPVLDLKRSVLCRESLRGQAAGRPLVASVSLNVPASVRY I
10 'polypeptide(L)' APTLTARLYSLLFRRTSTFALTIVVGALFFERAFDQGADAIYEHINEGKLWKHIKHKYE J
#
loop_
_chem_comp.id
_chem_comp.type
_chem_comp.name
_chem_comp.formula
6PE non-polymer 1,2-DIHEXANOYL-SN-GLYCERO-3-PHOSPHOETHANOLAMINE 'C17 H33 N O8 P -1'
CDL non-polymer CARDIOLIPIN 'C81 H156 O17 P2 -2'
FES non-polymer 'FE2/S2 (INORGANIC) CLUSTER' 'Fe2 S2'
HEC non-polymer 'HEME C' 'C34 H34 Fe N4 O4'
HEM non-polymer 'PROTOPORPHYRIN IX CONTAINING FE' 'C34 H32 Fe N4 O4'
JGW non-polymer 2-methyl-3-[4-[[4-(trifluoromethyloxy)phenyl]methyl]phenyl]-3~{H}-quinolin-4-one 'C24 H18 F3 N O2'
LMT D-saccharide DODECYL-BETA-D-MALTOSIDE 'C24 H46 O11'
PEE non-polymer 1,2-dioleoyl-sn-glycero-3-phosphoethanolamine 'C41 H78 N O8 P'
PG4 non-polymer 'TETRAETHYLENE GLYCOL' 'C8 H18 O5'
PO4 non-polymer 'PHOSPHATE ION' 'O4 P -3'
PX4 non-polymer 1,2-DIMYRISTOYL-SN-GLYCERO-3-PHOSPHOCHOLINE 'C36 H73 N O8 P 1'
#
# COMPACT_ATOMS: atom_id res chain seq x y z
N ALA A 1 54.33 8.07 -16.32
CA ALA A 1 53.71 6.70 -16.21
C ALA A 1 52.25 6.70 -15.67
N THR A 2 51.30 6.56 -16.59
CA THR A 2 49.85 6.70 -16.34
C THR A 2 49.15 5.48 -15.68
N TYR A 3 47.86 5.62 -15.31
CA TYR A 3 47.06 4.54 -14.69
C TYR A 3 46.79 3.42 -15.68
N ALA A 4 46.40 3.78 -16.90
CA ALA A 4 46.17 2.84 -18.00
C ALA A 4 47.39 1.95 -18.18
N GLN A 5 48.57 2.58 -18.21
CA GLN A 5 49.85 1.89 -18.30
C GLN A 5 50.10 0.97 -17.12
N ALA A 6 49.86 1.47 -15.91
CA ALA A 6 50.16 0.74 -14.66
C ALA A 6 49.52 -0.64 -14.66
N LEU A 7 48.31 -0.71 -15.21
CA LEU A 7 47.56 -1.96 -15.31
C LEU A 7 48.21 -2.97 -16.23
N GLN A 8 48.92 -2.49 -17.25
CA GLN A 8 49.58 -3.34 -18.25
C GLN A 8 50.75 -4.15 -17.69
N SER A 9 51.41 -3.58 -16.69
CA SER A 9 52.56 -4.22 -16.08
C SER A 9 52.27 -4.74 -14.67
N VAL A 10 51.03 -5.14 -14.42
CA VAL A 10 50.67 -5.85 -13.18
C VAL A 10 51.02 -7.33 -13.43
N PRO A 11 51.72 -7.97 -12.47
CA PRO A 11 52.11 -9.37 -12.62
C PRO A 11 50.97 -10.32 -13.02
N GLU A 12 51.15 -11.05 -14.12
CA GLU A 12 50.20 -12.04 -14.64
C GLU A 12 49.99 -13.23 -13.70
N THR A 13 48.84 -13.88 -13.79
CA THR A 13 48.60 -15.06 -12.99
C THR A 13 48.87 -16.31 -13.81
N GLN A 14 49.72 -17.17 -13.27
CA GLN A 14 50.12 -18.44 -13.89
C GLN A 14 49.08 -19.54 -13.60
N VAL A 15 48.89 -20.44 -14.56
CA VAL A 15 47.75 -21.37 -14.57
C VAL A 15 48.14 -22.76 -15.08
N SER A 16 47.94 -23.79 -14.25
CA SER A 16 48.33 -25.16 -14.63
C SER A 16 47.46 -26.19 -13.92
N GLN A 17 47.14 -27.31 -14.58
CA GLN A 17 46.33 -28.39 -13.99
C GLN A 17 47.11 -29.72 -13.84
N LEU A 18 46.86 -30.43 -12.74
CA LEU A 18 47.47 -31.75 -12.45
C LEU A 18 46.74 -32.90 -13.12
N ASP A 19 47.33 -34.08 -13.03
CA ASP A 19 46.79 -35.28 -13.66
C ASP A 19 45.38 -35.59 -13.16
N ASN A 20 45.17 -35.46 -11.86
CA ASN A 20 43.86 -35.72 -11.29
C ASN A 20 42.87 -34.63 -11.65
N GLY A 21 43.38 -33.42 -11.87
CA GLY A 21 42.56 -32.26 -12.23
C GLY A 21 42.66 -31.05 -11.32
N LEU A 22 43.50 -31.13 -10.29
CA LEU A 22 43.72 -30.01 -9.37
C LEU A 22 44.47 -28.89 -10.06
N ARG A 23 43.95 -27.68 -9.96
CA ARG A 23 44.62 -26.58 -10.59
C ARG A 23 45.61 -25.97 -9.63
N VAL A 24 46.74 -25.55 -10.17
CA VAL A 24 47.72 -24.75 -9.45
C VAL A 24 47.78 -23.37 -10.12
N ALA A 25 47.56 -22.33 -9.31
CA ALA A 25 47.52 -20.94 -9.77
C ALA A 25 48.42 -20.12 -8.89
N SER A 26 49.10 -19.10 -9.42
CA SER A 26 50.03 -18.33 -8.61
C SER A 26 50.48 -17.01 -9.21
N GLU A 27 50.32 -15.94 -8.43
CA GLU A 27 50.86 -14.64 -8.79
C GLU A 27 52.19 -14.35 -8.05
N GLN A 28 53.21 -13.97 -8.81
CA GLN A 28 54.59 -13.84 -8.31
C GLN A 28 55.12 -12.40 -8.21
N SER A 29 55.89 -12.14 -7.16
CA SER A 29 56.66 -10.90 -6.95
C SER A 29 57.62 -11.13 -5.78
N SER A 30 58.86 -10.65 -5.92
CA SER A 30 59.88 -10.77 -4.85
C SER A 30 59.18 -10.15 -3.63
N GLN A 31 58.72 -10.99 -2.70
CA GLN A 31 58.16 -10.59 -1.43
C GLN A 31 58.66 -11.61 -0.39
N PRO A 32 58.96 -11.14 0.84
CA PRO A 32 59.50 -12.05 1.88
C PRO A 32 58.47 -13.02 2.47
N THR A 33 57.20 -12.66 2.32
CA THR A 33 56.06 -13.42 2.84
C THR A 33 55.17 -13.87 1.70
N CYS A 34 54.28 -14.80 2.01
CA CYS A 34 53.34 -15.34 1.04
C CYS A 34 52.06 -15.85 1.70
N THR A 35 51.06 -16.09 0.86
CA THR A 35 49.81 -16.77 1.25
C THR A 35 49.48 -17.82 0.20
N VAL A 36 49.13 -19.01 0.68
CA VAL A 36 48.82 -20.14 -0.16
C VAL A 36 47.63 -20.86 0.46
N GLY A 37 46.79 -21.43 -0.39
CA GLY A 37 45.65 -22.17 0.09
C GLY A 37 44.88 -22.94 -0.95
N VAL A 38 43.89 -23.65 -0.44
CA VAL A 38 43.06 -24.54 -1.22
C VAL A 38 41.64 -24.00 -1.22
N TRP A 39 41.11 -23.75 -2.41
CA TRP A 39 39.70 -23.36 -2.58
C TRP A 39 38.90 -24.49 -3.25
N ILE A 40 37.73 -24.79 -2.69
CA ILE A 40 36.92 -25.97 -3.04
C ILE A 40 35.49 -25.55 -3.38
N ASP A 41 34.96 -26.02 -4.51
CA ASP A 41 33.52 -25.88 -4.81
C ASP A 41 32.70 -26.81 -3.91
N ALA A 42 32.50 -26.33 -2.67
CA ALA A 42 31.77 -27.04 -1.61
C ALA A 42 31.24 -26.04 -0.58
N GLY A 43 30.05 -26.32 -0.04
CA GLY A 43 29.42 -25.48 0.96
C GLY A 43 27.99 -25.93 1.17
N SER A 44 27.15 -25.03 1.67
CA SER A 44 25.75 -25.36 2.02
C SER A 44 24.85 -25.70 0.81
N ARG A 45 25.14 -25.11 -0.36
CA ARG A 45 24.37 -25.37 -1.60
C ARG A 45 24.50 -26.81 -2.00
N TYR A 46 25.67 -27.41 -1.74
CA TYR A 46 25.95 -28.79 -2.12
C TYR A 46 25.44 -29.79 -1.06
N GLU A 47 25.06 -29.29 0.10
CA GLU A 47 24.48 -30.08 1.18
C GLU A 47 22.98 -30.28 0.98
N SER A 48 22.49 -31.48 1.30
CA SER A 48 21.06 -31.77 1.34
C SER A 48 20.55 -31.36 2.71
N GLU A 49 19.27 -31.64 2.97
CA GLU A 49 18.64 -31.22 4.22
C GLU A 49 19.14 -31.97 5.46
N LYS A 50 19.51 -33.24 5.28
CA LYS A 50 19.91 -34.08 6.41
C LYS A 50 21.40 -33.96 6.74
N ASN A 51 22.18 -33.48 5.77
CA ASN A 51 23.62 -33.31 5.98
C ASN A 51 24.03 -31.85 5.96
N ASN A 52 23.04 -30.96 6.04
CA ASN A 52 23.29 -29.51 6.14
C ASN A 52 24.15 -29.18 7.35
N GLY A 53 25.14 -28.32 7.15
CA GLY A 53 26.08 -27.89 8.19
C GLY A 53 27.28 -28.80 8.38
N ALA A 54 27.43 -29.78 7.49
CA ALA A 54 28.54 -30.71 7.53
C ALA A 54 29.82 -29.98 7.18
N GLY A 55 29.78 -29.20 6.10
CA GLY A 55 30.95 -28.43 5.63
C GLY A 55 31.47 -27.46 6.65
N TYR A 56 30.55 -26.94 7.45
CA TYR A 56 30.85 -26.09 8.58
C TYR A 56 31.46 -26.92 9.72
N PHE A 57 30.87 -28.09 9.98
CA PHE A 57 31.38 -29.02 11.00
C PHE A 57 32.82 -29.44 10.66
N VAL A 58 33.07 -29.74 9.39
CA VAL A 58 34.40 -30.10 8.90
C VAL A 58 35.38 -28.97 9.21
N GLU A 59 35.03 -27.74 8.85
CA GLU A 59 35.87 -26.56 9.08
C GLU A 59 36.40 -26.51 10.52
N HIS A 60 35.53 -26.80 11.49
CA HIS A 60 35.92 -26.91 12.90
C HIS A 60 36.98 -27.96 13.16
N LEU A 61 36.83 -29.10 12.51
CA LEU A 61 37.74 -30.24 12.69
C LEU A 61 39.05 -30.16 11.89
N ALA A 62 39.09 -29.32 10.86
CA ALA A 62 40.22 -29.22 9.91
C ALA A 62 41.58 -29.08 10.57
N PHE A 63 41.67 -28.15 11.51
CA PHE A 63 42.93 -27.79 12.11
C PHE A 63 43.19 -28.48 13.46
N LYS A 64 42.42 -29.53 13.75
CA LYS A 64 42.48 -30.22 15.05
C LYS A 64 43.32 -31.50 15.04
N GLY A 65 44.17 -31.64 14.01
CA GLY A 65 45.02 -32.82 13.86
C GLY A 65 44.85 -33.52 12.52
N THR A 66 45.83 -34.36 12.19
CA THR A 66 45.82 -35.16 10.96
C THR A 66 46.30 -36.58 11.32
N LYS A 67 46.27 -37.50 10.35
CA LYS A 67 46.89 -38.83 10.54
C LYS A 67 48.41 -38.69 10.70
N ASN A 68 49.04 -37.87 9.86
CA ASN A 68 50.49 -37.62 9.90
C ASN A 68 50.94 -36.78 11.11
N ARG A 69 50.05 -35.89 11.58
CA ARG A 69 50.33 -35.00 12.72
C ARG A 69 49.13 -34.99 13.69
N PRO A 70 49.07 -35.98 14.60
CA PRO A 70 47.88 -36.14 15.45
C PRO A 70 47.72 -35.02 16.48
N GLY A 71 46.46 -34.65 16.73
CA GLY A 71 46.12 -33.64 17.74
C GLY A 71 46.71 -32.29 17.45
N ASN A 72 47.45 -31.76 18.41
CA ASN A 72 47.99 -30.40 18.30
C ASN A 72 49.35 -30.32 17.62
N ALA A 73 49.77 -31.42 17.00
CA ALA A 73 51.04 -31.46 16.26
C ALA A 73 51.01 -30.55 15.03
N LEU A 74 49.89 -30.61 14.29
CA LEU A 74 49.65 -29.72 13.14
C LEU A 74 49.63 -28.27 13.58
N GLU A 75 48.90 -28.02 14.67
CA GLU A 75 48.80 -26.71 15.30
C GLU A 75 50.17 -26.14 15.71
N LYS A 76 50.93 -26.94 16.46
CA LYS A 76 52.27 -26.56 16.96
C LYS A 76 53.21 -26.15 15.84
N GLU A 77 53.19 -26.93 14.75
CA GLU A 77 54.13 -26.75 13.66
C GLU A 77 53.88 -25.44 12.90
N VAL A 78 52.60 -25.09 12.75
CA VAL A 78 52.19 -23.83 12.11
C VAL A 78 52.66 -22.63 12.95
N GLU A 79 52.38 -22.69 14.25
CA GLU A 79 52.76 -21.62 15.18
C GLU A 79 54.28 -21.42 15.20
N SER A 80 55.02 -22.50 15.44
CA SER A 80 56.47 -22.43 15.66
C SER A 80 57.29 -21.92 14.47
N MET A 81 56.73 -22.00 13.26
CA MET A 81 57.37 -21.40 12.06
C MET A 81 56.83 -20.02 11.72
N GLY A 82 56.04 -19.49 12.65
CA GLY A 82 55.42 -18.16 12.53
C GLY A 82 54.41 -18.11 11.42
N ALA A 83 53.73 -19.23 11.18
CA ALA A 83 52.71 -19.30 10.15
C ALA A 83 51.35 -19.04 10.74
N HIS A 84 50.45 -18.52 9.92
CA HIS A 84 49.09 -18.23 10.32
C HIS A 84 48.12 -19.07 9.49
N LEU A 85 47.32 -19.88 10.17
CA LEU A 85 46.42 -20.81 9.50
C LEU A 85 44.96 -20.42 9.68
N ASN A 86 44.22 -20.38 8.56
CA ASN A 86 42.83 -19.89 8.54
C ASN A 86 41.91 -20.55 7.51
N ALA A 87 40.60 -20.51 7.80
CA ALA A 87 39.57 -21.13 6.95
C ALA A 87 38.27 -20.33 6.88
N TYR A 88 37.51 -20.51 5.80
CA TYR A 88 36.13 -20.00 5.70
C TYR A 88 35.25 -20.88 4.81
N SER A 89 33.95 -20.89 5.09
CA SER A 89 32.95 -21.62 4.29
C SER A 89 31.78 -20.73 3.94
N THR A 90 31.50 -20.61 2.64
CA THR A 90 30.33 -19.89 2.13
C THR A 90 29.30 -20.94 1.67
N ARG A 91 28.20 -20.49 1.08
CA ARG A 91 27.19 -21.41 0.55
C ARG A 91 27.71 -22.23 -0.63
N GLU A 92 28.75 -21.73 -1.30
CA GLU A 92 29.35 -22.38 -2.47
C GLU A 92 30.84 -22.68 -2.37
N HIS A 93 31.56 -22.00 -1.47
CA HIS A 93 33.03 -22.14 -1.38
C HIS A 93 33.57 -22.41 0.02
N THR A 94 34.26 -23.54 0.19
CA THR A 94 35.06 -23.79 1.37
C THR A 94 36.50 -23.46 0.96
N ALA A 95 37.31 -22.97 1.90
CA ALA A 95 38.69 -22.54 1.64
C ALA A 95 39.57 -22.60 2.87
N TYR A 96 40.74 -23.23 2.72
CA TYR A 96 41.77 -23.29 3.77
C TYR A 96 43.01 -22.67 3.21
N TYR A 97 43.64 -21.79 3.98
CA TYR A 97 44.82 -21.08 3.53
C TYR A 97 45.78 -20.76 4.68
N ILE A 98 47.05 -20.60 4.32
CA ILE A 98 48.11 -20.36 5.30
C ILE A 98 48.97 -19.16 4.87
N LYS A 99 49.23 -18.27 5.81
CA LYS A 99 50.15 -17.14 5.63
C LYS A 99 51.49 -17.50 6.26
N ALA A 100 52.55 -17.50 5.45
CA ALA A 100 53.86 -17.95 5.92
C ALA A 100 55.01 -17.18 5.32
N LEU A 101 56.20 -17.41 5.85
CA LEU A 101 57.43 -16.88 5.28
C LEU A 101 57.62 -17.56 3.94
N SER A 102 58.13 -16.81 2.97
CA SER A 102 58.33 -17.34 1.61
C SER A 102 59.21 -18.60 1.57
N LYS A 103 60.27 -18.62 2.36
CA LYS A 103 61.15 -19.79 2.53
C LYS A 103 60.42 -21.04 3.07
N ASP A 104 59.34 -20.83 3.81
CA ASP A 104 58.55 -21.94 4.37
C ASP A 104 57.40 -22.42 3.47
N LEU A 105 57.36 -21.98 2.20
CA LEU A 105 56.31 -22.39 1.24
C LEU A 105 56.20 -23.92 1.02
N PRO A 106 57.35 -24.63 0.86
CA PRO A 106 57.28 -26.10 0.80
C PRO A 106 56.50 -26.73 1.96
N LYS A 107 56.88 -26.40 3.19
CA LYS A 107 56.20 -26.94 4.36
C LYS A 107 54.74 -26.46 4.41
N ALA A 108 54.52 -25.21 4.00
CA ALA A 108 53.18 -24.61 3.93
C ALA A 108 52.24 -25.43 3.04
N VAL A 109 52.71 -25.76 1.84
CA VAL A 109 51.91 -26.54 0.88
C VAL A 109 51.68 -27.96 1.42
N GLU A 110 52.71 -28.53 2.03
CA GLU A 110 52.66 -29.84 2.69
C GLU A 110 51.58 -29.93 3.78
N LEU A 111 51.52 -28.91 4.62
CA LEU A 111 50.57 -28.84 5.73
C LEU A 111 49.13 -28.70 5.26
N LEU A 112 48.90 -27.88 4.23
CA LEU A 112 47.58 -27.71 3.61
C LEU A 112 47.07 -29.04 3.10
N ALA A 113 47.96 -29.78 2.41
CA ALA A 113 47.67 -31.10 1.87
C ALA A 113 47.30 -32.09 2.95
N ASP A 114 48.03 -32.01 4.07
CA ASP A 114 47.80 -32.88 5.21
C ASP A 114 46.44 -32.61 5.88
N ILE A 115 46.04 -31.34 5.91
CA ILE A 115 44.76 -30.90 6.47
C ILE A 115 43.60 -31.44 5.63
N VAL A 116 43.64 -31.13 4.32
CA VAL A 116 42.60 -31.52 3.37
C VAL A 116 42.38 -33.03 3.38
N GLN A 117 43.43 -33.77 3.03
CA GLN A 117 43.36 -35.23 2.77
C GLN A 117 43.28 -36.13 4.00
N ASN A 118 44.15 -35.88 4.97
CA ASN A 118 44.35 -36.82 6.09
C ASN A 118 43.78 -36.30 7.42
N CYS A 119 42.65 -35.61 7.33
CA CYS A 119 42.00 -35.00 8.48
C CYS A 119 41.50 -36.02 9.50
N SER A 120 42.02 -35.94 10.74
CA SER A 120 41.73 -36.92 11.81
C SER A 120 40.26 -37.26 12.04
N LEU A 121 39.45 -36.25 12.33
CA LEU A 121 38.02 -36.39 12.68
C LEU A 121 37.80 -37.41 13.82
N GLU A 122 38.49 -37.19 14.94
CA GLU A 122 38.47 -38.07 16.12
C GLU A 122 37.11 -38.06 16.82
N ASP A 123 36.75 -39.20 17.42
CA ASP A 123 35.46 -39.38 18.10
C ASP A 123 35.24 -38.33 19.19
N SER A 124 36.22 -38.21 20.09
CA SER A 124 36.23 -37.22 21.17
C SER A 124 36.21 -35.78 20.66
N GLN A 125 36.99 -35.54 19.60
CA GLN A 125 37.13 -34.21 18.99
C GLN A 125 35.84 -33.77 18.29
N ILE A 126 35.11 -34.71 17.73
CA ILE A 126 33.78 -34.44 17.16
C ILE A 126 32.80 -33.98 18.23
N GLU A 127 32.74 -34.75 19.33
CA GLU A 127 31.76 -34.47 20.40
C GLU A 127 32.10 -33.18 21.14
N LYS A 128 33.38 -32.81 21.13
CA LYS A 128 33.84 -31.51 21.64
C LYS A 128 33.40 -30.37 20.71
N GLU A 129 33.71 -30.50 19.41
CA GLU A 129 33.38 -29.48 18.40
C GLU A 129 31.87 -29.37 18.15
N ARG A 130 31.11 -30.34 18.65
CA ARG A 130 29.64 -30.30 18.59
C ARG A 130 29.05 -29.17 19.46
N ASP A 131 29.49 -29.10 20.73
CA ASP A 131 29.06 -28.04 21.66
C ASP A 131 29.54 -26.67 21.24
N VAL A 132 30.71 -26.63 20.59
CA VAL A 132 31.32 -25.39 20.11
C VAL A 132 30.42 -24.74 19.07
N ILE A 133 29.93 -25.55 18.13
CA ILE A 133 29.04 -25.07 17.06
C ILE A 133 27.72 -24.56 17.66
N LEU A 134 27.18 -25.31 18.61
CA LEU A 134 25.93 -24.92 19.28
C LEU A 134 26.04 -23.58 19.99
N GLN A 135 27.20 -23.30 20.58
CA GLN A 135 27.44 -22.00 21.21
C GLN A 135 27.65 -20.86 20.22
N GLU A 136 28.24 -21.17 19.06
CA GLU A 136 28.43 -20.20 17.98
C GLU A 136 27.07 -19.85 17.37
N LEU A 137 26.20 -20.87 17.27
CA LEU A 137 24.81 -20.70 16.82
C LEU A 137 24.03 -19.75 17.72
N GLN A 138 24.30 -19.81 19.02
CA GLN A 138 23.68 -18.92 20.01
C GLN A 138 24.25 -17.50 19.93
N GLU A 139 25.58 -17.40 19.78
CA GLU A 139 26.25 -16.12 19.52
C GLU A 139 25.66 -15.48 18.27
N ASN A 140 25.55 -16.25 17.18
CA ASN A 140 24.99 -15.77 15.93
C ASN A 140 23.58 -15.22 16.01
N ASP A 141 22.78 -15.71 16.97
CA ASP A 141 21.44 -15.17 17.20
C ASP A 141 21.47 -13.73 17.69
N THR A 142 22.58 -13.33 18.31
CA THR A 142 22.76 -11.96 18.83
C THR A 142 23.37 -11.00 17.77
N SER A 143 23.72 -11.54 16.62
CA SER A 143 24.14 -10.71 15.50
C SER A 143 22.96 -10.54 14.53
N MET A 144 22.30 -9.41 14.64
CA MET A 144 21.09 -9.11 13.86
C MET A 144 21.37 -9.07 12.36
N ARG A 145 22.55 -8.59 11.99
CA ARG A 145 23.03 -8.57 10.62
C ARG A 145 23.05 -9.98 10.05
N ASP A 146 23.73 -10.90 10.74
CA ASP A 146 23.79 -12.32 10.37
C ASP A 146 22.39 -12.94 10.22
N VAL A 147 21.52 -12.68 11.19
CA VAL A 147 20.16 -13.23 11.23
C VAL A 147 19.32 -12.74 10.04
N VAL A 148 19.33 -11.43 9.79
CA VAL A 148 18.54 -10.86 8.69
C VAL A 148 18.97 -11.37 7.29
N PHE A 149 20.28 -11.61 7.11
CA PHE A 149 20.81 -12.10 5.83
C PHE A 149 20.50 -13.55 5.61
N ASN A 150 20.66 -14.34 6.66
CA ASN A 150 20.23 -15.73 6.67
C ASN A 150 18.75 -15.83 6.33
N TYR A 151 17.95 -14.92 6.90
CA TYR A 151 16.54 -14.80 6.56
C TYR A 151 16.29 -14.46 5.10
N LEU A 152 17.06 -13.50 4.57
CA LEU A 152 16.93 -13.10 3.16
C LEU A 152 17.09 -14.29 2.23
N HIS A 153 18.16 -15.06 2.42
CA HIS A 153 18.41 -16.30 1.67
C HIS A 153 17.29 -17.30 1.84
N ALA A 154 16.91 -17.51 3.10
CA ALA A 154 15.88 -18.48 3.47
C ALA A 154 14.56 -18.21 2.78
N THR A 155 14.22 -16.92 2.62
CA THR A 155 12.98 -16.54 1.92
C THR A 155 13.15 -16.38 0.41
N ALA A 156 14.29 -15.81 -0.01
CA ALA A 156 14.58 -15.57 -1.42
C ALA A 156 14.64 -16.85 -2.22
N PHE A 157 15.43 -17.80 -1.72
CA PHE A 157 15.64 -19.06 -2.37
C PHE A 157 14.89 -20.18 -1.65
N GLN A 158 13.71 -19.88 -1.13
CA GLN A 158 12.94 -20.81 -0.30
C GLN A 158 12.69 -22.15 -0.99
N GLY A 159 12.79 -23.23 -0.20
CA GLY A 159 12.62 -24.59 -0.70
C GLY A 159 13.70 -25.13 -1.65
N THR A 160 14.90 -24.57 -1.56
CA THR A 160 16.06 -25.02 -2.36
C THR A 160 17.26 -25.22 -1.41
N PRO A 161 18.41 -25.66 -1.94
CA PRO A 161 19.63 -25.67 -1.12
C PRO A 161 20.23 -24.29 -0.78
N LEU A 162 19.89 -23.26 -1.56
CA LEU A 162 20.40 -21.91 -1.25
C LEU A 162 19.68 -21.24 -0.10
N ALA A 163 18.46 -21.68 0.23
CA ALA A 163 17.74 -21.21 1.43
C ALA A 163 18.45 -21.62 2.72
N GLN A 164 19.24 -22.68 2.63
CA GLN A 164 19.94 -23.26 3.77
C GLN A 164 21.08 -22.39 4.24
N SER A 165 21.20 -22.29 5.57
CA SER A 165 22.30 -21.61 6.24
C SER A 165 23.55 -22.47 6.16
N VAL A 166 24.71 -21.80 6.16
CA VAL A 166 26.03 -22.45 6.12
C VAL A 166 26.23 -23.33 7.36
N GLU A 167 25.75 -22.85 8.50
CA GLU A 167 25.99 -23.48 9.80
C GLU A 167 25.12 -24.71 10.04
N GLY A 168 23.97 -24.75 9.39
CA GLY A 168 23.00 -25.85 9.51
C GLY A 168 22.09 -25.70 10.71
N PRO A 169 20.95 -26.43 10.74
CA PRO A 169 20.04 -26.33 11.89
C PRO A 169 20.64 -27.03 13.10
N SER A 170 20.29 -26.58 14.31
CA SER A 170 20.84 -27.16 15.55
C SER A 170 20.55 -28.67 15.65
N GLU A 171 19.39 -29.05 15.11
CA GLU A 171 18.98 -30.44 14.87
C GLU A 171 20.09 -31.30 14.23
N ASN A 172 20.64 -30.83 13.11
CA ASN A 172 21.72 -31.52 12.38
C ASN A 172 23.04 -31.49 13.13
N VAL A 173 23.36 -30.36 13.75
CA VAL A 173 24.60 -30.21 14.52
C VAL A 173 24.64 -31.24 15.64
N ARG A 174 23.50 -31.43 16.31
CA ARG A 174 23.39 -32.37 17.41
C ARG A 174 23.43 -33.85 16.99
N LYS A 175 23.10 -34.14 15.72
CA LYS A 175 22.96 -35.52 15.20
C LYS A 175 24.09 -36.04 14.28
N LEU A 176 24.73 -35.14 13.52
CA LEU A 176 25.75 -35.50 12.50
C LEU A 176 26.85 -36.42 13.04
N SER A 177 26.88 -37.65 12.52
CA SER A 177 27.90 -38.64 12.90
C SER A 177 29.17 -38.48 12.05
N ARG A 178 30.26 -39.15 12.45
CA ARG A 178 31.54 -39.09 11.73
C ARG A 178 31.47 -39.74 10.35
N ALA A 179 30.53 -40.67 10.21
CA ALA A 179 30.18 -41.31 8.95
C ALA A 179 29.65 -40.29 7.94
N ASP A 180 28.80 -39.37 8.40
CA ASP A 180 28.24 -38.30 7.57
C ASP A 180 29.33 -37.39 7.01
N LEU A 181 30.30 -37.07 7.87
CA LEU A 181 31.35 -36.10 7.56
C LEU A 181 32.33 -36.64 6.54
N THR A 182 32.74 -37.90 6.71
CA THR A 182 33.68 -38.57 5.80
C THR A 182 33.03 -38.86 4.43
N GLU A 183 31.72 -39.13 4.44
CA GLU A 183 30.96 -39.32 3.21
C GLU A 183 30.84 -38.00 2.46
N TYR A 184 30.52 -36.92 3.18
CA TYR A 184 30.50 -35.55 2.62
C TYR A 184 31.84 -35.18 1.96
N LEU A 185 32.94 -35.53 2.63
CA LEU A 185 34.28 -35.16 2.19
C LEU A 185 34.67 -35.82 0.89
N SER A 186 34.52 -37.14 0.81
CA SER A 186 34.91 -37.91 -0.38
C SER A 186 34.04 -37.61 -1.61
N ARG A 187 32.80 -37.17 -1.38
CA ARG A 187 31.89 -36.75 -2.46
C ARG A 187 32.28 -35.40 -3.06
N HIS A 188 32.67 -34.44 -2.21
CA HIS A 188 32.85 -33.04 -2.61
C HIS A 188 34.28 -32.55 -2.77
N TYR A 189 35.19 -33.07 -1.96
CA TYR A 189 36.60 -32.68 -2.02
C TYR A 189 37.30 -33.48 -3.11
N LYS A 190 37.14 -33.05 -4.35
CA LYS A 190 37.71 -33.75 -5.50
C LYS A 190 38.60 -32.79 -6.29
N ALA A 191 39.66 -33.31 -6.88
CA ALA A 191 40.65 -32.48 -7.58
C ALA A 191 40.11 -31.46 -8.61
N PRO A 192 39.18 -31.88 -9.52
CA PRO A 192 38.64 -30.84 -10.45
C PRO A 192 37.75 -29.76 -9.79
N ARG A 193 37.19 -30.07 -8.62
CA ARG A 193 36.44 -29.10 -7.79
C ARG A 193 37.34 -28.17 -6.97
N MET A 194 38.66 -28.43 -6.97
CA MET A 194 39.61 -27.66 -6.15
C MET A 194 40.64 -26.84 -6.94
N VAL A 195 41.18 -25.81 -6.27
CA VAL A 195 42.23 -24.94 -6.80
C VAL A 195 43.25 -24.62 -5.70
N LEU A 196 44.53 -24.80 -6.01
CA LEU A 196 45.61 -24.42 -5.10
C LEU A 196 46.13 -23.06 -5.56
N ALA A 197 45.95 -22.06 -4.71
CA ALA A 197 46.29 -20.69 -5.03
C ALA A 197 47.39 -20.22 -4.14
N ALA A 198 48.29 -19.40 -4.69
CA ALA A 198 49.36 -18.76 -3.91
C ALA A 198 49.76 -17.40 -4.47
N ALA A 199 50.18 -16.51 -3.59
CA ALA A 199 50.70 -15.21 -3.98
C ALA A 199 51.88 -14.84 -3.10
N GLY A 200 52.71 -13.92 -3.61
CA GLY A 200 53.89 -13.45 -2.89
C GLY A 200 55.17 -13.81 -3.63
N GLY A 201 56.21 -14.12 -2.86
CA GLY A 201 57.50 -14.55 -3.43
C GLY A 201 57.46 -16.05 -3.66
N LEU A 202 56.96 -16.44 -4.83
CA LEU A 202 56.84 -17.86 -5.19
C LEU A 202 57.08 -18.06 -6.68
N GLU A 203 58.02 -18.96 -7.01
CA GLU A 203 58.27 -19.38 -8.40
C GLU A 203 57.18 -20.39 -8.80
N HIS A 204 56.31 -20.00 -9.74
CA HIS A 204 55.12 -20.79 -10.09
C HIS A 204 55.43 -22.28 -10.26
N ARG A 205 56.52 -22.51 -10.99
CA ARG A 205 57.11 -23.80 -11.24
C ARG A 205 57.19 -24.66 -9.97
N GLN A 206 57.72 -24.08 -8.89
CA GLN A 206 57.95 -24.76 -7.61
C GLN A 206 56.64 -25.16 -6.93
N LEU A 207 55.65 -24.25 -6.97
CA LEU A 207 54.33 -24.52 -6.37
C LEU A 207 53.68 -25.73 -7.04
N LEU A 208 53.70 -25.74 -8.38
CA LEU A 208 53.11 -26.81 -9.18
C LEU A 208 53.76 -28.16 -8.87
N ASP A 209 55.07 -28.15 -8.66
CA ASP A 209 55.77 -29.38 -8.30
C ASP A 209 55.51 -29.80 -6.86
N LEU A 210 55.30 -28.84 -5.98
CA LEU A 210 54.90 -29.14 -4.60
C LEU A 210 53.49 -29.72 -4.54
N ALA A 211 52.63 -29.26 -5.45
CA ALA A 211 51.27 -29.76 -5.62
C ALA A 211 51.31 -31.23 -6.00
N GLN A 212 52.18 -31.57 -6.95
CA GLN A 212 52.44 -32.96 -7.34
C GLN A 212 52.79 -33.79 -6.11
N LYS A 213 53.79 -33.34 -5.35
CA LYS A 213 54.33 -34.08 -4.22
C LYS A 213 53.29 -34.48 -3.16
N HIS A 214 52.33 -33.59 -2.88
CA HIS A 214 51.44 -33.76 -1.72
C HIS A 214 49.96 -33.90 -2.07
N PHE A 215 49.55 -33.29 -3.18
CA PHE A 215 48.15 -33.33 -3.63
C PHE A 215 47.85 -34.31 -4.78
N SER A 216 48.80 -35.20 -5.09
CA SER A 216 48.63 -36.20 -6.17
C SER A 216 47.55 -37.23 -5.86
N GLY A 217 47.42 -37.56 -4.58
CA GLY A 217 46.49 -38.56 -4.09
C GLY A 217 45.02 -38.20 -4.18
N LEU A 218 44.76 -36.91 -4.38
CA LEU A 218 43.41 -36.40 -4.56
C LEU A 218 42.66 -37.13 -5.66
N SER A 219 41.41 -37.51 -5.36
CA SER A 219 40.57 -38.25 -6.31
C SER A 219 39.89 -37.30 -7.28
N GLY A 220 39.94 -37.64 -8.57
CA GLY A 220 39.27 -36.87 -9.61
C GLY A 220 38.44 -37.71 -10.56
N THR A 221 37.60 -38.61 -10.03
CA THR A 221 36.76 -39.48 -10.86
C THR A 221 35.24 -39.39 -10.61
N GLU A 225 29.84 -41.96 -9.41
CA GLU A 225 28.56 -41.85 -10.18
C GLU A 225 27.78 -40.63 -9.68
N THR A 226 26.87 -40.11 -10.49
CA THR A 226 26.05 -38.93 -10.13
C THR A 226 26.97 -37.80 -9.64
N VAL A 227 27.86 -37.33 -10.51
CA VAL A 227 28.81 -36.23 -10.16
C VAL A 227 27.99 -35.03 -9.67
N PRO A 228 28.28 -34.50 -8.47
CA PRO A 228 27.57 -33.35 -7.92
C PRO A 228 27.64 -32.18 -8.96
N THR A 229 26.46 -31.77 -9.42
CA THR A 229 26.27 -30.59 -10.31
C THR A 229 25.07 -29.78 -9.75
N LEU A 230 25.32 -28.59 -9.18
CA LEU A 230 24.27 -27.79 -8.52
C LEU A 230 23.18 -27.45 -9.53
N SER A 231 21.93 -27.73 -9.17
CA SER A 231 20.76 -27.32 -9.97
C SER A 231 20.57 -25.81 -9.86
N PRO A 232 19.82 -25.19 -10.82
CA PRO A 232 19.45 -23.77 -10.60
C PRO A 232 18.60 -23.60 -9.34
N CYS A 233 18.59 -22.40 -8.77
CA CYS A 233 17.75 -22.10 -7.61
C CYS A 233 16.68 -21.05 -7.90
N ARG A 234 15.42 -21.43 -7.65
CA ARG A 234 14.26 -20.56 -7.88
C ARG A 234 14.22 -19.38 -6.89
N PHE A 235 14.31 -18.17 -7.43
CA PHE A 235 14.07 -16.97 -6.65
C PHE A 235 12.56 -16.81 -6.44
N THR A 236 12.17 -16.37 -5.25
CA THR A 236 10.77 -16.06 -4.94
C THR A 236 10.65 -14.67 -4.36
N GLY A 237 9.74 -13.87 -4.93
CA GLY A 237 9.32 -12.59 -4.36
C GLY A 237 8.57 -12.89 -3.09
N SER A 238 9.20 -12.58 -1.97
CA SER A 238 8.68 -12.99 -0.67
C SER A 238 9.15 -12.05 0.44
N GLN A 239 8.50 -12.20 1.60
CA GLN A 239 8.83 -11.44 2.78
C GLN A 239 8.96 -12.39 3.96
N ILE A 240 9.98 -12.16 4.77
CA ILE A 240 10.08 -12.75 6.10
C ILE A 240 10.22 -11.64 7.14
N CYS A 241 9.32 -11.66 8.12
CA CYS A 241 9.25 -10.63 9.15
C CYS A 241 9.33 -11.19 10.53
N HIS A 242 10.53 -11.12 11.09
CA HIS A 242 10.74 -11.44 12.49
C HIS A 242 10.58 -10.19 13.32
N ARG A 243 9.40 -10.07 13.90
CA ARG A 243 9.03 -8.93 14.72
C ARG A 243 9.46 -9.25 16.13
N GLU A 244 10.37 -8.42 16.63
CA GLU A 244 10.86 -8.55 17.99
C GLU A 244 11.21 -7.15 18.55
N ASP A 245 10.20 -6.54 19.15
CA ASP A 245 10.25 -5.17 19.67
C ASP A 245 11.24 -4.98 20.82
N GLY A 246 11.67 -6.10 21.43
CA GLY A 246 12.68 -6.09 22.48
C GLY A 246 14.08 -5.65 22.07
N LEU A 247 14.37 -5.73 20.77
CA LEU A 247 15.63 -5.25 20.23
C LEU A 247 15.57 -3.76 19.89
N PRO A 248 16.67 -3.01 20.12
CA PRO A 248 16.53 -1.55 20.06
C PRO A 248 16.59 -0.95 18.64
N LEU A 249 17.24 -1.65 17.70
CA LEU A 249 17.25 -1.22 16.29
C LEU A 249 16.79 -2.29 15.30
N ALA A 250 16.15 -1.83 14.22
CA ALA A 250 15.57 -2.68 13.19
C ALA A 250 16.57 -2.93 12.07
N HIS A 251 16.69 -4.19 11.66
CA HIS A 251 17.51 -4.60 10.53
C HIS A 251 16.57 -5.02 9.42
N VAL A 252 16.77 -4.40 8.26
CA VAL A 252 16.03 -4.75 7.04
C VAL A 252 17.06 -5.10 5.96
N ALA A 253 16.82 -6.19 5.23
CA ALA A 253 17.61 -6.57 4.07
C ALA A 253 16.66 -6.86 2.89
N ILE A 254 16.86 -6.13 1.79
CA ILE A 254 16.02 -6.25 0.59
C ILE A 254 16.86 -6.47 -0.68
N ALA A 255 16.46 -7.47 -1.47
CA ALA A 255 17.13 -7.79 -2.73
C ALA A 255 16.22 -8.35 -3.83
N VAL A 256 16.58 -8.01 -5.07
CA VAL A 256 16.04 -8.62 -6.29
C VAL A 256 16.99 -9.72 -6.73
N GLU A 257 16.51 -10.59 -7.65
CA GLU A 257 17.34 -11.65 -8.18
C GLU A 257 18.51 -11.10 -9.00
N GLY A 258 19.72 -11.41 -8.55
CA GLY A 258 20.95 -11.05 -9.25
C GLY A 258 21.29 -12.09 -10.30
N PRO A 259 22.22 -11.76 -11.23
CA PRO A 259 22.48 -12.64 -12.36
C PRO A 259 23.38 -13.85 -12.07
N GLY A 260 24.23 -13.74 -11.04
CA GLY A 260 25.17 -14.81 -10.73
C GLY A 260 26.53 -14.57 -11.33
N TRP A 261 27.54 -15.27 -10.80
CA TRP A 261 28.99 -15.02 -11.04
C TRP A 261 29.33 -14.65 -12.47
N ALA A 262 28.89 -15.49 -13.40
CA ALA A 262 29.27 -15.44 -14.82
C ALA A 262 29.03 -14.11 -15.53
N HIS A 263 27.86 -13.56 -15.30
CA HIS A 263 27.27 -12.56 -16.17
C HIS A 263 28.01 -11.22 -16.23
N PRO A 264 28.26 -10.70 -17.45
CA PRO A 264 28.93 -9.40 -17.67
C PRO A 264 28.23 -8.21 -17.03
N ASP A 265 26.90 -8.27 -16.98
CA ASP A 265 26.07 -7.27 -16.31
C ASP A 265 26.52 -6.92 -14.89
N ASN A 266 27.16 -7.88 -14.20
CA ASN A 266 27.70 -7.66 -12.85
C ASN A 266 28.59 -6.43 -12.73
N VAL A 267 29.38 -6.13 -13.76
CA VAL A 267 30.25 -4.93 -13.81
C VAL A 267 29.43 -3.62 -13.74
N ALA A 268 28.41 -3.50 -14.60
CA ALA A 268 27.52 -2.33 -14.63
C ALA A 268 26.72 -2.21 -13.33
N LEU A 269 26.33 -3.36 -12.76
CA LEU A 269 25.63 -3.41 -11.48
C LEU A 269 26.48 -2.93 -10.32
N GLN A 270 27.77 -3.25 -10.37
CA GLN A 270 28.73 -2.74 -9.38
C GLN A 270 28.85 -1.22 -9.47
N VAL A 271 28.88 -0.70 -10.70
CA VAL A 271 28.92 0.75 -10.96
C VAL A 271 27.70 1.44 -10.34
N ALA A 272 26.52 0.85 -10.58
CA ALA A 272 25.26 1.36 -10.05
C ALA A 272 25.22 1.30 -8.52
N ASN A 273 25.65 0.17 -7.96
CA ASN A 273 25.75 -0.01 -6.53
C ASN A 273 26.74 0.95 -5.87
N ALA A 274 27.81 1.32 -6.58
CA ALA A 274 28.78 2.31 -6.09
C ALA A 274 28.19 3.72 -6.04
N ILE A 275 27.30 4.04 -6.99
CA ILE A 275 26.61 5.34 -7.03
C ILE A 275 25.84 5.52 -5.73
N ILE A 276 24.98 4.56 -5.43
CA ILE A 276 24.20 4.53 -4.18
C ILE A 276 25.14 4.34 -2.99
N GLY A 277 26.07 3.39 -3.11
CA GLY A 277 27.17 3.26 -2.15
C GLY A 277 26.79 2.69 -0.80
N HIS A 278 27.36 3.28 0.24
CA HIS A 278 27.15 2.82 1.61
C HIS A 278 27.38 3.97 2.57
N TYR A 279 26.88 3.81 3.79
CA TYR A 279 26.92 4.86 4.80
C TYR A 279 26.81 4.28 6.19
N ASP A 280 27.48 4.91 7.15
CA ASP A 280 27.10 4.81 8.56
C ASP A 280 27.36 6.13 9.32
N CYS A 281 26.93 6.16 10.58
CA CYS A 281 26.88 7.38 11.38
C CYS A 281 28.25 7.95 11.75
N THR A 282 29.32 7.18 11.51
CA THR A 282 30.70 7.60 11.82
C THR A 282 31.44 8.20 10.63
N TYR A 283 30.77 8.22 9.47
CA TYR A 283 31.32 8.78 8.22
C TYR A 283 31.54 10.26 8.31
N GLY A 284 32.67 10.71 7.76
CA GLY A 284 33.04 12.12 7.74
C GLY A 284 32.14 12.96 6.87
N GLY A 285 31.63 12.34 5.81
CA GLY A 285 30.88 13.02 4.76
C GLY A 285 29.63 13.77 5.17
N GLY A 286 28.68 13.07 5.78
CA GLY A 286 27.41 13.67 6.19
C GLY A 286 26.59 14.27 5.04
N ALA A 287 26.13 15.51 5.26
CA ALA A 287 25.25 16.24 4.32
C ALA A 287 25.83 16.38 2.90
N HIS A 288 27.14 16.58 2.83
CA HIS A 288 27.80 16.89 1.58
C HIS A 288 28.15 15.65 0.75
N LEU A 289 27.83 14.46 1.26
CA LEU A 289 28.10 13.22 0.54
C LEU A 289 27.50 13.20 -0.85
N SER A 290 28.19 12.48 -1.75
CA SER A 290 27.83 12.43 -3.17
C SER A 290 26.59 11.61 -3.41
N SER A 291 26.54 10.43 -2.80
CA SER A 291 25.36 9.55 -2.84
C SER A 291 24.17 10.29 -2.25
N PRO A 292 23.10 10.45 -3.05
CA PRO A 292 21.87 11.06 -2.54
C PRO A 292 21.26 10.28 -1.38
N LEU A 293 21.28 8.94 -1.42
CA LEU A 293 20.76 8.15 -0.29
C LEU A 293 21.54 8.43 0.99
N ALA A 294 22.87 8.54 0.88
CA ALA A 294 23.72 8.79 2.03
C ALA A 294 23.53 10.20 2.62
N SER A 295 23.49 11.21 1.76
CA SER A 295 23.33 12.59 2.22
C SER A 295 21.96 12.84 2.83
N ILE A 296 20.93 12.22 2.24
CA ILE A 296 19.56 12.27 2.77
C ILE A 296 19.48 11.53 4.09
N ALA A 297 20.09 10.33 4.14
CA ALA A 297 20.15 9.52 5.35
C ALA A 297 20.91 10.23 6.48
N ALA A 298 21.98 10.93 6.14
CA ALA A 298 22.77 11.65 7.15
C ALA A 298 22.03 12.88 7.69
N THR A 299 21.51 13.72 6.79
CA THR A 299 20.84 14.96 7.17
C THR A 299 19.59 14.70 7.98
N ASN A 300 18.86 13.63 7.66
CA ASN A 300 17.59 13.37 8.34
C ASN A 300 17.63 12.30 9.41
N LYS A 301 18.84 11.84 9.75
CA LYS A 301 19.07 10.75 10.70
C LYS A 301 18.15 9.55 10.42
N LEU A 302 17.96 9.21 9.14
CA LEU A 302 17.12 8.08 8.78
C LEU A 302 17.71 6.78 9.32
N CYS A 303 18.89 6.39 8.86
CA CYS A 303 19.50 5.16 9.34
C CYS A 303 20.79 5.42 10.10
N GLN A 304 21.18 4.42 10.88
CA GLN A 304 22.48 4.37 11.53
C GLN A 304 23.54 3.82 10.57
N SER A 305 23.15 2.97 9.61
CA SER A 305 24.06 2.36 8.63
C SER A 305 23.30 1.71 7.48
N PHE A 306 23.90 1.72 6.28
CA PHE A 306 23.39 0.96 5.14
C PHE A 306 24.51 0.60 4.17
N GLN A 307 24.37 -0.54 3.47
CA GLN A 307 25.22 -0.86 2.31
C GLN A 307 24.42 -1.55 1.20
N THR A 308 24.77 -1.22 -0.05
CA THR A 308 24.30 -1.96 -1.22
C THR A 308 25.17 -3.21 -1.34
N PHE A 309 24.60 -4.30 -1.83
CA PHE A 309 25.35 -5.57 -1.96
C PHE A 309 24.78 -6.30 -3.19
N ASN A 310 25.67 -6.92 -3.98
CA ASN A 310 25.26 -7.69 -5.18
C ASN A 310 25.82 -9.10 -4.99
N ILE A 311 25.22 -9.86 -4.07
CA ILE A 311 25.73 -11.19 -3.74
C ILE A 311 25.58 -12.13 -4.94
N CYS A 312 26.70 -12.76 -5.32
CA CYS A 312 26.73 -13.65 -6.46
C CYS A 312 26.79 -15.12 -6.08
N TYR A 313 25.92 -15.91 -6.66
CA TYR A 313 26.03 -17.37 -6.64
C TYR A 313 26.11 -17.88 -8.07
N ALA A 314 26.07 -19.21 -8.28
CA ALA A 314 26.27 -19.81 -9.61
C ALA A 314 25.43 -19.34 -10.79
N ASP A 315 24.12 -19.58 -10.73
CA ASP A 315 23.25 -19.15 -11.79
C ASP A 315 22.28 -18.10 -11.32
N THR A 316 22.54 -17.54 -10.15
CA THR A 316 21.63 -16.60 -9.47
C THR A 316 22.34 -15.75 -8.41
N GLY A 317 21.60 -14.92 -7.69
CA GLY A 317 22.17 -14.09 -6.63
C GLY A 317 21.19 -13.15 -5.95
N LEU A 318 21.72 -12.28 -5.08
CA LEU A 318 20.91 -11.30 -4.36
C LEU A 318 21.45 -9.91 -4.61
N LEU A 319 20.70 -9.07 -5.33
CA LEU A 319 21.13 -7.70 -5.60
C LEU A 319 20.23 -6.73 -4.87
N GLY A 320 20.84 -5.93 -3.98
CA GLY A 320 20.06 -4.98 -3.19
C GLY A 320 20.84 -4.15 -2.19
N ALA A 321 20.29 -4.08 -0.97
CA ALA A 321 20.79 -3.28 0.13
C ALA A 321 20.34 -3.79 1.49
N HIS A 322 21.13 -3.49 2.51
CA HIS A 322 20.80 -3.75 3.92
C HIS A 322 20.85 -2.42 4.67
N PHE A 323 19.93 -2.17 5.60
CA PHE A 323 20.03 -1.02 6.49
C PHE A 323 19.63 -1.29 7.92
N VAL A 324 20.18 -0.50 8.82
CA VAL A 324 19.90 -0.53 10.26
C VAL A 324 19.43 0.85 10.69
N CYS A 325 18.23 0.93 11.25
CA CYS A 325 17.65 2.22 11.53
C CYS A 325 16.73 2.17 12.73
N ASP A 326 16.45 3.39 13.19
CA ASP A 326 15.47 3.72 14.20
C ASP A 326 14.10 3.11 13.86
N HIS A 327 13.30 2.78 14.88
CA HIS A 327 12.02 2.09 14.65
C HIS A 327 10.96 2.92 13.89
N MET A 328 11.19 4.23 13.85
CA MET A 328 10.32 5.18 13.15
C MET A 328 10.82 5.58 11.77
N SER A 329 11.92 4.98 11.33
CA SER A 329 12.57 5.40 10.10
C SER A 329 12.47 4.41 8.96
N ILE A 330 11.91 3.23 9.23
CA ILE A 330 11.96 2.12 8.29
C ILE A 330 11.25 2.49 6.98
N ASP A 331 10.04 3.05 7.10
CA ASP A 331 9.25 3.48 5.93
C ASP A 331 9.99 4.51 5.07
N ASP A 332 10.58 5.50 5.74
CA ASP A 332 11.32 6.55 5.04
C ASP A 332 12.62 6.02 4.41
N MET A 333 13.30 5.09 5.08
CA MET A 333 14.50 4.47 4.51
C MET A 333 14.17 3.76 3.22
N MET A 334 13.14 2.92 3.28
CA MET A 334 12.65 2.13 2.13
C MET A 334 12.30 3.02 0.96
N PHE A 335 11.62 4.13 1.26
CA PHE A 335 11.19 5.11 0.28
C PHE A 335 12.35 5.73 -0.51
N VAL A 336 13.40 6.16 0.20
CA VAL A 336 14.50 6.82 -0.47
C VAL A 336 15.35 5.82 -1.23
N LEU A 337 15.55 4.63 -0.64
CA LEU A 337 16.32 3.54 -1.27
C LEU A 337 15.69 3.07 -2.57
N GLN A 338 14.41 2.72 -2.52
CA GLN A 338 13.68 2.33 -3.72
C GLN A 338 13.63 3.49 -4.73
N GLY A 339 13.52 4.71 -4.21
CA GLY A 339 13.62 5.92 -5.04
C GLY A 339 14.93 5.98 -5.81
N GLN A 340 16.02 5.55 -5.19
CA GLN A 340 17.33 5.52 -5.84
C GLN A 340 17.41 4.50 -6.97
N TRP A 341 16.89 3.30 -6.71
CA TRP A 341 16.85 2.25 -7.72
C TRP A 341 16.08 2.75 -8.95
N MET A 342 14.96 3.41 -8.72
CA MET A 342 14.14 3.92 -9.81
C MET A 342 14.83 5.01 -10.62
N ARG A 343 15.56 5.89 -9.93
CA ARG A 343 16.23 7.02 -10.56
C ARG A 343 17.38 6.55 -11.45
N LEU A 344 18.09 5.52 -10.99
CA LEU A 344 19.16 4.90 -11.78
C LEU A 344 18.61 4.16 -13.00
N CYS A 345 17.52 3.40 -12.82
CA CYS A 345 16.82 2.72 -13.90
C CYS A 345 16.41 3.70 -15.00
N THR A 346 15.77 4.79 -14.59
CA THR A 346 15.11 5.68 -15.52
C THR A 346 15.99 6.81 -16.04
N SER A 347 16.84 7.34 -15.17
CA SER A 347 17.42 8.67 -15.44
C SER A 347 18.84 8.92 -14.87
N ALA A 348 19.66 7.86 -14.79
CA ALA A 348 21.06 7.98 -14.36
C ALA A 348 21.85 8.90 -15.29
N THR A 349 22.69 9.76 -14.71
CA THR A 349 23.47 10.78 -15.46
C THR A 349 24.89 10.30 -15.74
N GLU A 350 25.53 10.89 -16.76
CA GLU A 350 26.87 10.46 -17.18
C GLU A 350 27.92 10.64 -16.10
N SER A 351 27.85 11.81 -15.46
CA SER A 351 28.83 12.23 -14.46
C SER A 351 28.76 11.39 -13.19
N GLU A 352 27.55 10.97 -12.81
CA GLU A 352 27.37 10.13 -11.62
C GLU A 352 27.79 8.69 -11.87
N VAL A 353 27.59 8.23 -13.10
CA VAL A 353 28.08 6.92 -13.53
C VAL A 353 29.60 6.93 -13.57
N LEU A 354 30.19 8.03 -14.05
CA LEU A 354 31.64 8.20 -14.04
C LEU A 354 32.17 8.14 -12.61
N ARG A 355 31.46 8.76 -11.67
CA ARG A 355 31.80 8.67 -10.25
C ARG A 355 31.75 7.22 -9.78
N GLY A 356 30.67 6.52 -10.12
CA GLY A 356 30.52 5.11 -9.78
C GLY A 356 31.66 4.27 -10.32
N LYS A 357 32.02 4.52 -11.58
CA LYS A 357 33.13 3.86 -12.27
C LYS A 357 34.42 4.06 -11.48
N ASN A 358 34.74 5.32 -11.20
CA ASN A 358 35.93 5.71 -10.43
C ASN A 358 35.99 5.09 -9.04
N LEU A 359 34.84 4.99 -8.37
CA LEU A 359 34.71 4.25 -7.10
C LEU A 359 35.10 2.78 -7.28
N LEU A 360 34.51 2.14 -8.29
CA LEU A 360 34.73 0.72 -8.56
C LEU A 360 36.15 0.38 -9.00
N ARG A 361 36.71 1.23 -9.87
CA ARG A 361 38.11 1.15 -10.28
C ARG A 361 38.95 1.12 -9.02
N ASN A 362 38.80 2.16 -8.19
CA ASN A 362 39.52 2.26 -6.93
C ASN A 362 39.26 1.11 -5.98
N ALA A 363 38.01 0.65 -5.95
CA ALA A 363 37.57 -0.41 -5.04
C ALA A 363 38.36 -1.68 -5.23
N LEU A 364 38.40 -2.20 -6.47
CA LEU A 364 39.00 -3.50 -6.71
C LEU A 364 40.52 -3.48 -6.93
N VAL A 365 41.08 -2.30 -7.22
CA VAL A 365 42.54 -2.14 -7.26
C VAL A 365 43.18 -2.15 -5.86
N SER A 366 42.51 -1.53 -4.89
CA SER A 366 43.05 -1.39 -3.56
C SER A 366 42.66 -2.55 -2.64
N HIS A 367 41.58 -3.27 -2.98
CA HIS A 367 41.20 -4.48 -2.25
C HIS A 367 42.27 -5.57 -2.42
N LEU A 368 42.85 -5.65 -3.62
CA LEU A 368 43.88 -6.64 -3.95
C LEU A 368 45.25 -6.14 -3.53
N ASP A 369 45.43 -6.00 -2.22
CA ASP A 369 46.62 -5.38 -1.64
C ASP A 369 47.15 -6.28 -0.55
N GLY A 370 48.30 -6.89 -0.80
CA GLY A 370 48.88 -7.86 0.13
C GLY A 370 48.61 -9.24 -0.39
N THR A 371 49.43 -10.20 0.07
CA THR A 371 49.40 -11.56 -0.48
C THR A 371 48.05 -12.29 -0.27
N THR A 372 47.45 -12.13 0.92
CA THR A 372 46.21 -12.84 1.30
C THR A 372 44.99 -12.57 0.40
N PRO A 373 44.60 -11.27 0.23
CA PRO A 373 43.46 -11.02 -0.68
C PRO A 373 43.74 -11.36 -2.14
N VAL A 374 45.02 -11.27 -2.56
CA VAL A 374 45.40 -11.64 -3.92
C VAL A 374 45.34 -13.17 -4.10
N CYS A 375 45.81 -13.90 -3.08
CA CYS A 375 45.69 -15.36 -3.05
C CYS A 375 44.24 -15.80 -3.13
N GLU A 376 43.37 -15.12 -2.40
CA GLU A 376 41.95 -15.41 -2.37
C GLU A 376 41.26 -15.13 -3.69
N ASP A 377 41.64 -14.03 -4.34
CA ASP A 377 41.14 -13.67 -5.66
C ASP A 377 41.51 -14.73 -6.69
N ILE A 378 42.73 -15.26 -6.59
CA ILE A 378 43.19 -16.35 -7.45
C ILE A 378 42.37 -17.62 -7.20
N GLY A 379 42.29 -18.02 -5.94
CA GLY A 379 41.58 -19.23 -5.54
C GLY A 379 40.16 -19.25 -6.02
N ARG A 380 39.44 -18.18 -5.72
CA ARG A 380 38.01 -18.13 -5.97
C ARG A 380 37.64 -17.83 -7.42
N SER A 381 38.42 -16.96 -8.08
CA SER A 381 38.20 -16.64 -9.51
C SER A 381 38.26 -17.88 -10.38
N LEU A 382 39.20 -18.78 -10.07
CA LEU A 382 39.29 -20.07 -10.74
C LEU A 382 38.04 -20.92 -10.56
N LEU A 383 37.40 -20.81 -9.39
CA LEU A 383 36.19 -21.54 -9.10
C LEU A 383 34.96 -20.91 -9.75
N THR A 384 34.90 -19.58 -9.72
CA THR A 384 33.73 -18.86 -10.21
C THR A 384 33.76 -18.62 -11.71
N TYR A 385 34.89 -18.12 -12.20
CA TYR A 385 35.02 -17.72 -13.60
C TYR A 385 35.77 -18.73 -14.44
N GLY A 386 36.60 -19.55 -13.80
CA GLY A 386 37.42 -20.53 -14.52
C GLY A 386 38.76 -19.95 -14.95
N ARG A 387 39.10 -18.81 -14.39
CA ARG A 387 40.36 -18.07 -14.64
C ARG A 387 40.43 -16.85 -13.73
N ARG A 388 41.64 -16.30 -13.56
CA ARG A 388 41.80 -14.96 -12.98
C ARG A 388 41.60 -13.92 -14.08
N ILE A 389 40.69 -12.99 -13.84
CA ILE A 389 40.43 -11.92 -14.78
C ILE A 389 41.42 -10.80 -14.46
N PRO A 390 42.33 -10.47 -15.42
CA PRO A 390 43.33 -9.43 -15.10
C PRO A 390 42.69 -8.06 -14.86
N LEU A 391 43.37 -7.23 -14.07
CA LEU A 391 42.91 -5.88 -13.79
C LEU A 391 42.70 -5.03 -15.05
N ALA A 392 43.56 -5.24 -16.05
CA ALA A 392 43.43 -4.57 -17.35
C ALA A 392 42.10 -4.88 -18.03
N GLU A 393 41.56 -6.09 -17.82
CA GLU A 393 40.26 -6.49 -18.38
C GLU A 393 39.07 -5.94 -17.60
N TRP A 394 39.18 -5.91 -16.27
CA TRP A 394 38.18 -5.25 -15.43
C TRP A 394 38.03 -3.79 -15.87
N GLU A 395 39.16 -3.13 -16.09
CA GLU A 395 39.20 -1.75 -16.57
C GLU A 395 38.52 -1.56 -17.91
N SER A 396 38.68 -2.53 -18.82
CA SER A 396 38.00 -2.53 -20.13
C SER A 396 36.49 -2.57 -19.98
N ARG A 397 36.03 -3.43 -19.07
CA ARG A 397 34.62 -3.60 -18.77
C ARG A 397 34.01 -2.38 -18.09
N ILE A 398 34.82 -1.72 -17.24
CA ILE A 398 34.38 -0.52 -16.52
C ILE A 398 34.27 0.69 -17.47
N ALA A 399 35.28 0.88 -18.33
CA ALA A 399 35.29 1.99 -19.31
C ALA A 399 34.12 1.92 -20.28
N GLU A 400 33.66 0.70 -20.56
CA GLU A 400 32.50 0.45 -21.43
C GLU A 400 31.18 0.96 -20.86
N VAL A 401 31.07 1.04 -19.53
CA VAL A 401 29.82 1.43 -18.85
C VAL A 401 29.63 2.95 -18.99
N ASP A 402 28.51 3.35 -19.61
CA ASP A 402 28.07 4.76 -19.63
C ASP A 402 26.69 4.86 -18.99
N ALA A 403 26.13 6.07 -18.95
CA ALA A 403 24.77 6.32 -18.38
C ALA A 403 23.68 5.43 -18.95
N ARG A 404 23.70 5.26 -20.28
CA ARG A 404 22.75 4.41 -21.00
C ARG A 404 22.82 2.95 -20.51
N VAL A 405 24.04 2.45 -20.29
CA VAL A 405 24.28 1.08 -19.83
C VAL A 405 23.68 0.87 -18.45
N VAL A 406 24.02 1.78 -17.52
CA VAL A 406 23.56 1.71 -16.13
C VAL A 406 22.03 1.67 -16.07
N ARG A 407 21.40 2.51 -16.88
CA ARG A 407 19.94 2.54 -16.99
C ARG A 407 19.42 1.18 -17.43
N GLU A 408 19.86 0.74 -18.59
CA GLU A 408 19.40 -0.51 -19.19
C GLU A 408 19.67 -1.73 -18.30
N VAL A 409 20.85 -1.78 -17.68
CA VAL A 409 21.22 -2.89 -16.80
C VAL A 409 20.37 -2.91 -15.52
N CYS A 410 20.28 -1.75 -14.86
CA CYS A 410 19.46 -1.62 -13.64
C CYS A 410 17.99 -1.90 -13.89
N SER A 411 17.47 -1.44 -15.03
CA SER A 411 16.09 -1.68 -15.43
C SER A 411 15.78 -3.16 -15.62
N LYS A 412 16.79 -3.92 -16.05
CA LYS A 412 16.65 -5.37 -16.21
C LYS A 412 16.32 -6.03 -14.87
N TYR A 413 17.07 -5.66 -13.83
CA TYR A 413 17.03 -6.40 -12.55
C TYR A 413 16.12 -5.83 -11.49
N PHE A 414 16.08 -4.50 -11.42
CA PHE A 414 15.33 -3.78 -10.40
C PHE A 414 13.93 -3.40 -10.86
N TYR A 415 13.81 -2.81 -12.04
CA TYR A 415 12.56 -2.18 -12.45
C TYR A 415 11.40 -3.17 -12.67
N ASP A 416 10.30 -2.93 -11.96
CA ASP A 416 9.09 -3.75 -11.99
C ASP A 416 9.37 -5.23 -11.74
N GLN A 417 10.20 -5.51 -10.74
CA GLN A 417 10.54 -6.89 -10.34
C GLN A 417 10.24 -7.14 -8.85
N CYS A 418 9.84 -8.36 -8.52
CA CYS A 418 9.49 -8.73 -7.14
C CYS A 418 10.74 -8.93 -6.27
N PRO A 419 10.87 -8.13 -5.19
CA PRO A 419 12.05 -8.33 -4.34
C PRO A 419 11.82 -9.37 -3.24
N ALA A 420 12.90 -9.82 -2.61
CA ALA A 420 12.81 -10.55 -1.36
C ALA A 420 13.16 -9.60 -0.23
N VAL A 421 12.29 -9.57 0.77
CA VAL A 421 12.44 -8.69 1.94
C VAL A 421 12.64 -9.53 3.21
N ALA A 422 13.66 -9.18 3.99
CA ALA A 422 13.82 -9.71 5.33
C ALA A 422 13.93 -8.58 6.33
N GLY A 423 13.16 -8.69 7.40
CA GLY A 423 13.19 -7.72 8.50
C GLY A 423 13.31 -8.40 9.84
N PHE A 424 14.07 -7.79 10.74
CA PHE A 424 14.28 -8.33 12.09
C PHE A 424 14.33 -7.16 13.09
N GLY A 425 13.67 -7.33 14.24
CA GLY A 425 13.64 -6.32 15.31
C GLY A 425 12.32 -5.58 15.43
N PRO A 426 12.36 -4.30 15.85
CA PRO A 426 11.14 -3.50 16.03
C PRO A 426 10.65 -2.99 14.70
N ILE A 427 10.07 -3.88 13.93
CA ILE A 427 9.81 -3.63 12.53
C ILE A 427 8.36 -3.25 12.23
N GLU A 428 7.67 -2.64 13.21
CA GLU A 428 6.26 -2.34 13.05
C GLU A 428 6.01 -1.51 11.79
N GLN A 429 6.90 -0.56 11.53
CA GLN A 429 6.70 0.40 10.45
C GLN A 429 7.03 -0.15 9.07
N LEU A 430 7.96 -1.11 9.03
CA LEU A 430 8.45 -1.73 7.79
C LEU A 430 7.32 -1.91 6.78
N PRO A 431 7.39 -1.21 5.63
CA PRO A 431 6.32 -1.22 4.62
C PRO A 431 5.81 -2.60 4.25
N ASP A 432 4.49 -2.67 4.03
CA ASP A 432 3.80 -3.86 3.53
C ASP A 432 4.37 -4.27 2.18
N TYR A 433 4.41 -5.58 1.91
CA TYR A 433 5.02 -6.06 0.66
C TYR A 433 4.45 -5.39 -0.59
N ASN A 434 3.13 -5.19 -0.62
CA ASN A 434 2.50 -4.54 -1.78
C ASN A 434 3.00 -3.13 -2.01
N ARG A 435 3.22 -2.40 -0.92
CA ARG A 435 3.74 -1.04 -0.98
C ARG A 435 5.19 -1.05 -1.41
N ILE A 436 5.95 -2.05 -0.96
CA ILE A 436 7.32 -2.28 -1.40
C ILE A 436 7.33 -2.65 -2.89
N ARG A 437 6.45 -3.56 -3.31
CA ARG A 437 6.36 -4.00 -4.71
C ARG A 437 5.96 -2.88 -5.67
N SER A 438 5.04 -2.03 -5.22
CA SER A 438 4.63 -0.85 -5.96
C SER A 438 5.73 0.19 -6.05
N GLY A 439 6.64 0.17 -5.07
CA GLY A 439 7.80 1.04 -5.05
C GLY A 439 8.92 0.62 -5.99
N MET A 440 8.69 -0.46 -6.75
CA MET A 440 9.63 -0.97 -7.76
C MET A 440 9.34 -0.45 -9.16
N PHE A 441 8.39 0.47 -9.27
CA PHE A 441 8.12 1.22 -10.52
C PHE A 441 7.64 2.65 -10.29
N TRP A 442 7.76 3.47 -11.32
CA TRP A 442 7.30 4.86 -11.33
C TRP A 442 6.16 5.02 -12.34
N LEU A 443 5.21 5.92 -12.05
CA LEU A 443 4.12 6.20 -13.00
C LEU A 443 4.41 7.49 -13.78
N ARG A 444 5.32 7.40 -14.76
CA ARG A 444 5.71 8.54 -15.65
C ARG A 444 6.41 8.09 -16.91
N HIS B 1 63.08 -1.75 -14.49
CA HIS B 1 63.08 -0.75 -13.39
C HIS B 1 62.58 -1.33 -12.04
N PRO B 2 63.39 -2.19 -11.37
CA PRO B 2 62.98 -2.76 -10.07
C PRO B 2 63.30 -1.78 -8.93
N GLN B 3 62.30 -1.43 -8.12
CA GLN B 3 62.40 -0.22 -7.29
C GLN B 3 62.45 -0.45 -5.77
N ASP B 4 63.32 0.32 -5.10
CA ASP B 4 63.40 0.39 -3.64
C ASP B 4 63.20 1.84 -3.13
N LEU B 5 63.08 2.00 -1.81
CA LEU B 5 62.66 3.26 -1.20
C LEU B 5 63.68 4.41 -1.33
N GLU B 6 63.16 5.62 -1.54
CA GLU B 6 63.96 6.86 -1.49
C GLU B 6 63.66 7.65 -0.23
N PHE B 7 64.62 8.48 0.22
CA PHE B 7 64.51 9.22 1.49
C PHE B 7 65.17 10.60 1.45
N THR B 8 64.49 11.59 2.04
CA THR B 8 64.99 12.97 2.14
C THR B 8 64.54 13.59 3.47
N ARG B 9 65.47 14.26 4.14
CA ARG B 9 65.19 15.08 5.33
C ARG B 9 65.62 16.51 5.01
N LEU B 10 64.64 17.38 4.78
CA LEU B 10 64.88 18.78 4.44
C LEU B 10 65.55 19.56 5.60
N PRO B 11 66.25 20.69 5.29
CA PRO B 11 66.89 21.50 6.33
C PRO B 11 65.93 21.94 7.43
N ASN B 12 64.65 22.09 7.10
CA ASN B 12 63.62 22.49 8.07
C ASN B 12 63.07 21.36 8.98
N GLY B 13 63.65 20.17 8.88
CA GLY B 13 63.32 19.01 9.73
C GLY B 13 62.40 17.96 9.11
N LEU B 14 61.68 18.36 8.07
CA LEU B 14 60.63 17.54 7.46
C LEU B 14 61.20 16.38 6.67
N VAL B 15 60.58 15.21 6.83
CA VAL B 15 60.99 13.99 6.14
C VAL B 15 60.08 13.68 4.95
N ILE B 16 60.69 13.39 3.80
CA ILE B 16 59.99 12.84 2.64
C ILE B 16 60.57 11.47 2.34
N ALA B 17 59.72 10.46 2.25
CA ALA B 17 60.13 9.11 1.84
C ALA B 17 59.15 8.59 0.84
N SER B 18 59.63 8.00 -0.25
CA SER B 18 58.74 7.54 -1.32
C SER B 18 59.32 6.45 -2.20
N LEU B 19 58.53 5.39 -2.34
CA LEU B 19 58.84 4.33 -3.26
C LEU B 19 57.94 4.51 -4.47
N GLU B 20 58.55 4.82 -5.61
CA GLU B 20 57.85 4.78 -6.89
C GLU B 20 57.81 3.32 -7.37
N ASN B 21 56.66 2.67 -7.24
CA ASN B 21 56.55 1.24 -7.56
C ASN B 21 55.71 0.92 -8.81
N TYR B 22 55.20 1.97 -9.46
CA TYR B 22 54.41 1.85 -10.69
C TYR B 22 53.15 0.97 -10.55
N ALA B 23 52.57 0.96 -9.35
CA ALA B 23 51.26 0.34 -9.13
C ALA B 23 50.16 1.27 -9.70
N PRO B 24 48.93 0.74 -9.91
CA PRO B 24 47.89 1.65 -10.44
C PRO B 24 47.38 2.63 -9.39
N ALA B 25 47.33 2.20 -8.13
CA ALA B 25 46.90 3.02 -6.99
C ALA B 25 48.09 3.72 -6.30
N SER B 26 47.82 4.90 -5.73
CA SER B 26 48.83 5.67 -4.98
C SER B 26 48.35 6.06 -3.58
N ARG B 27 49.11 5.64 -2.57
CA ARG B 27 48.85 6.02 -1.18
C ARG B 27 49.82 7.14 -0.81
N ILE B 28 49.28 8.25 -0.25
CA ILE B 28 50.11 9.35 0.28
C ILE B 28 49.70 9.61 1.73
N GLY B 29 50.68 9.65 2.63
CA GLY B 29 50.45 9.87 4.05
C GLY B 29 51.29 11.00 4.64
N LEU B 30 50.61 11.97 5.26
CA LEU B 30 51.30 12.98 6.05
C LEU B 30 51.21 12.65 7.55
N PHE B 31 52.36 12.25 8.10
CA PHE B 31 52.48 11.84 9.48
C PHE B 31 52.95 13.02 10.30
N ILE B 32 52.29 13.25 11.43
CA ILE B 32 52.55 14.42 12.27
C ILE B 32 52.68 14.02 13.74
N LYS B 33 53.71 14.53 14.44
CA LYS B 33 53.83 14.34 15.90
C LYS B 33 52.78 15.21 16.56
N ALA B 34 51.54 14.69 16.64
CA ALA B 34 50.39 15.46 17.13
C ALA B 34 49.34 14.55 17.77
N GLY B 35 49.81 13.49 18.42
CA GLY B 35 48.93 12.54 19.08
C GLY B 35 48.36 13.07 20.38
N SER B 36 47.53 12.25 21.02
CA SER B 36 46.79 12.66 22.22
C SER B 36 47.69 13.16 23.33
N ARG B 37 48.94 12.68 23.36
CA ARG B 37 49.92 13.04 24.38
C ARG B 37 50.23 14.54 24.48
N TYR B 38 50.07 15.27 23.38
CA TYR B 38 50.39 16.70 23.32
C TYR B 38 49.19 17.58 23.68
N GLU B 39 48.14 16.94 24.18
CA GLU B 39 47.07 17.67 24.85
C GLU B 39 47.50 17.89 26.28
N ASN B 40 47.07 19.01 26.87
CA ASN B 40 47.23 19.22 28.31
C ASN B 40 45.85 19.15 28.98
N SER B 41 45.81 19.32 30.30
CA SER B 41 44.56 19.19 31.04
C SER B 41 43.51 20.27 30.76
N ASN B 42 43.90 21.33 30.05
CA ASN B 42 42.96 22.36 29.57
C ASN B 42 42.27 22.12 28.23
N ASN B 43 42.92 21.37 27.34
CA ASN B 43 42.37 21.14 25.99
C ASN B 43 42.20 19.65 25.67
N LEU B 44 41.87 18.86 26.69
CA LEU B 44 41.70 17.42 26.52
C LEU B 44 40.63 17.12 25.48
N GLY B 45 40.91 16.15 24.62
CA GLY B 45 40.00 15.78 23.55
C GLY B 45 40.02 16.65 22.30
N THR B 46 40.94 17.62 22.24
CA THR B 46 41.08 18.48 21.06
C THR B 46 41.53 17.68 19.82
N SER B 47 42.55 16.84 19.99
CA SER B 47 43.04 15.98 18.91
C SER B 47 41.98 14.97 18.44
N HIS B 48 41.04 14.61 19.32
CA HIS B 48 39.93 13.76 18.91
C HIS B 48 39.02 14.52 17.96
N LEU B 49 38.67 15.76 18.32
CA LEU B 49 37.84 16.59 17.44
C LEU B 49 38.56 16.85 16.12
N LEU B 50 39.85 17.17 16.21
CA LEU B 50 40.71 17.40 15.04
C LEU B 50 40.73 16.23 14.06
N ARG B 51 40.65 15.01 14.61
CA ARG B 51 40.59 13.76 13.84
C ARG B 51 39.26 13.66 13.06
N LEU B 52 38.18 14.10 13.70
CA LEU B 52 36.87 14.13 13.06
C LEU B 52 36.72 15.31 12.08
N ALA B 53 37.63 16.30 12.18
CA ALA B 53 37.41 17.63 11.60
C ALA B 53 37.93 17.90 10.18
N SER B 54 38.67 16.97 9.58
CA SER B 54 39.07 17.08 8.15
C SER B 54 37.80 16.96 7.36
N SER B 55 37.73 17.63 6.21
CA SER B 55 36.46 17.84 5.45
C SER B 55 35.55 18.97 5.97
N LEU B 56 35.89 19.59 7.10
CA LEU B 56 35.45 20.96 7.38
C LEU B 56 36.16 21.89 6.39
N THR B 57 35.57 23.05 6.14
CA THR B 57 36.09 24.02 5.19
C THR B 57 37.55 24.39 5.46
N THR B 58 38.33 24.44 4.38
CA THR B 58 39.70 24.93 4.37
C THR B 58 39.76 26.25 3.57
N LYS B 59 40.94 26.87 3.52
CA LYS B 59 41.09 28.13 2.78
C LYS B 59 40.95 27.94 1.28
N GLY B 60 41.62 26.92 0.75
CA GLY B 60 41.58 26.63 -0.68
C GLY B 60 40.42 25.76 -1.17
N ALA B 61 39.73 25.09 -0.25
CA ALA B 61 38.60 24.24 -0.62
C ALA B 61 37.50 24.25 0.43
N SER B 62 36.26 24.29 -0.03
CA SER B 62 35.09 24.24 0.84
C SER B 62 34.89 22.85 1.45
N SER B 63 34.06 22.78 2.49
CA SER B 63 33.64 21.53 3.14
C SER B 63 32.99 20.59 2.12
N PHE B 64 32.16 21.19 1.27
CA PHE B 64 31.47 20.52 0.19
C PHE B 64 32.43 19.95 -0.84
N LYS B 65 33.40 20.78 -1.25
CA LYS B 65 34.40 20.43 -2.28
C LYS B 65 35.32 19.28 -1.84
N ILE B 66 35.71 19.24 -0.56
CA ILE B 66 36.56 18.15 -0.04
C ILE B 66 35.85 16.80 -0.20
N THR B 67 34.58 16.74 0.21
CA THR B 67 33.80 15.51 0.10
C THR B 67 33.54 15.19 -1.38
N ARG B 68 32.94 16.12 -2.11
CA ARG B 68 32.58 15.88 -3.50
C ARG B 68 33.74 15.58 -4.43
N GLY B 69 34.80 16.36 -4.31
CA GLY B 69 35.98 16.25 -5.18
C GLY B 69 36.71 14.94 -5.01
N ILE B 70 36.80 14.45 -3.78
CA ILE B 70 37.48 13.19 -3.46
C ILE B 70 36.60 12.02 -3.91
N GLU B 71 35.30 12.14 -3.64
CA GLU B 71 34.36 11.11 -4.05
C GLU B 71 34.27 11.03 -5.57
N ALA B 72 34.39 12.17 -6.26
CA ALA B 72 34.39 12.24 -7.73
C ALA B 72 35.38 11.28 -8.38
N VAL B 73 36.56 11.19 -7.79
CA VAL B 73 37.65 10.39 -8.34
C VAL B 73 37.82 9.05 -7.59
N GLY B 74 36.78 8.65 -6.86
CA GLY B 74 36.74 7.35 -6.16
C GLY B 74 37.71 7.20 -5.00
N GLY B 75 38.23 8.34 -4.52
CA GLY B 75 39.28 8.37 -3.51
C GLY B 75 38.81 8.21 -2.08
N LYS B 76 39.78 8.24 -1.17
CA LYS B 76 39.55 8.08 0.26
C LYS B 76 40.44 9.08 0.99
N LEU B 77 39.89 9.74 2.01
CA LEU B 77 40.70 10.55 2.94
C LEU B 77 40.47 10.09 4.37
N SER B 78 41.55 9.65 5.01
CA SER B 78 41.51 9.02 6.35
C SER B 78 42.43 9.77 7.33
N VAL B 79 42.05 9.78 8.61
CA VAL B 79 42.86 10.39 9.67
C VAL B 79 42.99 9.35 10.78
N THR B 80 44.24 9.06 11.15
CA THR B 80 44.58 8.03 12.15
C THR B 80 45.43 8.58 13.30
N SER B 81 44.95 8.38 14.52
CA SER B 81 45.62 8.87 15.71
C SER B 81 46.08 7.73 16.62
N THR B 82 47.35 7.80 17.02
CA THR B 82 47.86 7.03 18.16
C THR B 82 48.00 8.01 19.31
N ARG B 83 48.55 7.55 20.42
CA ARG B 83 48.91 8.44 21.50
C ARG B 83 49.99 9.47 21.11
N GLU B 84 50.87 9.11 20.18
CA GLU B 84 52.02 9.94 19.83
C GLU B 84 51.97 10.65 18.47
N ASN B 85 51.31 10.03 17.51
CA ASN B 85 51.23 10.59 16.17
C ASN B 85 49.79 10.77 15.68
N MET B 86 49.63 11.65 14.69
CA MET B 86 48.45 11.71 13.83
C MET B 86 48.88 11.42 12.39
N ALA B 87 48.03 10.72 11.63
CA ALA B 87 48.37 10.35 10.27
C ALA B 87 47.24 10.64 9.29
N TYR B 88 47.46 11.60 8.40
CA TYR B 88 46.50 11.98 7.34
C TYR B 88 46.83 11.26 6.02
N THR B 89 45.91 10.42 5.54
CA THR B 89 46.19 9.49 4.44
C THR B 89 45.22 9.65 3.29
N VAL B 90 45.74 9.70 2.06
CA VAL B 90 44.88 9.71 0.88
C VAL B 90 45.21 8.53 -0.05
N GLU B 91 44.16 7.96 -0.66
CA GLU B 91 44.29 6.92 -1.70
C GLU B 91 43.58 7.39 -2.95
N CYS B 92 44.03 6.93 -4.12
CA CYS B 92 43.29 7.04 -5.39
C CYS B 92 44.07 6.35 -6.48
N LEU B 93 43.53 6.34 -7.69
CA LEU B 93 44.28 5.92 -8.87
C LEU B 93 45.33 6.97 -9.16
N ARG B 94 46.49 6.54 -9.66
CA ARG B 94 47.68 7.39 -9.79
C ARG B 94 47.52 8.69 -10.60
N ASP B 95 46.49 8.74 -11.46
CA ASP B 95 46.19 9.91 -12.29
C ASP B 95 45.64 11.10 -11.50
N ASP B 96 45.09 10.82 -10.32
CA ASP B 96 44.38 11.81 -9.54
C ASP B 96 45.11 12.22 -8.25
N VAL B 97 46.40 11.85 -8.14
CA VAL B 97 47.19 12.15 -6.93
C VAL B 97 47.40 13.65 -6.74
N ASP B 98 47.50 14.38 -7.85
CA ASP B 98 47.61 15.83 -7.80
C ASP B 98 46.43 16.39 -7.02
N ILE B 99 45.21 16.13 -7.48
CA ILE B 99 43.96 16.56 -6.84
C ILE B 99 43.85 16.21 -5.34
N LEU B 100 44.08 14.95 -5.01
CA LEU B 100 44.06 14.47 -3.62
C LEU B 100 45.11 15.11 -2.75
N MET B 101 46.28 15.39 -3.34
CA MET B 101 47.36 16.06 -2.65
C MET B 101 46.95 17.46 -2.22
N GLU B 102 46.29 18.18 -3.14
CA GLU B 102 45.78 19.52 -2.89
C GLU B 102 44.81 19.50 -1.72
N PHE B 103 43.94 18.50 -1.70
CA PHE B 103 43.00 18.30 -0.58
C PHE B 103 43.72 17.98 0.74
N LEU B 104 44.70 17.08 0.69
CA LEU B 104 45.48 16.73 1.87
C LEU B 104 46.16 17.96 2.48
N LEU B 105 46.78 18.77 1.62
CA LEU B 105 47.52 19.97 2.04
C LEU B 105 46.61 21.00 2.66
N ASN B 106 45.44 21.19 2.03
CA ASN B 106 44.43 22.10 2.54
C ASN B 106 43.94 21.72 3.94
N VAL B 107 43.65 20.43 4.12
CA VAL B 107 43.17 19.87 5.38
C VAL B 107 44.19 20.04 6.52
N THR B 108 45.47 19.80 6.22
CA THR B 108 46.52 19.88 7.23
C THR B 108 47.16 21.25 7.40
N THR B 109 47.39 21.99 6.32
CA THR B 109 48.13 23.26 6.41
C THR B 109 47.27 24.50 6.56
N ALA B 110 46.03 24.49 6.04
CA ALA B 110 45.14 25.65 6.20
C ALA B 110 43.65 25.37 6.48
N PRO B 111 43.35 24.65 7.59
CA PRO B 111 41.94 24.49 7.94
C PRO B 111 41.41 25.74 8.61
N GLU B 112 40.18 26.11 8.32
CA GLU B 112 39.58 27.34 8.81
C GLU B 112 38.90 27.20 10.17
N PHE B 113 38.39 25.99 10.44
CA PHE B 113 37.68 25.68 11.71
C PHE B 113 36.64 26.75 12.05
N ARG B 114 35.66 26.89 11.17
CA ARG B 114 34.62 27.93 11.30
C ARG B 114 33.71 27.63 12.48
N ARG B 115 33.33 28.68 13.21
CA ARG B 115 32.58 28.54 14.47
C ARG B 115 31.33 27.67 14.33
N TRP B 116 30.54 27.92 13.29
CA TRP B 116 29.30 27.17 13.05
C TRP B 116 29.55 25.72 12.66
N GLU B 117 30.61 25.48 11.88
CA GLU B 117 31.04 24.13 11.46
C GLU B 117 31.61 23.30 12.62
N VAL B 118 32.47 23.94 13.43
CA VAL B 118 33.08 23.31 14.60
C VAL B 118 32.03 22.95 15.64
N ALA B 119 31.09 23.87 15.86
CA ALA B 119 29.99 23.67 16.80
C ALA B 119 29.05 22.56 16.34
N ALA B 120 28.76 22.54 15.06
CA ALA B 120 27.90 21.53 14.47
C ALA B 120 28.51 20.15 14.58
N LEU B 121 29.84 20.10 14.61
CA LEU B 121 30.58 18.84 14.66
C LEU B 121 30.61 18.21 16.06
N GLN B 122 30.36 19.03 17.09
CA GLN B 122 30.46 18.60 18.48
C GLN B 122 29.75 17.29 18.79
N PRO B 123 28.49 17.10 18.28
CA PRO B 123 27.81 15.83 18.60
C PRO B 123 28.52 14.58 18.07
N GLN B 124 29.30 14.74 16.99
CA GLN B 124 30.09 13.65 16.43
C GLN B 124 31.14 13.07 17.42
N LEU B 125 31.61 13.87 18.36
CA LEU B 125 32.49 13.38 19.44
C LEU B 125 31.80 12.31 20.25
N ARG B 126 30.52 12.55 20.55
CA ARG B 126 29.73 11.63 21.34
C ARG B 126 29.49 10.33 20.57
N ILE B 127 29.18 10.44 19.27
CA ILE B 127 28.87 9.28 18.41
C ILE B 127 30.11 8.42 18.26
N ASP B 128 31.21 9.07 17.88
CA ASP B 128 32.47 8.38 17.65
C ASP B 128 32.98 7.66 18.90
N LYS B 129 32.91 8.33 20.05
CA LYS B 129 33.31 7.76 21.35
C LYS B 129 32.42 6.58 21.72
N ALA B 130 31.10 6.80 21.63
CA ALA B 130 30.09 5.80 21.97
C ALA B 130 30.30 4.49 21.22
N VAL B 131 30.53 4.61 19.91
CA VAL B 131 30.81 3.47 19.01
C VAL B 131 32.07 2.73 19.46
N ALA B 132 33.18 3.47 19.57
CA ALA B 132 34.46 2.93 19.99
C ALA B 132 34.42 2.19 21.32
N LEU B 133 33.72 2.77 22.31
CA LEU B 133 33.62 2.15 23.64
C LEU B 133 32.71 0.94 23.72
N GLN B 134 32.15 0.52 22.58
CA GLN B 134 31.52 -0.78 22.54
C GLN B 134 32.56 -1.91 22.58
N ASN B 135 33.79 -1.68 22.11
CA ASN B 135 34.91 -2.62 22.36
C ASN B 135 35.33 -2.51 23.81
N PRO B 136 35.23 -3.61 24.59
CA PRO B 136 35.65 -3.47 25.98
C PRO B 136 37.16 -3.33 26.13
N GLN B 137 37.93 -3.66 25.07
CA GLN B 137 39.38 -3.44 25.07
C GLN B 137 39.68 -1.94 25.13
N ALA B 138 38.82 -1.14 24.49
CA ALA B 138 38.96 0.31 24.50
C ALA B 138 38.83 0.85 25.92
N HIS B 139 37.86 0.36 26.70
CA HIS B 139 37.70 0.73 28.13
C HIS B 139 39.02 0.55 28.89
N VAL B 140 39.48 -0.70 28.87
CA VAL B 140 40.59 -1.15 29.67
C VAL B 140 41.89 -0.47 29.25
N ILE B 141 42.20 -0.45 27.95
CA ILE B 141 43.47 0.14 27.46
C ILE B 141 43.54 1.65 27.70
N GLU B 142 42.42 2.35 27.55
CA GLU B 142 42.39 3.79 27.84
C GLU B 142 42.53 4.05 29.34
N ASN B 143 41.90 3.20 30.16
CA ASN B 143 42.07 3.24 31.62
C ASN B 143 43.49 2.86 32.02
N LEU B 144 44.02 1.81 31.39
CA LEU B 144 45.34 1.28 31.73
C LEU B 144 46.37 2.38 31.64
N HIS B 145 46.36 3.11 30.53
CA HIS B 145 47.26 4.24 30.30
C HIS B 145 47.06 5.34 31.33
N ALA B 146 45.79 5.70 31.57
CA ALA B 146 45.46 6.71 32.57
C ALA B 146 45.95 6.34 33.95
N ALA B 147 45.92 5.05 34.27
CA ALA B 147 46.44 4.51 35.53
C ALA B 147 47.96 4.55 35.59
N ALA B 148 48.57 4.14 34.47
CA ALA B 148 50.01 3.99 34.34
C ALA B 148 50.80 5.30 34.29
N TYR B 149 50.17 6.37 33.82
CA TYR B 149 50.87 7.66 33.64
C TYR B 149 50.31 8.82 34.43
N ARG B 150 51.14 9.85 34.58
CA ARG B 150 50.76 11.07 35.26
C ARG B 150 50.21 12.08 34.26
N ASN B 151 50.79 12.11 33.04
CA ASN B 151 50.52 13.23 32.13
C ASN B 151 50.27 12.99 30.62
N ALA B 152 51.29 12.61 29.84
CA ALA B 152 51.20 12.70 28.38
C ALA B 152 50.49 11.48 27.82
N LEU B 153 51.12 10.31 28.03
CA LEU B 153 50.58 9.06 27.55
C LEU B 153 49.31 8.63 28.30
N ALA B 154 49.08 9.23 29.47
CA ALA B 154 47.84 9.02 30.25
C ALA B 154 46.62 9.46 29.48
N ASN B 155 46.76 10.48 28.65
CA ASN B 155 45.68 10.99 27.81
C ASN B 155 45.02 9.88 26.99
N SER B 156 43.70 9.90 27.00
CA SER B 156 42.89 9.06 26.15
C SER B 156 42.81 9.63 24.75
N LEU B 157 42.63 8.76 23.77
CA LEU B 157 42.49 9.18 22.38
C LEU B 157 41.13 9.82 22.09
N TYR B 158 40.14 9.44 22.89
CA TYR B 158 38.77 9.94 22.77
C TYR B 158 38.49 11.00 23.83
N CYS B 159 37.75 12.00 23.40
CA CYS B 159 37.45 13.19 24.18
C CYS B 159 36.64 12.83 25.43
N PRO B 160 37.09 13.32 26.61
CA PRO B 160 36.33 13.11 27.87
C PRO B 160 34.94 13.72 27.80
N ASP B 161 33.96 13.03 28.42
CA ASP B 161 32.55 13.42 28.36
C ASP B 161 32.29 14.90 28.62
N TYR B 162 32.94 15.42 29.67
CA TYR B 162 32.77 16.80 30.09
C TYR B 162 33.20 17.82 29.03
N ARG B 163 34.13 17.41 28.16
CA ARG B 163 34.64 18.28 27.09
C ARG B 163 33.83 18.26 25.78
N ILE B 164 32.95 17.27 25.63
CA ILE B 164 32.07 17.16 24.45
C ILE B 164 31.06 18.31 24.40
N GLY B 165 31.06 19.02 23.29
CA GLY B 165 30.26 20.23 23.12
C GLY B 165 31.03 21.49 23.52
N LYS B 166 32.29 21.32 23.93
CA LYS B 166 33.07 22.42 24.52
C LYS B 166 34.48 22.64 23.93
N VAL B 167 34.89 21.82 22.96
CA VAL B 167 36.16 22.03 22.26
C VAL B 167 36.00 23.20 21.28
N THR B 168 36.75 24.29 21.52
CA THR B 168 36.58 25.58 20.82
C THR B 168 37.33 25.62 19.49
N PRO B 169 36.92 26.53 18.56
CA PRO B 169 37.70 26.75 17.34
C PRO B 169 39.14 27.18 17.62
N VAL B 170 39.32 28.06 18.60
CA VAL B 170 40.65 28.52 19.05
C VAL B 170 41.56 27.33 19.39
N GLU B 171 41.04 26.39 20.17
CA GLU B 171 41.78 25.21 20.58
C GLU B 171 42.26 24.38 19.40
N LEU B 172 41.39 24.24 18.39
CA LEU B 172 41.70 23.52 17.16
C LEU B 172 42.79 24.23 16.36
N HIS B 173 42.66 25.55 16.21
CA HIS B 173 43.69 26.37 15.57
C HIS B 173 45.01 26.26 16.30
N ASP B 174 44.98 26.49 17.62
CA ASP B 174 46.14 26.35 18.50
C ASP B 174 46.84 25.01 18.29
N TYR B 175 46.08 23.92 18.37
CA TYR B 175 46.62 22.57 18.26
C TYR B 175 47.35 22.32 16.94
N VAL B 176 46.76 22.77 15.83
CA VAL B 176 47.35 22.59 14.48
C VAL B 176 48.59 23.47 14.34
N GLN B 177 48.44 24.74 14.67
CA GLN B 177 49.48 25.75 14.52
C GLN B 177 50.69 25.45 15.41
N ASN B 178 50.45 24.79 16.54
CA ASN B 178 51.51 24.37 17.48
C ASN B 178 52.14 23.00 17.18
N HIS B 179 51.43 22.13 16.47
CA HIS B 179 51.88 20.73 16.28
C HIS B 179 52.11 20.28 14.85
N PHE B 180 51.36 20.84 13.91
CA PHE B 180 51.52 20.55 12.48
C PHE B 180 52.60 21.48 11.93
N THR B 181 53.86 21.13 12.17
CA THR B 181 55.03 21.96 11.77
C THR B 181 56.08 21.10 11.06
N SER B 182 56.93 21.75 10.26
CA SER B 182 57.91 21.04 9.43
C SER B 182 58.80 20.11 10.24
N ALA B 183 59.25 20.59 11.40
CA ALA B 183 60.08 19.81 12.29
C ALA B 183 59.36 18.61 12.93
N ARG B 184 58.06 18.49 12.71
CA ARG B 184 57.24 17.45 13.32
C ARG B 184 56.49 16.59 12.27
N MET B 185 56.79 16.81 10.99
CA MET B 185 56.04 16.20 9.89
C MET B 185 56.84 15.29 8.97
N ALA B 186 56.25 14.15 8.59
CA ALA B 186 56.84 13.21 7.60
C ALA B 186 55.84 12.88 6.47
N LEU B 187 56.20 13.24 5.24
CA LEU B 187 55.34 13.03 4.08
C LEU B 187 55.76 11.81 3.28
N ILE B 188 54.98 10.75 3.38
CA ILE B 188 55.32 9.44 2.80
C ILE B 188 54.46 9.17 1.56
N GLY B 189 55.00 8.38 0.62
CA GLY B 189 54.29 8.07 -0.63
C GLY B 189 54.61 6.75 -1.34
N LEU B 190 53.58 6.17 -1.96
CA LEU B 190 53.71 5.05 -2.90
C LEU B 190 53.12 5.48 -4.24
N GLY B 191 53.68 4.96 -5.33
CA GLY B 191 53.21 5.24 -6.70
C GLY B 191 53.23 6.72 -7.13
N VAL B 192 54.29 7.42 -6.74
CA VAL B 192 54.52 8.82 -7.11
C VAL B 192 56.03 9.05 -7.03
N SER B 193 56.56 9.89 -7.94
CA SER B 193 58.01 10.15 -7.99
C SER B 193 58.47 10.99 -6.80
N HIS B 194 59.66 10.66 -6.29
CA HIS B 194 60.27 11.36 -5.17
C HIS B 194 60.57 12.84 -5.45
N PRO B 195 61.09 13.18 -6.66
CA PRO B 195 61.33 14.60 -6.95
C PRO B 195 60.08 15.49 -6.84
N VAL B 196 58.94 15.01 -7.31
CA VAL B 196 57.70 15.81 -7.24
C VAL B 196 57.11 15.90 -5.82
N LEU B 197 57.33 14.87 -4.99
CA LEU B 197 56.99 14.94 -3.56
C LEU B 197 57.85 15.96 -2.83
N LYS B 198 59.17 15.90 -3.06
CA LYS B 198 60.13 16.86 -2.49
C LYS B 198 59.71 18.30 -2.76
N GLN B 199 59.38 18.58 -4.03
CA GLN B 199 58.98 19.90 -4.50
C GLN B 199 57.69 20.40 -3.86
N VAL B 200 56.75 19.49 -3.63
CA VAL B 200 55.50 19.77 -2.91
C VAL B 200 55.81 20.11 -1.45
N ALA B 201 56.69 19.32 -0.83
CA ALA B 201 57.06 19.50 0.58
C ALA B 201 57.84 20.79 0.84
N GLU B 202 58.62 21.23 -0.16
CA GLU B 202 59.38 22.48 -0.08
C GLU B 202 58.47 23.69 -0.22
N GLN B 203 57.50 23.60 -1.12
CA GLN B 203 56.68 24.74 -1.52
C GLN B 203 55.38 24.88 -0.75
N PHE B 204 54.89 23.77 -0.21
CA PHE B 204 53.61 23.76 0.48
C PHE B 204 53.66 23.29 1.91
N LEU B 205 54.79 22.72 2.32
CA LEU B 205 54.88 22.14 3.65
C LEU B 205 56.01 22.72 4.50
N ASN B 206 56.63 23.79 4.01
CA ASN B 206 57.56 24.60 4.80
C ASN B 206 56.72 25.46 5.75
N ILE B 207 56.51 24.94 6.96
CA ILE B 207 55.75 25.60 8.03
C ILE B 207 56.70 25.79 9.19
N ARG B 208 56.63 26.92 9.88
CA ARG B 208 57.54 27.16 11.00
C ARG B 208 57.06 26.53 12.29
N GLY B 209 58.02 26.18 13.14
CA GLY B 209 57.84 25.37 14.35
C GLY B 209 56.92 25.93 15.43
N GLY B 210 56.62 25.09 16.42
CA GLY B 210 55.77 25.48 17.54
C GLY B 210 55.84 24.45 18.64
N ALA B 216 57.11 18.07 27.77
CA ALA B 216 57.25 17.31 29.01
C ALA B 216 57.27 15.81 28.75
N LYS B 217 58.24 15.14 29.37
CA LYS B 217 58.40 13.69 29.26
C LYS B 217 57.32 12.95 30.03
N ALA B 218 56.92 11.80 29.51
CA ALA B 218 55.89 10.94 30.11
C ALA B 218 56.36 10.35 31.43
N LYS B 219 55.74 10.81 32.51
CA LYS B 219 56.07 10.31 33.84
C LYS B 219 55.18 9.10 34.15
N TYR B 220 55.79 7.93 34.26
CA TYR B 220 55.10 6.71 34.70
C TYR B 220 54.75 6.86 36.18
N HIS B 221 53.57 6.38 36.54
CA HIS B 221 53.05 6.53 37.89
C HIS B 221 52.88 5.16 38.55
N GLY B 222 52.07 4.31 37.93
CA GLY B 222 51.68 3.05 38.53
C GLY B 222 50.48 3.29 39.43
N GLY B 223 49.31 2.92 38.92
CA GLY B 223 48.05 3.04 39.64
C GLY B 223 47.10 1.97 39.15
N GLU B 224 45.84 2.04 39.56
CA GLU B 224 44.83 1.13 39.07
C GLU B 224 43.50 1.82 38.91
N ILE B 225 42.73 1.38 37.91
CA ILE B 225 41.40 1.92 37.62
C ILE B 225 40.44 0.76 37.44
N ARG B 226 39.30 0.83 38.11
CA ARG B 226 38.36 -0.30 38.18
C ARG B 226 36.95 0.07 37.73
N GLU B 227 36.56 -0.37 36.53
CA GLU B 227 35.19 -0.14 36.05
C GLU B 227 34.27 -1.27 36.49
N GLN B 228 33.47 -1.02 37.52
CA GLN B 228 32.46 -1.97 37.98
C GLN B 228 31.22 -1.83 37.10
N ASN B 229 30.85 -2.90 36.38
CA ASN B 229 29.76 -2.82 35.42
C ASN B 229 28.88 -4.07 35.23
N GLY B 230 29.13 -5.13 36.00
CA GLY B 230 28.29 -6.33 35.95
C GLY B 230 28.17 -7.14 34.65
N ASP B 231 29.19 -7.12 33.80
CA ASP B 231 29.32 -8.12 32.71
C ASP B 231 29.67 -9.46 33.35
N SER B 232 29.26 -10.56 32.73
CA SER B 232 29.67 -11.87 33.22
C SER B 232 31.13 -12.19 32.87
N LEU B 233 31.74 -11.37 32.01
CA LEU B 233 33.17 -11.46 31.69
C LEU B 233 33.97 -10.25 32.23
N VAL B 234 35.18 -10.53 32.74
CA VAL B 234 36.07 -9.48 33.22
C VAL B 234 37.29 -9.34 32.31
N HIS B 235 37.35 -8.21 31.63
CA HIS B 235 38.55 -7.75 30.96
C HIS B 235 39.48 -7.12 31.99
N ALA B 236 40.75 -7.48 31.93
CA ALA B 236 41.78 -7.00 32.85
C ALA B 236 43.16 -6.98 32.22
N ALA B 237 43.92 -5.94 32.50
CA ALA B 237 45.29 -5.79 32.01
C ALA B 237 46.20 -5.38 33.13
N LEU B 238 47.35 -6.05 33.23
CA LEU B 238 48.36 -5.71 34.22
C LEU B 238 49.69 -5.52 33.51
N VAL B 239 50.24 -4.32 33.67
CA VAL B 239 51.50 -3.94 33.04
C VAL B 239 52.49 -3.33 34.04
N ALA B 240 53.77 -3.36 33.65
CA ALA B 240 54.82 -2.59 34.31
C ALA B 240 55.50 -1.77 33.23
N GLU B 241 56.28 -0.78 33.63
CA GLU B 241 56.99 0.03 32.66
C GLU B 241 58.04 -0.83 31.94
N SER B 242 57.98 -0.81 30.61
CA SER B 242 58.94 -1.53 29.76
C SER B 242 59.98 -0.54 29.21
N ALA B 243 60.57 -0.81 28.05
CA ALA B 243 61.53 0.13 27.46
C ALA B 243 60.97 1.01 26.31
N ALA B 244 61.71 2.07 25.97
CA ALA B 244 61.31 2.98 24.91
C ALA B 244 61.64 2.41 23.54
N ILE B 245 60.76 2.69 22.56
CA ILE B 245 60.99 2.31 21.16
C ILE B 245 62.25 2.99 20.60
N GLY B 246 63.06 2.23 19.88
CA GLY B 246 64.38 2.70 19.45
C GLY B 246 65.53 2.12 20.26
N SER B 247 65.30 1.86 21.55
CA SER B 247 66.28 1.16 22.38
C SER B 247 66.30 -0.34 22.09
N ALA B 248 67.45 -0.96 22.30
CA ALA B 248 67.63 -2.38 22.06
C ALA B 248 66.81 -3.25 23.02
N GLU B 249 66.65 -2.79 24.26
CA GLU B 249 65.87 -3.53 25.28
C GLU B 249 64.42 -3.75 24.84
N ALA B 250 63.87 -2.81 24.06
CA ALA B 250 62.50 -2.91 23.57
C ALA B 250 62.29 -4.18 22.75
N ASN B 251 63.29 -4.53 21.93
CA ASN B 251 63.28 -5.75 21.12
C ASN B 251 63.18 -7.00 21.99
N ALA B 252 63.81 -6.96 23.16
CA ALA B 252 63.74 -8.06 24.14
C ALA B 252 62.31 -8.27 24.66
N PHE B 253 61.60 -7.17 24.91
CA PHE B 253 60.20 -7.23 25.34
C PHE B 253 59.32 -7.80 24.26
N SER B 254 59.58 -7.39 23.01
CA SER B 254 58.88 -7.90 21.84
C SER B 254 59.03 -9.42 21.71
N VAL B 255 60.24 -9.93 21.99
CA VAL B 255 60.51 -11.38 21.96
C VAL B 255 59.80 -12.07 23.13
N LEU B 256 59.91 -11.48 24.32
CA LEU B 256 59.19 -11.96 25.51
C LEU B 256 57.67 -12.03 25.32
N GLN B 257 57.12 -11.04 24.64
CA GLN B 257 55.71 -10.99 24.26
C GLN B 257 55.32 -12.25 23.48
N HIS B 258 56.15 -12.63 22.51
CA HIS B 258 55.88 -13.77 21.63
C HIS B 258 56.24 -15.12 22.25
N VAL B 259 57.11 -15.12 23.25
CA VAL B 259 57.37 -16.30 24.09
C VAL B 259 56.12 -16.60 24.90
N LEU B 260 55.54 -15.56 25.51
CA LEU B 260 54.38 -15.70 26.36
C LEU B 260 53.10 -15.96 25.56
N GLY B 261 52.99 -15.33 24.40
CA GLY B 261 51.84 -15.55 23.51
C GLY B 261 51.16 -14.25 23.20
N ALA B 262 51.16 -13.89 21.92
CA ALA B 262 50.66 -12.60 21.48
C ALA B 262 49.60 -12.76 20.38
N GLY B 263 48.47 -13.38 20.75
CA GLY B 263 47.37 -13.59 19.81
C GLY B 263 47.42 -14.91 19.06
N PRO B 264 46.30 -15.31 18.45
CA PRO B 264 46.17 -16.66 17.86
C PRO B 264 46.82 -16.80 16.48
N HIS B 265 47.26 -18.01 16.16
CA HIS B 265 47.82 -18.29 14.84
C HIS B 265 46.90 -19.14 13.98
N VAL B 266 46.21 -20.07 14.65
CA VAL B 266 45.28 -21.01 14.02
C VAL B 266 43.85 -20.63 14.37
N LYS B 267 42.95 -20.69 13.37
CA LYS B 267 41.52 -20.48 13.56
C LYS B 267 40.94 -21.55 14.47
N ARG B 268 40.25 -21.10 15.52
CA ARG B 268 39.65 -22.00 16.53
C ARG B 268 40.70 -22.85 17.26
N GLY B 269 41.96 -22.41 17.17
CA GLY B 269 43.12 -23.12 17.68
C GLY B 269 43.26 -23.04 19.19
N SER B 270 44.01 -23.99 19.75
CA SER B 270 44.16 -24.11 21.19
C SER B 270 45.45 -23.51 21.71
N ASN B 271 46.26 -22.95 20.79
CA ASN B 271 47.50 -22.24 21.12
C ASN B 271 48.48 -23.08 21.95
N ALA B 272 49.00 -24.14 21.34
CA ALA B 272 49.87 -25.09 22.02
C ALA B 272 51.24 -24.51 22.37
N THR B 273 51.69 -23.52 21.61
CA THR B 273 52.98 -22.87 21.84
C THR B 273 52.90 -21.64 22.76
N SER B 274 51.72 -21.04 22.89
CA SER B 274 51.49 -19.86 23.77
C SER B 274 51.62 -20.20 25.26
N SER B 275 52.70 -19.69 25.88
CA SER B 275 53.05 -19.93 27.28
C SER B 275 51.95 -19.55 28.25
N LEU B 276 51.34 -18.36 28.04
CA LEU B 276 50.27 -17.84 28.89
C LEU B 276 48.97 -18.63 28.78
N TYR B 277 48.52 -18.88 27.54
CA TYR B 277 47.24 -19.54 27.26
C TYR B 277 47.20 -20.93 27.87
N GLN B 278 48.31 -21.64 27.74
CA GLN B 278 48.46 -22.98 28.30
C GLN B 278 48.55 -22.93 29.83
N ALA B 279 49.23 -21.91 30.34
CA ALA B 279 49.37 -21.75 31.79
C ALA B 279 48.01 -21.54 32.43
N VAL B 280 47.17 -20.73 31.78
CA VAL B 280 45.82 -20.48 32.30
C VAL B 280 44.90 -21.68 32.09
N ALA B 281 44.96 -22.27 30.90
CA ALA B 281 44.10 -23.43 30.53
C ALA B 281 44.36 -24.68 31.36
N LYS B 282 45.54 -24.77 31.98
CA LYS B 282 45.90 -25.88 32.86
C LYS B 282 44.96 -25.96 34.06
N GLY B 283 44.80 -24.85 34.77
CA GLY B 283 43.92 -24.75 35.94
C GLY B 283 42.43 -24.60 35.65
N VAL B 284 42.09 -23.70 34.73
CA VAL B 284 40.68 -23.29 34.48
C VAL B 284 40.21 -23.47 33.01
N HIS B 285 39.16 -24.28 32.81
CA HIS B 285 38.68 -24.68 31.48
C HIS B 285 37.44 -23.95 30.91
N GLN B 286 36.84 -23.03 31.69
CA GLN B 286 35.70 -22.19 31.23
C GLN B 286 36.16 -21.19 30.14
N PRO B 287 35.22 -20.54 29.39
CA PRO B 287 35.63 -19.59 28.34
C PRO B 287 36.58 -18.47 28.81
N PHE B 288 37.70 -18.30 28.12
CA PHE B 288 38.71 -17.26 28.44
C PHE B 288 39.63 -16.93 27.27
N ASP B 289 40.36 -15.82 27.42
CA ASP B 289 41.47 -15.44 26.54
C ASP B 289 42.53 -14.70 27.35
N VAL B 290 43.79 -14.94 27.00
CA VAL B 290 44.94 -14.22 27.57
C VAL B 290 45.98 -13.96 26.47
N SER B 291 46.58 -12.78 26.51
CA SER B 291 47.68 -12.45 25.63
C SER B 291 48.64 -11.53 26.36
N ALA B 292 49.90 -11.60 25.98
CA ALA B 292 50.88 -10.62 26.42
C ALA B 292 50.57 -9.28 25.76
N PHE B 293 50.64 -8.21 26.55
CA PHE B 293 50.45 -6.85 26.09
C PHE B 293 51.80 -6.13 26.02
N ASN B 294 52.11 -5.53 24.86
CA ASN B 294 53.35 -4.75 24.68
C ASN B 294 53.18 -3.47 23.85
N ALA B 295 53.16 -2.34 24.56
CA ALA B 295 53.20 -1.01 23.95
C ALA B 295 54.60 -0.47 24.09
N SER B 296 55.08 0.25 23.07
CA SER B 296 56.38 0.93 23.14
C SER B 296 56.34 2.30 22.48
N TYR B 297 56.79 3.31 23.21
CA TYR B 297 56.67 4.70 22.79
C TYR B 297 58.04 5.40 22.76
N SER B 298 58.06 6.68 22.36
CA SER B 298 59.28 7.48 22.36
C SER B 298 59.87 7.65 23.78
N ASP B 299 59.01 7.95 24.76
CA ASP B 299 59.44 8.17 26.17
C ASP B 299 59.53 6.92 27.01
N SER B 300 58.62 5.99 26.77
CA SER B 300 58.36 4.93 27.72
C SER B 300 57.81 3.71 27.00
N GLY B 301 57.33 2.75 27.78
CA GLY B 301 56.55 1.64 27.23
C GLY B 301 55.84 0.90 28.34
N LEU B 302 54.87 0.06 27.96
CA LEU B 302 54.16 -0.78 28.89
C LEU B 302 54.23 -2.21 28.41
N PHE B 303 54.58 -3.11 29.33
CA PHE B 303 54.54 -4.53 29.06
C PHE B 303 53.82 -5.27 30.16
N GLY B 304 52.98 -6.23 29.76
CA GLY B 304 52.29 -7.11 30.69
C GLY B 304 51.47 -8.15 29.98
N PHE B 305 50.23 -8.30 30.43
CA PHE B 305 49.28 -9.22 29.81
C PHE B 305 47.85 -8.72 30.01
N TYR B 306 46.96 -9.17 29.13
CA TYR B 306 45.56 -8.83 29.18
C TYR B 306 44.80 -10.14 29.31
N THR B 307 43.94 -10.24 30.32
CA THR B 307 43.07 -11.41 30.49
C THR B 307 41.64 -11.06 30.14
N ILE B 308 40.92 -12.04 29.60
CA ILE B 308 39.47 -12.02 29.54
C ILE B 308 39.04 -13.32 30.18
N SER B 309 38.29 -13.21 31.25
CA SER B 309 37.91 -14.35 32.06
C SER B 309 36.50 -14.20 32.57
N GLN B 310 35.94 -15.29 33.07
CA GLN B 310 34.66 -15.25 33.78
C GLN B 310 34.82 -14.41 35.06
N ALA B 311 33.73 -13.80 35.52
CA ALA B 311 33.79 -12.92 36.69
C ALA B 311 34.40 -13.59 37.92
N ALA B 312 33.94 -14.80 38.21
CA ALA B 312 34.41 -15.58 39.38
C ALA B 312 35.86 -16.08 39.24
N SER B 313 36.29 -16.27 37.99
CA SER B 313 37.61 -16.84 37.65
C SER B 313 38.72 -15.82 37.47
N ALA B 314 38.37 -14.53 37.48
CA ALA B 314 39.34 -13.44 37.24
C ALA B 314 40.56 -13.47 38.18
N GLY B 315 40.32 -13.72 39.47
CA GLY B 315 41.39 -13.88 40.45
C GLY B 315 42.36 -14.96 39.99
N ASP B 316 41.83 -16.15 39.71
CA ASP B 316 42.61 -17.32 39.33
C ASP B 316 43.39 -17.14 38.02
N VAL B 317 42.76 -16.52 37.02
CA VAL B 317 43.33 -16.33 35.68
C VAL B 317 44.50 -15.35 35.69
N ILE B 318 44.32 -14.21 36.36
CA ILE B 318 45.34 -13.15 36.43
C ILE B 318 46.56 -13.66 37.18
N LYS B 319 46.32 -14.31 38.33
CA LYS B 319 47.37 -14.89 39.15
C LYS B 319 48.16 -15.96 38.40
N ALA B 320 47.45 -16.84 37.70
CA ALA B 320 48.07 -17.88 36.87
C ALA B 320 48.94 -17.28 35.75
N ALA B 321 48.42 -16.24 35.09
CA ALA B 321 49.15 -15.53 34.03
C ALA B 321 50.40 -14.81 34.56
N TYR B 322 50.27 -14.17 35.73
CA TYR B 322 51.37 -13.47 36.40
C TYR B 322 52.46 -14.44 36.80
N ASN B 323 52.05 -15.61 37.30
CA ASN B 323 52.96 -16.71 37.66
C ASN B 323 53.78 -17.22 36.49
N GLN B 324 53.20 -17.22 35.31
CA GLN B 324 53.89 -17.66 34.11
C GLN B 324 55.04 -16.73 33.73
N VAL B 325 54.85 -15.43 33.92
CA VAL B 325 55.91 -14.43 33.69
C VAL B 325 57.04 -14.58 34.73
N LYS B 326 56.64 -14.91 35.96
CA LYS B 326 57.56 -15.12 37.08
C LYS B 326 58.53 -16.27 36.81
N THR B 327 58.03 -17.37 36.26
CA THR B 327 58.89 -18.50 35.93
C THR B 327 59.83 -18.19 34.77
N ILE B 328 59.39 -17.37 33.81
CA ILE B 328 60.28 -16.88 32.74
C ILE B 328 61.36 -15.95 33.33
N ALA B 329 60.97 -15.12 34.29
CA ALA B 329 61.89 -14.24 35.03
C ALA B 329 62.87 -15.01 35.91
N GLN B 330 62.40 -16.10 36.51
CA GLN B 330 63.23 -16.97 37.35
C GLN B 330 64.28 -17.73 36.54
N GLY B 331 63.99 -17.97 35.26
CA GLY B 331 64.96 -18.53 34.33
C GLY B 331 64.51 -19.71 33.49
N ASN B 332 63.26 -20.14 33.67
CA ASN B 332 62.68 -21.30 32.96
C ASN B 332 62.31 -20.97 31.54
N LEU B 333 63.29 -21.09 30.64
CA LEU B 333 63.16 -20.65 29.27
C LEU B 333 64.19 -21.37 28.38
N SER B 334 63.70 -22.21 27.47
CA SER B 334 64.60 -22.92 26.54
C SER B 334 64.72 -22.22 25.19
N ASN B 335 65.85 -22.48 24.51
CA ASN B 335 66.10 -22.00 23.14
C ASN B 335 64.97 -22.26 22.13
N PRO B 336 64.43 -23.51 22.06
CA PRO B 336 63.30 -23.76 21.13
C PRO B 336 62.10 -22.82 21.31
N ASP B 337 61.88 -22.33 22.52
CA ASP B 337 60.82 -21.37 22.79
C ASP B 337 61.20 -20.01 22.24
N VAL B 338 62.41 -19.56 22.54
CA VAL B 338 62.91 -18.24 22.09
C VAL B 338 63.09 -18.20 20.58
N GLN B 339 63.40 -19.36 20.00
CA GLN B 339 63.54 -19.51 18.57
C GLN B 339 62.16 -19.38 17.89
N ALA B 340 61.17 -20.09 18.44
CA ALA B 340 59.76 -20.02 17.97
C ALA B 340 59.22 -18.61 18.07
N ALA B 341 59.43 -17.98 19.23
CA ALA B 341 59.02 -16.60 19.46
C ALA B 341 59.63 -15.62 18.45
N LYS B 342 60.91 -15.81 18.12
CA LYS B 342 61.60 -14.98 17.14
C LYS B 342 61.00 -15.18 15.76
N ASN B 343 60.79 -16.43 15.39
CA ASN B 343 60.18 -16.76 14.12
C ASN B 343 58.80 -16.14 13.97
N LYS B 344 58.05 -16.03 15.07
CA LYS B 344 56.71 -15.41 15.09
C LYS B 344 56.82 -13.93 14.78
N LEU B 345 57.61 -13.23 15.60
CA LEU B 345 57.87 -11.79 15.50
C LEU B 345 58.48 -11.40 14.16
N LYS B 346 59.46 -12.18 13.70
CA LYS B 346 60.07 -11.99 12.38
C LYS B 346 59.00 -12.07 11.28
N ALA B 347 58.19 -13.12 11.32
CA ALA B 347 57.10 -13.34 10.36
C ALA B 347 56.01 -12.29 10.48
N GLY B 348 55.63 -11.99 11.72
CA GLY B 348 54.65 -10.95 12.04
C GLY B 348 55.01 -9.58 11.49
N TYR B 349 56.27 -9.20 11.62
CA TYR B 349 56.74 -7.90 11.13
C TYR B 349 56.68 -7.83 9.60
N LEU B 350 57.21 -8.84 8.93
CA LEU B 350 57.19 -8.89 7.47
C LEU B 350 55.77 -8.95 6.91
N MET B 351 54.88 -9.66 7.61
CA MET B 351 53.47 -9.74 7.23
C MET B 351 52.73 -8.43 7.47
N SER B 352 53.12 -7.67 8.50
CA SER B 352 52.47 -6.39 8.78
C SER B 352 52.78 -5.34 7.72
N VAL B 353 53.96 -5.46 7.09
CA VAL B 353 54.38 -4.57 5.99
C VAL B 353 54.18 -5.18 4.60
N GLU B 354 53.44 -6.29 4.55
CA GLU B 354 53.09 -7.03 3.33
C GLU B 354 52.24 -6.18 2.37
N SER B 355 51.16 -5.60 2.90
CA SER B 355 50.27 -4.70 2.17
C SER B 355 50.94 -3.34 2.00
N SER B 356 50.57 -2.62 0.95
CA SER B 356 51.03 -1.22 0.79
C SER B 356 50.36 -0.24 1.79
N GLU B 357 49.28 -0.68 2.46
CA GLU B 357 48.73 0.08 3.59
C GLU B 357 49.68 0.07 4.79
N GLY B 358 50.03 -1.13 5.25
CA GLY B 358 50.88 -1.32 6.44
C GLY B 358 52.31 -0.86 6.25
N PHE B 359 52.82 -1.00 5.04
CA PHE B 359 54.15 -0.53 4.65
C PHE B 359 54.23 0.98 4.83
N LEU B 360 53.24 1.71 4.31
CA LEU B 360 53.16 3.15 4.44
C LEU B 360 53.14 3.57 5.91
N ASP B 361 52.40 2.82 6.73
CA ASP B 361 52.32 3.07 8.17
C ASP B 361 53.69 2.95 8.83
N GLU B 362 54.46 1.92 8.46
CA GLU B 362 55.78 1.66 9.05
C GLU B 362 56.85 2.65 8.60
N VAL B 363 56.77 3.09 7.34
CA VAL B 363 57.73 4.06 6.80
C VAL B 363 57.55 5.42 7.47
N GLY B 364 56.29 5.85 7.60
CA GLY B 364 55.93 7.07 8.29
C GLY B 364 56.16 6.99 9.78
N SER B 365 55.80 5.85 10.37
CA SER B 365 55.98 5.60 11.80
C SER B 365 57.45 5.74 12.20
N GLN B 366 58.34 5.05 11.46
CA GLN B 366 59.80 5.12 11.64
C GLN B 366 60.35 6.53 11.45
N ALA B 367 59.93 7.18 10.37
CA ALA B 367 60.36 8.53 10.01
C ALA B 367 60.15 9.59 11.11
N LEU B 368 59.13 9.40 11.96
CA LEU B 368 58.88 10.32 13.08
C LEU B 368 59.69 9.99 14.33
N ALA B 369 59.57 8.74 14.81
CA ALA B 369 60.22 8.33 16.06
C ALA B 369 61.72 8.08 15.93
N ALA B 370 62.20 7.91 14.70
CA ALA B 370 63.63 7.73 14.41
C ALA B 370 64.07 8.59 13.22
N GLY B 371 65.37 8.56 12.91
CA GLY B 371 65.94 9.38 11.82
C GLY B 371 65.51 9.03 10.41
N SER B 372 65.57 7.75 10.09
CA SER B 372 65.26 7.28 8.74
C SER B 372 64.71 5.85 8.71
N TYR B 373 64.64 5.28 7.51
CA TYR B 373 64.11 3.94 7.24
C TYR B 373 65.11 2.81 7.52
N THR B 374 64.72 1.91 8.43
CA THR B 374 65.43 0.64 8.64
C THR B 374 64.76 -0.44 7.77
N PRO B 375 65.52 -1.03 6.81
CA PRO B 375 64.95 -2.08 5.97
C PRO B 375 64.57 -3.33 6.77
N PRO B 376 63.61 -4.14 6.24
CA PRO B 376 63.17 -5.38 6.88
C PRO B 376 64.33 -6.34 7.29
N SER B 377 65.34 -6.45 6.43
CA SER B 377 66.51 -7.30 6.69
C SER B 377 67.31 -6.92 7.94
N THR B 378 67.47 -5.62 8.18
CA THR B 378 68.16 -5.10 9.36
C THR B 378 67.34 -5.34 10.64
N VAL B 379 66.02 -5.22 10.52
CA VAL B 379 65.08 -5.43 11.64
C VAL B 379 65.13 -6.88 12.14
N LEU B 380 65.16 -7.82 11.19
CA LEU B 380 65.16 -9.25 11.52
C LEU B 380 66.49 -9.67 12.15
N GLN B 381 67.57 -9.03 11.71
CA GLN B 381 68.89 -9.24 12.28
C GLN B 381 68.92 -8.75 13.73
N GLN B 382 68.19 -7.66 13.99
CA GLN B 382 68.06 -7.08 15.33
C GLN B 382 67.23 -7.94 16.27
N ILE B 383 66.25 -8.66 15.72
CA ILE B 383 65.44 -9.62 16.50
C ILE B 383 66.32 -10.80 16.93
N ASP B 384 67.10 -11.35 15.98
CA ASP B 384 68.10 -12.39 16.24
C ASP B 384 69.13 -11.98 17.30
N ALA B 385 69.48 -10.69 17.33
CA ALA B 385 70.45 -10.13 18.26
C ALA B 385 70.01 -10.19 19.74
N VAL B 386 68.73 -10.41 19.97
CA VAL B 386 68.20 -10.58 21.32
C VAL B 386 68.64 -11.95 21.84
N ALA B 387 69.47 -11.94 22.89
CA ALA B 387 69.90 -13.18 23.58
C ALA B 387 68.84 -13.63 24.56
N ASP B 388 68.85 -14.92 24.92
CA ASP B 388 67.91 -15.47 25.91
C ASP B 388 67.98 -14.71 27.22
N ALA B 389 69.19 -14.24 27.54
CA ALA B 389 69.46 -13.42 28.72
C ALA B 389 68.62 -12.13 28.70
N ASP B 390 68.50 -11.49 27.54
CA ASP B 390 67.71 -10.25 27.40
C ASP B 390 66.22 -10.46 27.68
N VAL B 391 65.72 -11.64 27.30
CA VAL B 391 64.31 -12.03 27.48
C VAL B 391 64.03 -12.23 28.96
N ILE B 392 64.94 -12.91 29.66
CA ILE B 392 64.79 -13.14 31.09
C ILE B 392 64.87 -11.83 31.89
N ASN B 393 65.72 -10.90 31.45
CA ASN B 393 65.84 -9.55 32.04
C ASN B 393 64.56 -8.71 31.88
N ALA B 394 63.95 -8.80 30.71
CA ALA B 394 62.69 -8.13 30.44
C ALA B 394 61.61 -8.63 31.39
N ALA B 395 61.54 -9.96 31.56
CA ALA B 395 60.59 -10.62 32.47
C ALA B 395 60.84 -10.24 33.92
N LYS B 396 62.11 -10.26 34.32
CA LYS B 396 62.55 -9.81 35.65
C LYS B 396 62.13 -8.36 35.91
N LYS B 397 62.32 -7.51 34.90
CA LYS B 397 61.94 -6.09 34.99
C LYS B 397 60.46 -5.96 35.31
N PHE B 398 59.63 -6.71 34.57
CA PHE B 398 58.17 -6.71 34.76
C PHE B 398 57.76 -7.15 36.16
N VAL B 399 58.37 -8.21 36.67
CA VAL B 399 57.96 -8.79 37.94
C VAL B 399 58.28 -7.87 39.11
N SER B 400 59.49 -7.32 39.13
CA SER B 400 59.88 -6.41 40.21
C SER B 400 59.49 -4.94 39.97
N GLY B 401 59.17 -4.59 38.71
CA GLY B 401 58.76 -3.23 38.35
C GLY B 401 57.44 -2.78 38.95
N ARG B 402 57.32 -1.48 39.21
CA ARG B 402 56.08 -0.87 39.74
C ARG B 402 54.91 -1.11 38.79
N LYS B 403 53.81 -1.59 39.35
CA LYS B 403 52.70 -2.11 38.54
C LYS B 403 51.58 -1.11 38.23
N SER B 404 51.00 -1.24 37.04
CA SER B 404 49.74 -0.56 36.66
C SER B 404 48.70 -1.57 36.19
N MET B 405 47.44 -1.35 36.58
CA MET B 405 46.35 -2.28 36.29
C MET B 405 45.07 -1.54 35.91
N ALA B 406 44.27 -2.20 35.07
CA ALA B 406 42.93 -1.75 34.74
C ALA B 406 42.01 -2.94 34.56
N ALA B 407 40.79 -2.83 35.06
CA ALA B 407 39.80 -3.88 34.88
C ALA B 407 38.43 -3.29 34.59
N SER B 408 37.63 -4.05 33.83
CA SER B 408 36.22 -3.77 33.56
C SER B 408 35.42 -5.07 33.64
N GLY B 409 34.26 -5.00 34.26
CA GLY B 409 33.42 -6.18 34.47
C GLY B 409 32.78 -6.19 35.85
N ASN B 410 32.25 -7.36 36.25
CA ASN B 410 31.87 -7.59 37.63
C ASN B 410 33.13 -8.05 38.36
N LEU B 411 33.73 -7.11 39.09
CA LEU B 411 35.08 -7.24 39.66
C LEU B 411 35.15 -7.86 41.05
N GLY B 412 34.06 -8.49 41.48
CA GLY B 412 33.92 -9.10 42.81
C GLY B 412 35.01 -10.08 43.19
N HIS B 413 35.58 -10.75 42.19
CA HIS B 413 36.69 -11.67 42.40
C HIS B 413 38.00 -11.22 41.69
N THR B 414 37.98 -10.04 41.07
CA THR B 414 39.18 -9.42 40.47
C THR B 414 40.05 -8.80 41.57
N PRO B 415 41.33 -9.24 41.68
CA PRO B 415 42.15 -8.68 42.75
C PRO B 415 42.63 -7.27 42.45
N PHE B 416 43.08 -6.59 43.48
CA PHE B 416 43.81 -5.32 43.37
C PHE B 416 45.28 -5.63 43.09
N ILE B 417 46.06 -4.62 42.73
CA ILE B 417 47.51 -4.76 42.51
C ILE B 417 48.20 -5.39 43.72
N ASP B 418 47.93 -4.83 44.89
CA ASP B 418 48.52 -5.24 46.16
C ASP B 418 47.86 -6.50 46.74
N GLU B 419 47.12 -7.21 45.90
CA GLU B 419 46.54 -8.51 46.26
C GLU B 419 47.18 -9.68 45.49
N LEU B 420 48.31 -9.41 44.83
CA LEU B 420 48.93 -10.45 43.98
C LEU B 420 50.08 -11.19 44.66
N THR C 1 12.56 11.22 2.67
CA THR C 1 11.19 11.55 3.17
C THR C 1 10.35 12.31 2.11
N ASN C 2 9.12 11.81 1.89
CA ASN C 2 8.24 12.14 0.75
C ASN C 2 7.36 13.39 0.90
N ILE C 3 6.61 13.70 -0.17
CA ILE C 3 5.71 14.86 -0.23
C ILE C 3 4.23 14.45 -0.07
N ARG C 4 4.05 13.31 0.59
CA ARG C 4 2.74 12.82 0.98
C ARG C 4 2.54 13.14 2.45
N LYS C 5 3.63 13.03 3.22
CA LYS C 5 3.65 13.31 4.66
C LYS C 5 3.95 14.78 4.97
N SER C 6 4.53 15.47 3.99
CA SER C 6 5.04 16.85 4.12
C SER C 6 4.01 17.94 3.80
N HIS C 7 3.42 17.91 2.60
CA HIS C 7 2.46 18.92 2.14
C HIS C 7 1.18 18.93 3.02
N PRO C 8 0.80 20.11 3.59
CA PRO C 8 -0.34 20.26 4.54
C PRO C 8 -1.68 19.66 4.11
N LEU C 9 -1.98 19.67 2.81
CA LEU C 9 -3.16 19.02 2.27
C LEU C 9 -2.99 17.52 2.07
N MET C 10 -1.83 17.12 1.52
CA MET C 10 -1.52 15.71 1.26
C MET C 10 -1.35 14.91 2.55
N LYS C 11 -0.82 15.57 3.58
CA LYS C 11 -0.67 15.06 4.94
C LYS C 11 -1.99 14.49 5.48
N ILE C 12 -3.05 15.29 5.40
CA ILE C 12 -4.42 14.89 5.78
C ILE C 12 -4.93 13.68 4.97
N VAL C 13 -4.73 13.70 3.65
CA VAL C 13 -5.09 12.59 2.75
C VAL C 13 -4.23 11.33 2.99
N ASN C 14 -2.93 11.52 3.25
CA ASN C 14 -2.00 10.41 3.51
C ASN C 14 -2.33 9.68 4.81
N ASN C 15 -2.74 10.42 5.83
CA ASN C 15 -3.08 9.85 7.13
C ASN C 15 -4.47 9.24 7.25
N ALA C 16 -5.41 9.71 6.43
CA ALA C 16 -6.81 9.28 6.53
C ALA C 16 -7.30 8.45 5.35
N PHE C 17 -6.42 8.21 4.37
CA PHE C 17 -6.80 7.48 3.15
C PHE C 17 -5.70 6.63 2.53
N ILE C 18 -4.51 6.55 3.13
CA ILE C 18 -3.42 5.75 2.55
C ILE C 18 -2.70 4.94 3.63
N ASP C 19 -2.09 5.66 4.57
CA ASP C 19 -1.26 5.06 5.60
C ASP C 19 -2.05 4.79 6.87
N LEU C 20 -3.33 5.16 6.86
CA LEU C 20 -4.23 4.83 7.96
C LEU C 20 -4.07 3.35 8.33
N PRO C 21 -3.69 3.07 9.60
CA PRO C 21 -3.68 1.70 10.06
C PRO C 21 -5.10 1.21 10.28
N ALA C 22 -5.47 0.21 9.48
CA ALA C 22 -6.79 -0.42 9.51
C ALA C 22 -6.65 -1.87 9.99
N PRO C 23 -7.68 -2.40 10.69
CA PRO C 23 -7.60 -3.82 11.07
C PRO C 23 -7.51 -4.72 9.83
N SER C 24 -6.71 -5.78 9.90
CA SER C 24 -6.59 -6.79 8.84
C SER C 24 -7.92 -7.45 8.48
N ASN C 25 -8.79 -7.63 9.48
CA ASN C 25 -9.91 -8.55 9.41
C ASN C 25 -11.30 -7.94 9.21
N ILE C 26 -11.38 -6.64 8.92
CA ILE C 26 -12.70 -6.00 8.80
C ILE C 26 -13.47 -6.58 7.61
N SER C 27 -14.75 -6.86 7.84
CA SER C 27 -15.63 -7.52 6.86
C SER C 27 -16.33 -6.55 5.90
N SER C 28 -17.32 -7.04 5.15
CA SER C 28 -18.00 -6.24 4.14
C SER C 28 -18.89 -5.20 4.76
N TRP C 29 -19.20 -5.39 6.04
CA TRP C 29 -20.02 -4.42 6.76
C TRP C 29 -19.28 -3.10 7.04
N TRP C 30 -17.96 -3.09 6.86
CA TRP C 30 -17.14 -1.88 6.97
C TRP C 30 -17.06 -1.04 5.67
N ASN C 31 -17.56 -1.60 4.57
CA ASN C 31 -17.65 -0.92 3.28
C ASN C 31 -18.75 0.13 3.21
N PHE C 32 -19.71 0.08 4.12
CA PHE C 32 -20.87 0.95 4.05
C PHE C 32 -20.58 2.41 4.34
N GLY C 33 -19.52 2.66 5.12
CA GLY C 33 -19.06 4.04 5.33
C GLY C 33 -18.70 4.74 4.02
N SER C 34 -17.87 4.04 3.24
CA SER C 34 -17.41 4.47 1.92
C SER C 34 -18.57 4.69 1.00
N LEU C 35 -19.49 3.74 1.03
CA LEU C 35 -20.68 3.77 0.20
C LEU C 35 -21.62 4.92 0.56
N LEU C 36 -21.69 5.27 1.84
CA LEU C 36 -22.51 6.39 2.30
C LEU C 36 -21.96 7.70 1.76
N GLY C 37 -20.64 7.81 1.80
CA GLY C 37 -19.95 8.91 1.15
C GLY C 37 -20.27 9.00 -0.34
N ILE C 38 -20.20 7.86 -1.03
CA ILE C 38 -20.48 7.81 -2.46
C ILE C 38 -21.91 8.26 -2.69
N CYS C 39 -22.84 7.71 -1.90
CA CYS C 39 -24.26 8.11 -1.96
C CYS C 39 -24.42 9.60 -1.82
N LEU C 40 -23.79 10.18 -0.79
CA LEU C 40 -23.85 11.60 -0.54
C LEU C 40 -23.34 12.44 -1.73
N ILE C 41 -22.16 12.10 -2.27
CA ILE C 41 -21.61 12.80 -3.43
C ILE C 41 -22.53 12.63 -4.65
N LEU C 42 -23.03 11.40 -4.82
CA LEU C 42 -23.95 11.04 -5.90
C LEU C 42 -25.22 11.86 -5.84
N GLN C 43 -25.82 11.95 -4.65
CA GLN C 43 -27.00 12.79 -4.45
C GLN C 43 -26.71 14.26 -4.79
N ILE C 44 -25.58 14.78 -4.30
CA ILE C 44 -25.21 16.18 -4.53
C ILE C 44 -25.10 16.51 -6.03
N LEU C 45 -24.43 15.64 -6.80
CA LEU C 45 -24.23 15.85 -8.23
C LEU C 45 -25.54 15.80 -9.00
N THR C 46 -26.20 14.64 -8.92
CA THR C 46 -27.51 14.42 -9.55
C THR C 46 -28.51 15.48 -9.09
N GLY C 47 -28.48 15.78 -7.79
CA GLY C 47 -29.29 16.86 -7.23
C GLY C 47 -29.04 18.22 -7.85
N LEU C 48 -27.76 18.60 -7.94
CA LEU C 48 -27.38 19.89 -8.54
C LEU C 48 -27.78 19.99 -10.00
N PHE C 49 -27.59 18.90 -10.74
CA PHE C 49 -28.04 18.83 -12.11
C PHE C 49 -29.55 18.91 -12.29
N LEU C 50 -30.30 18.34 -11.33
CA LEU C 50 -31.75 18.48 -11.32
C LEU C 50 -32.16 19.91 -10.96
N ALA C 51 -31.44 20.52 -10.02
CA ALA C 51 -31.69 21.92 -9.59
C ALA C 51 -31.49 22.96 -10.71
N MET C 52 -30.72 22.60 -11.73
CA MET C 52 -30.53 23.42 -12.91
C MET C 52 -31.78 23.51 -13.77
N HIS C 53 -32.74 22.61 -13.54
CA HIS C 53 -33.93 22.52 -14.37
C HIS C 53 -35.26 22.64 -13.61
N TYR C 54 -35.22 22.46 -12.28
CA TYR C 54 -36.41 22.46 -11.43
C TYR C 54 -36.86 23.87 -11.04
N THR C 55 -38.15 24.03 -10.74
CA THR C 55 -38.67 25.26 -10.11
C THR C 55 -39.57 24.95 -8.90
N SER C 56 -39.39 25.74 -7.83
CA SER C 56 -40.05 25.52 -6.52
C SER C 56 -41.43 26.16 -6.40
N ASP C 57 -41.89 26.76 -7.50
CA ASP C 57 -43.23 27.35 -7.64
C ASP C 57 -44.26 26.22 -7.75
N THR C 58 -45.33 26.29 -6.94
CA THR C 58 -46.32 25.21 -6.79
C THR C 58 -47.04 24.84 -8.07
N THR C 59 -47.27 25.83 -8.92
CA THR C 59 -47.90 25.62 -10.22
C THR C 59 -46.98 24.91 -11.23
N THR C 60 -45.72 25.33 -11.30
CA THR C 60 -44.78 24.78 -12.28
C THR C 60 -43.95 23.58 -11.78
N ALA C 61 -43.99 23.28 -10.47
CA ALA C 61 -43.11 22.28 -9.85
C ALA C 61 -43.22 20.86 -10.42
N PHE C 62 -44.43 20.30 -10.38
CA PHE C 62 -44.72 19.01 -11.00
C PHE C 62 -44.33 18.99 -12.49
N SER C 63 -44.66 20.06 -13.20
CA SER C 63 -44.34 20.22 -14.63
C SER C 63 -42.84 20.21 -14.88
N SER C 64 -42.06 20.87 -14.02
CA SER C 64 -40.62 20.95 -14.21
C SER C 64 -39.98 19.58 -14.07
N VAL C 65 -40.46 18.79 -13.11
CA VAL C 65 -39.94 17.45 -12.85
C VAL C 65 -40.19 16.53 -14.03
N THR C 66 -41.35 16.68 -14.65
CA THR C 66 -41.73 15.90 -15.84
C THR C 66 -40.97 16.39 -17.08
N HIS C 67 -40.79 17.72 -17.15
CA HIS C 67 -39.99 18.37 -18.19
C HIS C 67 -38.54 17.87 -18.16
N ILE C 68 -38.03 17.61 -16.96
CA ILE C 68 -36.72 16.99 -16.77
C ILE C 68 -36.70 15.62 -17.46
N CYS C 69 -37.70 14.80 -17.16
CA CYS C 69 -37.79 13.44 -17.67
C CYS C 69 -38.08 13.32 -19.18
N ARG C 70 -38.72 14.33 -19.76
CA ARG C 70 -39.10 14.32 -21.19
C ARG C 70 -38.19 15.08 -22.15
N ASP C 71 -37.85 16.32 -21.78
CA ASP C 71 -37.17 17.26 -22.69
C ASP C 71 -35.67 17.48 -22.39
N VAL C 72 -35.30 17.58 -21.11
CA VAL C 72 -33.89 17.70 -20.68
C VAL C 72 -33.11 16.45 -21.08
N ASN C 73 -31.98 16.66 -21.73
CA ASN C 73 -31.16 15.57 -22.21
C ASN C 73 -30.67 14.66 -21.10
N TYR C 74 -31.02 13.37 -21.18
CA TYR C 74 -30.75 12.38 -20.14
C TYR C 74 -31.23 12.82 -18.76
N GLY C 75 -32.26 13.64 -18.74
CA GLY C 75 -32.80 14.19 -17.50
C GLY C 75 -33.48 13.12 -16.70
N TRP C 76 -34.11 12.18 -17.41
CA TRP C 76 -34.72 11.00 -16.81
C TRP C 76 -33.71 10.17 -16.01
N ILE C 77 -32.57 9.84 -16.60
CA ILE C 77 -31.59 8.96 -15.94
C ILE C 77 -30.98 9.67 -14.72
N ILE C 78 -30.82 10.99 -14.82
CA ILE C 78 -30.42 11.83 -13.68
C ILE C 78 -31.51 11.79 -12.57
N ARG C 79 -32.75 12.07 -12.96
CA ARG C 79 -33.89 12.08 -12.05
C ARG C 79 -34.05 10.76 -11.27
N TYR C 80 -34.07 9.64 -12.00
CA TYR C 80 -34.31 8.32 -11.40
C TYR C 80 -33.09 7.77 -10.66
N MET C 81 -31.91 8.22 -11.05
CA MET C 81 -30.72 7.98 -10.26
C MET C 81 -30.80 8.66 -8.90
N HIS C 82 -31.33 9.88 -8.89
CA HIS C 82 -31.44 10.65 -7.66
C HIS C 82 -32.50 10.09 -6.71
N ALA C 83 -33.57 9.58 -7.29
CA ALA C 83 -34.68 9.00 -6.54
C ALA C 83 -34.32 7.63 -5.97
N ASN C 84 -33.74 6.77 -6.81
CA ASN C 84 -33.26 5.48 -6.33
C ASN C 84 -31.98 5.61 -5.50
N GLY C 85 -31.21 6.66 -5.77
CA GLY C 85 -30.05 7.01 -4.97
C GLY C 85 -30.43 7.31 -3.54
N ALA C 86 -31.61 7.88 -3.34
CA ALA C 86 -32.11 8.16 -2.01
C ALA C 86 -32.43 6.86 -1.27
N SER C 87 -32.99 5.90 -2.00
CA SER C 87 -33.21 4.54 -1.47
C SER C 87 -31.91 3.84 -1.14
N MET C 88 -30.96 3.88 -2.08
CA MET C 88 -29.64 3.30 -1.86
C MET C 88 -28.94 3.91 -0.65
N PHE C 89 -29.16 5.19 -0.42
CA PHE C 89 -28.62 5.90 0.73
C PHE C 89 -29.12 5.24 2.00
N PHE C 90 -30.44 5.08 2.11
CA PHE C 90 -31.02 4.52 3.33
C PHE C 90 -30.74 3.06 3.54
N ILE C 91 -30.67 2.28 2.46
CA ILE C 91 -30.22 0.89 2.57
C ILE C 91 -28.85 0.93 3.23
N CYS C 92 -27.93 1.69 2.63
CA CYS C 92 -26.58 1.85 3.14
C CYS C 92 -26.51 2.32 4.58
N LEU C 93 -27.39 3.24 4.95
CA LEU C 93 -27.45 3.75 6.32
C LEU C 93 -27.78 2.67 7.35
N TYR C 94 -28.82 1.90 7.07
CA TYR C 94 -29.33 0.93 8.02
C TYR C 94 -28.38 -0.24 8.19
N MET C 95 -27.69 -0.58 7.11
CA MET C 95 -26.66 -1.61 7.12
C MET C 95 -25.47 -1.16 7.96
N HIS C 96 -25.07 0.10 7.75
CA HIS C 96 -23.96 0.76 8.45
C HIS C 96 -24.23 0.82 9.96
N VAL C 97 -25.48 1.10 10.34
CA VAL C 97 -25.93 1.16 11.75
C VAL C 97 -26.00 -0.23 12.36
N GLY C 98 -26.57 -1.17 11.61
CA GLY C 98 -26.68 -2.55 12.04
C GLY C 98 -25.31 -3.11 12.42
N ARG C 99 -24.32 -2.80 11.59
CA ARG C 99 -22.93 -3.17 11.82
C ARG C 99 -22.49 -2.64 13.16
N GLY C 100 -22.73 -1.33 13.36
CA GLY C 100 -22.42 -0.67 14.61
C GLY C 100 -23.04 -1.34 15.81
N LEU C 101 -24.31 -1.71 15.69
CA LEU C 101 -25.01 -2.37 16.78
C LEU C 101 -24.47 -3.75 17.08
N TYR C 102 -24.34 -4.58 16.04
CA TYR C 102 -23.93 -5.98 16.16
C TYR C 102 -22.49 -6.10 16.67
N TYR C 103 -21.60 -5.29 16.11
CA TYR C 103 -20.19 -5.36 16.48
C TYR C 103 -19.81 -4.41 17.63
N GLY C 104 -20.79 -3.73 18.20
CA GLY C 104 -20.54 -2.82 19.33
C GLY C 104 -19.67 -1.61 19.03
N SER C 105 -19.67 -1.15 17.76
CA SER C 105 -18.90 0.02 17.34
C SER C 105 -19.32 1.30 18.06
N TYR C 106 -20.59 1.32 18.53
CA TYR C 106 -21.18 2.42 19.29
C TYR C 106 -20.44 2.84 20.57
N THR C 107 -19.55 1.98 21.05
CA THR C 107 -18.66 2.34 22.16
C THR C 107 -17.78 3.55 21.81
N PHE C 108 -17.48 3.73 20.51
CA PHE C 108 -16.89 4.97 19.97
C PHE C 108 -17.88 6.13 20.06
N LEU C 109 -18.07 6.66 21.27
CA LEU C 109 -19.20 7.52 21.61
C LEU C 109 -19.44 8.70 20.69
N GLU C 110 -18.37 9.46 20.43
CA GLU C 110 -18.46 10.70 19.68
C GLU C 110 -18.81 10.37 18.25
N THR C 111 -18.04 9.44 17.66
CA THR C 111 -18.32 8.92 16.32
C THR C 111 -19.78 8.49 16.23
N TRP C 112 -20.21 7.65 17.17
CA TRP C 112 -21.60 7.15 17.23
C TRP C 112 -22.67 8.23 17.29
N ASN C 113 -22.54 9.18 18.23
CA ASN C 113 -23.52 10.26 18.37
C ASN C 113 -23.59 11.18 17.15
N ILE C 114 -22.43 11.51 16.57
CA ILE C 114 -22.37 12.25 15.31
C ILE C 114 -23.13 11.46 14.25
N GLY C 115 -22.97 10.14 14.28
CA GLY C 115 -23.76 9.23 13.45
C GLY C 115 -25.25 9.45 13.57
N VAL C 116 -25.77 9.38 14.79
CA VAL C 116 -27.18 9.68 15.08
C VAL C 116 -27.62 11.00 14.44
N ILE C 117 -26.81 12.04 14.65
CA ILE C 117 -27.03 13.34 14.00
C ILE C 117 -27.08 13.18 12.48
N LEU C 118 -26.10 12.49 11.89
CA LEU C 118 -26.06 12.31 10.45
C LEU C 118 -27.34 11.65 9.94
N LEU C 119 -27.75 10.58 10.62
CA LEU C 119 -28.97 9.85 10.30
C LEU C 119 -30.15 10.79 10.27
N LEU C 120 -30.32 11.54 11.37
CA LEU C 120 -31.41 12.49 11.50
C LEU C 120 -31.38 13.56 10.40
N THR C 121 -30.17 14.00 10.01
CA THR C 121 -30.03 15.02 8.96
C THR C 121 -30.40 14.50 7.57
N VAL C 122 -29.94 13.28 7.26
CA VAL C 122 -30.29 12.58 6.01
C VAL C 122 -31.81 12.34 5.93
N MET C 123 -32.42 11.98 7.06
CA MET C 123 -33.87 11.82 7.16
C MET C 123 -34.57 13.13 6.82
N ALA C 124 -34.18 14.22 7.48
CA ALA C 124 -34.76 15.54 7.21
C ALA C 124 -34.61 15.94 5.75
N THR C 125 -33.44 15.66 5.16
CA THR C 125 -33.18 15.97 3.76
C THR C 125 -34.16 15.19 2.87
N ALA C 126 -34.22 13.87 3.08
CA ALA C 126 -35.06 12.98 2.27
C ALA C 126 -36.56 13.19 2.42
N PHE C 127 -36.99 13.64 3.60
CA PHE C 127 -38.38 14.00 3.83
C PHE C 127 -38.79 15.19 2.95
N MET C 128 -37.97 16.23 2.95
CA MET C 128 -38.20 17.46 2.17
C MET C 128 -37.96 17.25 0.67
N GLY C 129 -37.12 16.28 0.34
CA GLY C 129 -36.85 15.92 -1.07
C GLY C 129 -38.08 15.36 -1.74
N TYR C 130 -38.72 14.39 -1.08
CA TYR C 130 -39.94 13.74 -1.56
C TYR C 130 -41.10 14.70 -1.83
N VAL C 131 -41.08 15.87 -1.19
CA VAL C 131 -42.11 16.91 -1.33
C VAL C 131 -41.94 17.66 -2.66
N LEU C 132 -40.68 17.86 -3.06
CA LEU C 132 -40.32 18.69 -4.23
C LEU C 132 -41.06 18.41 -5.54
N PRO C 133 -41.26 17.11 -5.92
CA PRO C 133 -42.05 16.78 -7.13
C PRO C 133 -43.47 17.33 -7.11
N TRP C 134 -44.02 17.50 -5.91
CA TRP C 134 -45.38 18.05 -5.69
C TRP C 134 -46.47 17.14 -6.28
N GLY C 135 -46.32 15.84 -6.06
CA GLY C 135 -47.35 14.85 -6.39
C GLY C 135 -48.23 14.65 -5.18
N GLN C 136 -49.11 13.66 -5.23
CA GLN C 136 -50.05 13.39 -4.15
C GLN C 136 -49.37 12.99 -2.84
N MET C 137 -48.59 11.90 -2.90
CA MET C 137 -47.90 11.37 -1.73
C MET C 137 -46.93 12.38 -1.15
N SER C 138 -46.30 13.17 -2.02
CA SER C 138 -45.50 14.33 -1.65
C SER C 138 -46.30 15.25 -0.73
N PHE C 139 -47.41 15.77 -1.24
CA PHE C 139 -48.20 16.79 -0.56
C PHE C 139 -48.89 16.27 0.69
N TRP C 140 -49.57 15.13 0.56
CA TRP C 140 -50.33 14.56 1.66
C TRP C 140 -49.45 13.91 2.73
N GLY C 141 -48.31 13.35 2.30
CA GLY C 141 -47.29 12.84 3.21
C GLY C 141 -46.75 13.95 4.09
N ALA C 142 -46.30 15.03 3.45
CA ALA C 142 -45.84 16.27 4.11
C ALA C 142 -46.87 16.89 5.06
N THR C 143 -48.13 16.90 4.63
CA THR C 143 -49.19 17.48 5.43
C THR C 143 -49.38 16.73 6.74
N VAL C 144 -49.57 15.41 6.66
CA VAL C 144 -49.83 14.58 7.85
C VAL C 144 -48.64 14.56 8.81
N ILE C 145 -47.44 14.32 8.28
CA ILE C 145 -46.20 14.27 9.07
C ILE C 145 -45.87 15.58 9.79
N THR C 146 -45.91 16.71 9.06
CA THR C 146 -45.62 18.03 9.64
C THR C 146 -46.62 18.33 10.74
N ASN C 147 -47.90 18.13 10.43
CA ASN C 147 -49.00 18.46 11.31
C ASN C 147 -49.03 17.65 12.61
N LEU C 148 -48.21 16.60 12.67
CA LEU C 148 -48.03 15.86 13.91
C LEU C 148 -47.50 16.76 15.05
N LEU C 149 -46.68 17.75 14.73
CA LEU C 149 -46.17 18.71 15.71
C LEU C 149 -47.21 19.54 16.43
N SER C 150 -48.44 19.59 15.91
CA SER C 150 -49.55 20.31 16.53
C SER C 150 -50.00 19.62 17.82
N ALA C 151 -49.68 18.33 17.95
CA ALA C 151 -49.95 17.57 19.16
C ALA C 151 -49.15 18.03 20.39
N ILE C 152 -48.07 18.80 20.18
CA ILE C 152 -47.38 19.50 21.29
C ILE C 152 -48.35 20.51 21.93
N PRO C 153 -48.54 20.45 23.27
CA PRO C 153 -49.42 21.41 23.93
C PRO C 153 -48.87 22.84 23.92
N TYR C 154 -49.78 23.80 24.08
CA TYR C 154 -49.51 25.23 24.07
C TYR C 154 -49.00 25.76 22.70
N ILE C 155 -47.80 25.35 22.31
CA ILE C 155 -47.09 25.93 21.15
C ILE C 155 -47.29 25.21 19.81
N GLY C 156 -47.54 23.89 19.88
CA GLY C 156 -47.56 23.01 18.72
C GLY C 156 -48.28 23.52 17.48
N THR C 157 -49.47 24.06 17.70
CA THR C 157 -50.30 24.60 16.62
C THR C 157 -49.65 25.80 15.90
N ASN C 158 -48.96 26.67 16.65
CA ASN C 158 -48.21 27.81 16.11
C ASN C 158 -47.03 27.30 15.28
N LEU C 159 -46.28 26.38 15.90
CA LEU C 159 -45.09 25.77 15.31
C LEU C 159 -45.37 25.25 13.91
N VAL C 160 -46.46 24.48 13.76
CA VAL C 160 -46.85 23.87 12.49
C VAL C 160 -47.07 24.93 11.40
N GLU C 161 -47.80 25.99 11.74
CA GLU C 161 -48.08 27.11 10.83
C GLU C 161 -46.84 27.93 10.50
N TRP C 162 -45.86 27.91 11.39
CA TRP C 162 -44.58 28.59 11.20
C TRP C 162 -43.67 27.86 10.21
N ILE C 163 -43.64 26.53 10.32
CA ILE C 163 -42.91 25.70 9.36
C ILE C 163 -43.51 25.92 7.99
N TRP C 164 -44.84 25.84 7.92
CA TRP C 164 -45.57 25.98 6.68
C TRP C 164 -45.46 27.38 6.07
N GLY C 165 -45.46 28.39 6.93
CA GLY C 165 -45.48 29.78 6.50
C GLY C 165 -46.85 30.13 5.95
N GLY C 166 -47.87 29.55 6.59
CA GLY C 166 -49.26 29.64 6.14
C GLY C 166 -50.12 28.64 6.88
N PHE C 167 -51.29 28.35 6.28
CA PHE C 167 -52.34 27.57 6.96
C PHE C 167 -52.47 26.14 6.48
N SER C 168 -51.82 25.84 5.35
CA SER C 168 -51.60 24.47 4.89
C SER C 168 -50.22 24.39 4.21
N VAL C 169 -49.86 23.21 3.72
CA VAL C 169 -48.63 23.04 2.95
C VAL C 169 -48.90 23.62 1.56
N ASP C 170 -48.31 24.79 1.29
CA ASP C 170 -48.61 25.55 0.08
C ASP C 170 -47.36 26.29 -0.47
N LYS C 171 -47.57 27.34 -1.29
CA LYS C 171 -46.51 28.12 -1.97
C LYS C 171 -45.22 28.28 -1.18
N ALA C 172 -45.36 28.92 -0.02
CA ALA C 172 -44.24 29.27 0.86
C ALA C 172 -43.52 28.05 1.42
N THR C 173 -44.27 26.95 1.59
CA THR C 173 -43.73 25.70 2.15
C THR C 173 -42.84 25.01 1.13
N LEU C 174 -43.30 24.92 -0.12
CA LEU C 174 -42.52 24.25 -1.14
C LEU C 174 -41.21 24.96 -1.44
N THR C 175 -41.26 26.29 -1.50
CA THR C 175 -40.08 27.11 -1.79
C THR C 175 -39.02 26.95 -0.70
N ARG C 176 -39.43 26.99 0.57
CA ARG C 176 -38.49 26.80 1.68
C ARG C 176 -38.00 25.37 1.80
N PHE C 177 -38.86 24.41 1.50
CA PHE C 177 -38.45 23.02 1.43
C PHE C 177 -37.38 22.77 0.38
N PHE C 178 -37.44 23.48 -0.74
CA PHE C 178 -36.38 23.44 -1.76
C PHE C 178 -35.07 24.02 -1.26
N ALA C 179 -35.15 25.14 -0.53
CA ALA C 179 -33.98 25.84 -0.04
C ALA C 179 -33.26 25.03 1.03
N PHE C 180 -34.02 24.50 1.99
CA PHE C 180 -33.50 23.63 3.03
C PHE C 180 -32.91 22.35 2.47
N HIS C 181 -33.59 21.80 1.45
CA HIS C 181 -33.19 20.56 0.81
C HIS C 181 -31.88 20.69 0.06
N PHE C 182 -31.60 21.89 -0.43
CA PHE C 182 -30.36 22.21 -1.14
C PHE C 182 -29.20 22.30 -0.14
N ILE C 183 -29.41 23.05 0.94
CA ILE C 183 -28.36 23.40 1.90
C ILE C 183 -27.92 22.24 2.81
N LEU C 184 -28.88 21.43 3.26
CA LEU C 184 -28.62 20.38 4.25
C LEU C 184 -27.56 19.33 3.88
N PRO C 185 -27.55 18.83 2.62
CA PRO C 185 -26.48 17.90 2.20
C PRO C 185 -25.08 18.42 2.43
N PHE C 186 -24.90 19.72 2.23
CA PHE C 186 -23.63 20.35 2.50
C PHE C 186 -23.34 20.39 3.97
N ILE C 187 -24.35 20.64 4.80
CA ILE C 187 -24.17 20.53 6.24
C ILE C 187 -23.84 19.08 6.61
N ILE C 188 -24.52 18.12 5.97
CA ILE C 188 -24.23 16.68 6.14
C ILE C 188 -22.75 16.36 5.88
N MET C 189 -22.25 16.86 4.75
CA MET C 189 -20.87 16.67 4.37
C MET C 189 -19.89 17.16 5.44
N ALA C 190 -20.22 18.29 6.07
CA ALA C 190 -19.40 18.85 7.11
C ALA C 190 -19.44 17.98 8.35
N ILE C 191 -20.65 17.63 8.81
CA ILE C 191 -20.83 16.76 9.97
C ILE C 191 -20.20 15.38 9.75
N ALA C 192 -20.27 14.88 8.51
CA ALA C 192 -19.60 13.64 8.12
C ALA C 192 -18.07 13.72 8.25
N MET C 193 -17.50 14.89 8.02
CA MET C 193 -16.08 15.06 8.20
C MET C 193 -15.72 15.07 9.67
N VAL C 194 -16.57 15.69 10.50
CA VAL C 194 -16.40 15.64 11.96
C VAL C 194 -16.50 14.18 12.45
N HIS C 195 -17.46 13.42 11.89
CA HIS C 195 -17.64 11.97 12.10
C HIS C 195 -16.35 11.15 11.91
N LEU C 196 -15.69 11.33 10.76
CA LEU C 196 -14.42 10.68 10.47
C LEU C 196 -13.33 11.20 11.38
N LEU C 197 -13.30 12.52 11.58
CA LEU C 197 -12.31 13.15 12.46
C LEU C 197 -12.21 12.40 13.79
N PHE C 198 -13.37 12.08 14.36
CA PHE C 198 -13.42 11.34 15.61
C PHE C 198 -13.08 9.89 15.42
N LEU C 199 -13.49 9.32 14.29
CA LEU C 199 -13.18 7.92 14.02
C LEU C 199 -11.67 7.64 13.97
N HIS C 200 -10.88 8.60 13.47
CA HIS C 200 -9.45 8.32 13.33
C HIS C 200 -8.67 8.52 14.62
N GLU C 201 -9.28 9.23 15.56
CA GLU C 201 -8.81 9.26 16.95
C GLU C 201 -8.57 7.87 17.55
N THR C 202 -9.48 6.94 17.28
CA THR C 202 -9.35 5.56 17.77
C THR C 202 -8.88 4.57 16.72
N GLY C 203 -9.15 4.85 15.44
CA GLY C 203 -9.02 3.83 14.39
C GLY C 203 -10.22 2.90 14.47
N SER C 204 -10.24 1.86 13.63
CA SER C 204 -11.49 1.12 13.48
C SER C 204 -11.67 -0.12 14.33
N ASN C 205 -12.92 -0.31 14.77
CA ASN C 205 -13.36 -1.56 15.39
C ASN C 205 -13.27 -2.70 14.36
N ASN C 206 -13.33 -3.95 14.80
CA ASN C 206 -13.36 -5.07 13.86
C ASN C 206 -14.40 -6.12 14.29
N PRO C 207 -14.66 -7.14 13.43
CA PRO C 207 -15.65 -8.17 13.78
C PRO C 207 -15.48 -8.92 15.10
N THR C 208 -14.25 -9.17 15.54
CA THR C 208 -14.00 -9.87 16.81
C THR C 208 -14.41 -9.05 18.03
N GLY C 209 -14.35 -7.72 17.89
CA GLY C 209 -14.48 -6.80 19.03
C GLY C 209 -13.24 -6.76 19.93
N ILE C 210 -12.19 -7.46 19.53
CA ILE C 210 -10.92 -7.45 20.25
C ILE C 210 -9.96 -6.52 19.52
N SER C 211 -9.16 -5.78 20.30
CA SER C 211 -8.23 -4.77 19.77
C SER C 211 -7.29 -5.35 18.71
N SER C 212 -7.16 -4.62 17.60
CA SER C 212 -6.44 -5.10 16.41
C SER C 212 -5.08 -4.45 16.15
N ASP C 213 -4.53 -3.77 17.15
CA ASP C 213 -3.22 -3.09 17.04
C ASP C 213 -2.07 -4.04 16.71
N VAL C 214 -2.21 -5.29 17.11
CA VAL C 214 -1.26 -6.35 16.82
C VAL C 214 -1.26 -6.80 15.34
N ASP C 215 -2.26 -6.34 14.58
CA ASP C 215 -2.46 -6.77 13.19
C ASP C 215 -3.17 -5.70 12.36
N LYS C 216 -2.50 -4.55 12.26
CA LYS C 216 -2.97 -3.47 11.41
C LYS C 216 -2.29 -3.55 10.05
N ILE C 217 -3.06 -3.28 9.01
CA ILE C 217 -2.55 -3.22 7.65
C ILE C 217 -2.76 -1.80 7.11
N PRO C 218 -1.92 -1.36 6.14
CA PRO C 218 -2.18 -0.03 5.59
C PRO C 218 -3.45 -0.02 4.75
N PHE C 219 -4.23 1.06 4.85
CA PHE C 219 -5.48 1.22 4.11
C PHE C 219 -5.32 1.01 2.59
N HIS C 220 -4.30 1.64 2.02
CA HIS C 220 -3.92 1.41 0.65
C HIS C 220 -2.77 0.39 0.68
N PRO C 221 -2.83 -0.68 -0.13
CA PRO C 221 -3.84 -0.88 -1.16
C PRO C 221 -5.10 -1.65 -0.72
N TYR C 222 -5.00 -2.34 0.42
CA TYR C 222 -5.95 -3.36 0.83
C TYR C 222 -7.40 -2.94 0.82
N TYR C 223 -7.68 -1.79 1.44
CA TYR C 223 -9.04 -1.30 1.54
C TYR C 223 -9.42 -0.28 0.49
N THR C 224 -8.44 0.32 -0.20
CA THR C 224 -8.78 1.10 -1.39
C THR C 224 -9.34 0.17 -2.47
N ILE C 225 -8.71 -0.99 -2.65
CA ILE C 225 -9.19 -1.95 -3.65
C ILE C 225 -10.54 -2.60 -3.28
N LYS C 226 -10.77 -2.85 -1.99
CA LYS C 226 -12.07 -3.38 -1.53
C LYS C 226 -13.17 -2.35 -1.72
N ASP C 227 -12.86 -1.11 -1.39
CA ASP C 227 -13.82 -0.04 -1.52
C ASP C 227 -14.22 0.21 -2.95
N ILE C 228 -13.26 0.10 -3.88
CA ILE C 228 -13.55 0.17 -5.31
C ILE C 228 -14.54 -0.94 -5.72
N LEU C 229 -14.30 -2.17 -5.26
CA LEU C 229 -15.19 -3.29 -5.55
C LEU C 229 -16.59 -3.07 -4.97
N GLY C 230 -16.63 -2.55 -3.73
CA GLY C 230 -17.86 -2.20 -3.03
C GLY C 230 -18.66 -1.12 -3.76
N ALA C 231 -17.96 -0.05 -4.15
CA ALA C 231 -18.52 1.03 -4.97
C ALA C 231 -19.13 0.47 -6.26
N LEU C 232 -18.43 -0.49 -6.85
CA LEU C 232 -18.89 -1.08 -8.10
C LEU C 232 -20.19 -1.84 -7.89
N LEU C 233 -20.28 -2.55 -6.77
CA LEU C 233 -21.49 -3.25 -6.36
C LEU C 233 -22.64 -2.30 -6.03
N LEU C 234 -22.31 -1.15 -5.43
CA LEU C 234 -23.33 -0.12 -5.19
C LEU C 234 -23.87 0.47 -6.50
N ILE C 235 -22.97 0.78 -7.45
CA ILE C 235 -23.39 1.24 -8.79
C ILE C 235 -24.32 0.22 -9.47
N LEU C 236 -23.98 -1.08 -9.38
CA LEU C 236 -24.81 -2.15 -9.95
C LEU C 236 -26.22 -2.11 -9.39
N ALA C 237 -26.31 -2.09 -8.05
CA ALA C 237 -27.58 -2.08 -7.36
C ALA C 237 -28.41 -0.87 -7.76
N LEU C 238 -27.79 0.31 -7.72
CA LEU C 238 -28.44 1.55 -8.10
C LEU C 238 -28.97 1.45 -9.52
N MET C 239 -28.07 1.14 -10.46
CA MET C 239 -28.41 1.12 -11.89
C MET C 239 -29.34 -0.02 -12.29
N LEU C 240 -29.35 -1.11 -11.52
CA LEU C 240 -30.35 -2.17 -11.68
C LEU C 240 -31.73 -1.61 -11.46
N LEU C 241 -31.89 -0.82 -10.40
CA LEU C 241 -33.13 -0.12 -10.14
C LEU C 241 -33.45 0.91 -11.23
N VAL C 242 -32.49 1.79 -11.55
CA VAL C 242 -32.72 2.91 -12.48
C VAL C 242 -33.07 2.45 -13.90
N LEU C 243 -32.39 1.40 -14.35
CA LEU C 243 -32.54 0.91 -15.72
C LEU C 243 -33.53 -0.23 -15.91
N PHE C 244 -33.87 -0.94 -14.84
CA PHE C 244 -34.87 -2.02 -14.92
C PHE C 244 -36.16 -1.87 -14.13
N ALA C 245 -36.12 -1.25 -12.95
CA ALA C 245 -37.36 -1.00 -12.19
C ALA C 245 -37.30 0.31 -11.40
N PRO C 246 -37.35 1.46 -12.12
CA PRO C 246 -37.17 2.74 -11.41
C PRO C 246 -38.30 3.09 -10.42
N ASP C 247 -39.50 2.55 -10.64
CA ASP C 247 -40.64 2.88 -9.79
C ASP C 247 -40.92 1.85 -8.72
N LEU C 248 -40.05 0.84 -8.62
CA LEU C 248 -40.24 -0.26 -7.68
C LEU C 248 -40.28 0.18 -6.22
N LEU C 249 -39.43 1.13 -5.86
CA LEU C 249 -39.33 1.60 -4.47
C LEU C 249 -40.14 2.87 -4.18
N GLY C 250 -40.83 3.36 -5.20
CA GLY C 250 -41.73 4.50 -5.04
C GLY C 250 -43.17 4.08 -4.93
N ASP C 251 -44.05 5.05 -5.20
CA ASP C 251 -45.49 4.88 -5.13
C ASP C 251 -46.11 5.51 -6.37
N PRO C 252 -47.13 4.84 -6.97
CA PRO C 252 -47.80 5.37 -8.16
C PRO C 252 -48.46 6.74 -7.95
N ASP C 253 -49.13 6.93 -6.82
CA ASP C 253 -49.88 8.16 -6.52
C ASP C 253 -49.04 9.45 -6.61
N ASN C 254 -47.72 9.31 -6.60
CA ASN C 254 -46.83 10.46 -6.81
C ASN C 254 -46.60 10.77 -8.30
N TYR C 255 -47.44 10.19 -9.16
CA TYR C 255 -47.45 10.55 -10.58
C TYR C 255 -48.68 11.35 -11.00
N THR C 256 -49.61 11.57 -10.07
CA THR C 256 -50.71 12.52 -10.26
C THR C 256 -50.37 13.76 -9.43
N PRO C 257 -50.57 14.98 -10.00
CA PRO C 257 -50.25 16.23 -9.29
C PRO C 257 -50.97 16.38 -7.94
N ALA C 258 -50.40 17.20 -7.07
CA ALA C 258 -50.91 17.38 -5.72
C ALA C 258 -52.27 18.05 -5.75
N ASN C 259 -53.25 17.44 -5.09
CA ASN C 259 -54.63 17.92 -5.04
C ASN C 259 -55.06 18.12 -3.60
N PRO C 260 -55.28 19.39 -3.19
CA PRO C 260 -55.66 19.67 -1.79
C PRO C 260 -57.04 19.13 -1.41
N LEU C 261 -57.86 18.75 -2.39
CA LEU C 261 -59.15 18.13 -2.13
C LEU C 261 -59.04 16.61 -2.14
N ASN C 262 -58.75 16.03 -3.30
CA ASN C 262 -58.67 14.58 -3.52
C ASN C 262 -57.61 13.85 -2.67
N THR C 263 -58.03 13.21 -1.58
CA THR C 263 -57.13 12.45 -0.69
C THR C 263 -56.86 11.06 -1.28
N PRO C 264 -55.57 10.63 -1.33
CA PRO C 264 -55.22 9.25 -1.69
C PRO C 264 -55.71 8.22 -0.67
N PRO C 265 -55.89 6.95 -1.09
CA PRO C 265 -56.48 5.95 -0.18
C PRO C 265 -55.66 5.71 1.10
N HIS C 266 -54.40 5.31 0.95
CA HIS C 266 -53.56 4.98 2.10
C HIS C 266 -52.28 5.79 2.03
N ILE C 267 -52.37 7.00 2.59
CA ILE C 267 -51.27 7.97 2.64
C ILE C 267 -50.16 7.51 3.57
N LYS C 268 -48.92 7.55 3.07
CA LYS C 268 -47.75 6.95 3.74
C LYS C 268 -46.43 7.61 3.26
N PRO C 269 -45.37 7.57 4.09
CA PRO C 269 -44.13 8.15 3.57
C PRO C 269 -43.39 7.14 2.69
N GLU C 270 -42.20 7.49 2.21
CA GLU C 270 -41.38 6.58 1.41
C GLU C 270 -40.87 5.40 2.29
N TRP C 271 -40.59 4.23 1.68
CA TRP C 271 -40.35 2.94 2.41
C TRP C 271 -39.47 2.99 3.68
N TYR C 272 -38.41 3.81 3.63
CA TYR C 272 -37.41 3.89 4.70
C TYR C 272 -37.91 4.63 5.95
N PHE C 273 -39.13 5.14 5.91
CA PHE C 273 -39.74 5.74 7.10
C PHE C 273 -40.83 4.85 7.69
N LEU C 274 -41.22 3.82 6.94
CA LEU C 274 -42.38 2.99 7.29
C LEU C 274 -42.31 2.34 8.67
N PHE C 275 -41.10 1.91 9.08
CA PHE C 275 -40.93 1.30 10.41
C PHE C 275 -41.34 2.25 11.55
N ALA C 276 -40.92 3.50 11.42
CA ALA C 276 -41.19 4.52 12.43
C ALA C 276 -42.61 5.05 12.29
N TYR C 277 -43.14 5.00 11.07
CA TYR C 277 -44.53 5.36 10.79
C TYR C 277 -45.48 4.36 11.48
N ALA C 278 -45.10 3.08 11.47
CA ALA C 278 -45.87 2.02 12.12
C ALA C 278 -45.89 2.21 13.62
N ILE C 279 -44.75 2.60 14.20
CA ILE C 279 -44.62 2.86 15.64
C ILE C 279 -45.56 3.99 16.07
N LEU C 280 -45.60 5.05 15.25
CA LEU C 280 -46.51 6.18 15.44
C LEU C 280 -47.97 5.74 15.55
N ARG C 281 -48.40 4.88 14.61
CA ARG C 281 -49.79 4.40 14.54
C ARG C 281 -50.16 3.31 15.55
N SER C 282 -49.16 2.73 16.23
CA SER C 282 -49.40 1.77 17.31
C SER C 282 -50.07 2.42 18.49
N ILE C 283 -49.51 3.56 18.92
CA ILE C 283 -50.05 4.35 20.00
C ILE C 283 -51.33 5.05 19.50
N PRO C 284 -52.48 4.84 20.18
CA PRO C 284 -53.74 5.51 19.77
C PRO C 284 -53.71 7.04 19.96
N ASN C 285 -53.12 7.50 21.07
CA ASN C 285 -52.99 8.93 21.40
C ASN C 285 -51.94 9.61 20.52
N LYS C 286 -52.27 10.81 20.04
CA LYS C 286 -51.46 11.50 19.05
C LYS C 286 -50.13 12.03 19.58
N LEU C 287 -50.15 12.72 20.72
CA LEU C 287 -48.90 13.20 21.33
C LEU C 287 -48.02 12.03 21.76
N GLY C 288 -48.65 11.00 22.32
CA GLY C 288 -47.95 9.75 22.66
C GLY C 288 -47.27 9.16 21.44
N GLY C 289 -48.03 9.08 20.33
CA GLY C 289 -47.53 8.56 19.05
C GLY C 289 -46.36 9.33 18.45
N VAL C 290 -46.37 10.65 18.60
CA VAL C 290 -45.28 11.51 18.17
C VAL C 290 -44.03 11.30 19.02
N LEU C 291 -44.21 11.24 20.34
CA LEU C 291 -43.12 10.98 21.26
C LEU C 291 -42.53 9.58 21.05
N ALA C 292 -43.35 8.64 20.58
CA ALA C 292 -42.90 7.27 20.26
C ALA C 292 -42.11 7.23 18.96
N LEU C 293 -42.61 7.91 17.93
CA LEU C 293 -41.93 8.08 16.65
C LEU C 293 -40.58 8.76 16.85
N ALA C 294 -40.57 9.79 17.69
CA ALA C 294 -39.33 10.49 18.07
C ALA C 294 -38.36 9.55 18.80
N PHE C 295 -38.86 8.83 19.80
CA PHE C 295 -38.03 7.92 20.59
C PHE C 295 -37.58 6.67 19.82
N SER C 296 -38.30 6.32 18.73
CA SER C 296 -37.90 5.17 17.89
C SER C 296 -36.55 5.39 17.15
N ILE C 297 -36.18 6.65 16.96
CA ILE C 297 -34.90 7.04 16.33
C ILE C 297 -33.86 7.46 17.38
N LEU C 298 -34.31 8.30 18.33
CA LEU C 298 -33.44 8.86 19.36
C LEU C 298 -32.89 7.79 20.30
N ILE C 299 -33.63 6.69 20.44
CA ILE C 299 -33.16 5.53 21.21
C ILE C 299 -31.75 5.07 20.79
N LEU C 300 -31.32 5.41 19.57
CA LEU C 300 -29.98 5.08 19.10
C LEU C 300 -28.91 5.68 19.99
N ALA C 301 -29.18 6.89 20.49
CA ALA C 301 -28.29 7.59 21.42
C ALA C 301 -28.22 6.89 22.77
N LEU C 302 -29.26 6.15 23.12
CA LEU C 302 -29.29 5.36 24.35
C LEU C 302 -28.47 4.07 24.34
N ILE C 303 -28.36 3.43 23.18
CA ILE C 303 -27.68 2.13 22.99
C ILE C 303 -26.35 1.96 23.74
N PRO C 304 -25.38 2.90 23.57
CA PRO C 304 -24.08 2.78 24.27
C PRO C 304 -24.18 2.69 25.78
N LEU C 305 -25.20 3.33 26.36
CA LEU C 305 -25.44 3.23 27.79
C LEU C 305 -26.03 1.88 28.18
N LEU C 306 -26.77 1.28 27.24
CA LEU C 306 -27.51 0.03 27.48
C LEU C 306 -26.66 -1.22 27.34
N HIS C 307 -25.34 -1.04 27.14
CA HIS C 307 -24.39 -2.15 26.96
C HIS C 307 -24.02 -2.80 28.27
N THR C 308 -24.19 -4.13 28.34
CA THR C 308 -23.98 -4.88 29.58
C THR C 308 -22.90 -5.93 29.44
N SER C 309 -22.69 -6.42 28.22
CA SER C 309 -21.76 -7.52 27.97
C SER C 309 -20.31 -7.09 28.18
N LYS C 310 -19.54 -7.98 28.80
CA LYS C 310 -18.11 -7.77 29.05
C LYS C 310 -17.31 -7.95 27.75
N GLN C 311 -17.94 -8.59 26.76
CA GLN C 311 -17.42 -8.70 25.39
C GLN C 311 -18.00 -7.57 24.55
N ARG C 312 -17.21 -7.07 23.59
CA ARG C 312 -17.62 -5.93 22.78
C ARG C 312 -18.52 -6.29 21.59
N SER C 313 -18.07 -7.24 20.78
CA SER C 313 -18.83 -7.69 19.61
C SER C 313 -19.83 -8.79 19.96
N MET C 314 -20.84 -8.97 19.11
CA MET C 314 -21.78 -10.07 19.25
C MET C 314 -21.28 -11.39 18.65
N MET C 315 -20.09 -11.36 18.03
CA MET C 315 -19.49 -12.53 17.41
C MET C 315 -19.46 -13.73 18.36
N PHE C 316 -19.08 -13.49 19.61
CA PHE C 316 -18.97 -14.58 20.58
C PHE C 316 -20.14 -14.62 21.56
N ARG C 317 -21.31 -14.22 21.04
CA ARG C 317 -22.48 -13.99 21.89
C ARG C 317 -23.78 -14.49 21.26
N PRO C 318 -24.08 -15.80 21.43
CA PRO C 318 -25.25 -16.48 20.86
C PRO C 318 -26.62 -15.86 21.15
N LEU C 319 -26.90 -15.56 22.42
CA LEU C 319 -28.21 -15.02 22.83
C LEU C 319 -28.48 -13.68 22.21
N SER C 320 -27.47 -12.81 22.26
CA SER C 320 -27.53 -11.48 21.68
C SER C 320 -27.69 -11.56 20.16
N GLN C 321 -26.94 -12.46 19.52
CA GLN C 321 -27.04 -12.72 18.09
C GLN C 321 -28.49 -12.93 17.67
N CYS C 322 -29.19 -13.82 18.39
CA CYS C 322 -30.56 -14.17 18.08
C CYS C 322 -31.52 -13.00 18.31
N LEU C 323 -31.36 -12.33 19.45
CA LEU C 323 -32.15 -11.15 19.76
C LEU C 323 -31.91 -10.01 18.77
N PHE C 324 -30.68 -9.91 18.26
CA PHE C 324 -30.32 -8.93 17.23
C PHE C 324 -31.09 -9.21 15.94
N TRP C 325 -31.02 -10.46 15.49
CA TRP C 325 -31.71 -10.88 14.29
C TRP C 325 -33.24 -10.84 14.46
N ALA C 326 -33.72 -11.04 15.69
CA ALA C 326 -35.11 -10.80 16.02
C ALA C 326 -35.46 -9.33 15.82
N LEU C 327 -34.62 -8.44 16.34
CA LEU C 327 -34.80 -7.00 16.18
C LEU C 327 -34.84 -6.55 14.72
N VAL C 328 -34.01 -7.20 13.89
CA VAL C 328 -33.96 -6.92 12.44
C VAL C 328 -35.27 -7.38 11.80
N ALA C 329 -35.64 -8.64 12.04
CA ALA C 329 -36.90 -9.17 11.53
C ALA C 329 -38.11 -8.37 12.00
N ASP C 330 -38.05 -7.86 13.24
CA ASP C 330 -39.11 -7.01 13.79
C ASP C 330 -39.23 -5.70 13.02
N LEU C 331 -38.07 -5.12 12.68
CA LEU C 331 -38.02 -3.87 11.90
C LEU C 331 -38.56 -4.08 10.49
N LEU C 332 -38.28 -5.25 9.92
CA LEU C 332 -38.83 -5.64 8.63
C LEU C 332 -40.36 -5.77 8.73
N THR C 333 -40.85 -6.23 9.89
CA THR C 333 -42.29 -6.34 10.17
C THR C 333 -42.94 -4.97 10.32
N LEU C 334 -42.26 -4.06 11.02
CA LEU C 334 -42.76 -2.71 11.16
C LEU C 334 -42.82 -1.97 9.83
N THR C 335 -41.88 -2.26 8.93
CA THR C 335 -41.86 -1.67 7.58
C THR C 335 -43.05 -2.19 6.76
N TRP C 336 -43.31 -3.49 6.87
CA TRP C 336 -44.47 -4.10 6.24
C TRP C 336 -45.77 -3.47 6.77
N ILE C 337 -45.94 -3.51 8.10
CA ILE C 337 -47.12 -2.98 8.78
C ILE C 337 -47.34 -1.50 8.48
N GLY C 338 -46.24 -0.75 8.41
CA GLY C 338 -46.25 0.66 8.02
C GLY C 338 -46.90 0.91 6.67
N GLY C 339 -46.68 -0.02 5.74
CA GLY C 339 -47.24 0.04 4.38
C GLY C 339 -48.72 -0.31 4.25
N GLN C 340 -49.30 -0.87 5.32
CA GLN C 340 -50.68 -1.40 5.31
C GLN C 340 -51.74 -0.38 5.73
N PRO C 341 -53.03 -0.61 5.34
CA PRO C 341 -54.15 0.17 5.89
C PRO C 341 -54.37 -0.10 7.37
N VAL C 342 -54.94 0.88 8.07
CA VAL C 342 -55.16 0.77 9.53
C VAL C 342 -56.43 -0.06 9.76
N GLU C 343 -56.23 -1.38 9.91
CA GLU C 343 -57.30 -2.37 10.11
C GLU C 343 -56.77 -3.66 10.75
N HIS C 344 -57.68 -4.57 11.08
CA HIS C 344 -57.33 -5.89 11.59
C HIS C 344 -56.81 -6.75 10.42
N PRO C 345 -55.70 -7.50 10.60
CA PRO C 345 -54.98 -7.64 11.86
C PRO C 345 -53.76 -6.72 12.03
N TYR C 346 -53.61 -5.77 11.11
CA TYR C 346 -52.42 -4.92 11.02
C TYR C 346 -52.24 -3.96 12.19
N ILE C 347 -53.33 -3.66 12.89
CA ILE C 347 -53.25 -2.81 14.07
C ILE C 347 -52.57 -3.59 15.19
N THR C 348 -53.11 -4.77 15.51
CA THR C 348 -52.59 -5.61 16.61
C THR C 348 -51.16 -6.10 16.36
N ILE C 349 -50.88 -6.57 15.13
CA ILE C 349 -49.52 -6.92 14.70
C ILE C 349 -48.56 -5.73 14.93
N GLY C 350 -48.97 -4.56 14.44
CA GLY C 350 -48.24 -3.30 14.61
C GLY C 350 -47.95 -2.91 16.06
N GLN C 351 -48.99 -3.02 16.90
CA GLN C 351 -48.85 -2.77 18.32
C GLN C 351 -47.83 -3.75 18.91
N LEU C 352 -48.04 -5.03 18.63
CA LEU C 352 -47.15 -6.08 19.11
C LEU C 352 -45.72 -5.94 18.60
N ALA C 353 -45.54 -5.53 17.35
CA ALA C 353 -44.21 -5.29 16.81
C ALA C 353 -43.51 -4.10 17.49
N SER C 354 -44.27 -3.02 17.73
CA SER C 354 -43.74 -1.81 18.39
C SER C 354 -43.36 -2.04 19.84
N VAL C 355 -44.15 -2.82 20.57
CA VAL C 355 -43.82 -3.24 21.94
C VAL C 355 -42.51 -4.05 21.89
N LEU C 356 -42.42 -4.99 20.95
CA LEU C 356 -41.23 -5.84 20.79
C LEU C 356 -39.96 -5.07 20.44
N TYR C 357 -40.09 -4.02 19.63
CA TYR C 357 -38.94 -3.19 19.26
C TYR C 357 -38.29 -2.59 20.48
N PHE C 358 -39.07 -1.87 21.28
CA PHE C 358 -38.56 -1.21 22.47
C PHE C 358 -38.15 -2.22 23.55
N LEU C 359 -38.87 -3.34 23.61
CA LEU C 359 -38.58 -4.39 24.58
C LEU C 359 -37.20 -5.00 24.31
N LEU C 360 -36.92 -5.27 23.04
CA LEU C 360 -35.63 -5.80 22.60
C LEU C 360 -34.45 -4.91 22.98
N ILE C 361 -34.57 -3.62 22.72
CA ILE C 361 -33.49 -2.65 22.95
C ILE C 361 -33.33 -2.32 24.43
N LEU C 362 -34.45 -2.06 25.12
CA LEU C 362 -34.43 -1.59 26.49
C LEU C 362 -34.34 -2.65 27.58
N VAL C 363 -34.77 -3.87 27.29
CA VAL C 363 -34.89 -4.91 28.34
C VAL C 363 -34.17 -6.20 27.99
N LEU C 364 -34.56 -6.82 26.87
CA LEU C 364 -34.12 -8.18 26.53
C LEU C 364 -32.63 -8.30 26.18
N MET C 365 -32.13 -7.43 25.30
CA MET C 365 -30.70 -7.44 24.89
C MET C 365 -29.74 -7.02 25.98
N PRO C 366 -30.15 -6.07 26.86
CA PRO C 366 -29.35 -5.85 28.06
C PRO C 366 -29.28 -7.08 28.97
N THR C 367 -30.42 -7.72 29.21
CA THR C 367 -30.48 -8.89 30.09
C THR C 367 -29.67 -10.03 29.49
N ALA C 368 -29.79 -10.21 28.18
CA ALA C 368 -29.05 -11.24 27.43
C ALA C 368 -27.54 -11.08 27.60
N GLY C 369 -27.06 -9.83 27.57
CA GLY C 369 -25.66 -9.52 27.84
C GLY C 369 -25.22 -10.03 29.20
N THR C 370 -26.03 -9.73 30.22
CA THR C 370 -25.76 -10.12 31.61
C THR C 370 -25.86 -11.62 31.85
N ILE C 371 -26.80 -12.28 31.15
CA ILE C 371 -26.91 -13.74 31.15
C ILE C 371 -25.65 -14.40 30.56
N GLU C 372 -25.21 -13.87 29.41
CA GLU C 372 -24.00 -14.33 28.74
C GLU C 372 -22.77 -14.24 29.63
N ASN C 373 -22.66 -13.13 30.35
CA ASN C 373 -21.57 -12.90 31.28
C ASN C 373 -21.57 -13.95 32.38
N LYS C 374 -22.72 -14.11 33.05
CA LYS C 374 -22.89 -15.10 34.10
C LYS C 374 -22.67 -16.55 33.62
N LEU C 375 -22.87 -16.80 32.31
CA LEU C 375 -22.55 -18.11 31.70
C LEU C 375 -21.05 -18.34 31.51
N LEU C 376 -20.29 -17.25 31.41
CA LEU C 376 -18.83 -17.29 31.27
C LEU C 376 -18.09 -17.14 32.60
N LYS C 377 -18.84 -17.10 33.70
CA LYS C 377 -18.31 -16.81 35.05
C LYS C 377 -17.66 -15.42 35.04
N TRP C 378 -18.47 -14.40 34.74
CA TRP C 378 -17.99 -13.02 34.60
C TRP C 378 -18.79 -12.04 35.44
N ASP D 1 -66.57 -3.29 -0.44
CA ASP D 1 -65.19 -2.84 -0.74
C ASP D 1 -64.17 -4.00 -0.82
N LEU D 2 -64.53 -5.04 -1.56
CA LEU D 2 -63.56 -6.11 -1.90
C LEU D 2 -62.69 -5.61 -3.06
N GLU D 3 -61.63 -6.34 -3.38
CA GLU D 3 -60.72 -5.90 -4.45
C GLU D 3 -60.29 -7.01 -5.42
N LEU D 4 -60.43 -6.74 -6.71
CA LEU D 4 -59.93 -7.65 -7.77
C LEU D 4 -58.80 -6.97 -8.53
N HIS D 5 -57.58 -7.42 -8.27
CA HIS D 5 -56.37 -6.89 -8.91
C HIS D 5 -56.20 -7.54 -10.29
N PRO D 6 -55.58 -6.83 -11.27
CA PRO D 6 -55.51 -7.34 -12.65
C PRO D 6 -54.51 -8.48 -12.83
N PRO D 7 -54.73 -9.37 -13.82
CA PRO D 7 -53.71 -10.40 -14.10
C PRO D 7 -52.59 -9.85 -14.98
N SER D 8 -51.47 -10.56 -15.04
CA SER D 8 -50.31 -10.13 -15.80
C SER D 8 -50.34 -10.64 -17.23
N TYR D 9 -50.74 -9.76 -18.13
CA TYR D 9 -50.79 -10.07 -19.55
C TYR D 9 -49.37 -10.08 -20.13
N PRO D 10 -49.06 -11.05 -21.02
CA PRO D 10 -47.69 -11.09 -21.52
C PRO D 10 -47.49 -10.09 -22.66
N TRP D 11 -47.24 -8.84 -22.29
CA TRP D 11 -47.01 -7.74 -23.23
C TRP D 11 -45.73 -7.95 -24.02
N SER D 12 -45.67 -7.33 -25.20
CA SER D 12 -44.49 -7.40 -26.06
C SER D 12 -43.27 -6.68 -25.46
N HIS D 13 -43.50 -5.89 -24.41
CA HIS D 13 -42.48 -5.16 -23.65
C HIS D 13 -42.34 -5.56 -22.17
N ARG D 14 -42.93 -6.71 -21.79
CA ARG D 14 -42.92 -7.22 -20.40
C ARG D 14 -41.50 -7.53 -19.89
N GLY D 15 -40.67 -8.15 -20.73
CA GLY D 15 -39.33 -8.65 -20.36
C GLY D 15 -38.27 -7.60 -20.08
N LEU D 16 -37.12 -8.06 -19.58
CA LEU D 16 -36.00 -7.18 -19.18
C LEU D 16 -35.47 -6.29 -20.30
N LEU D 17 -35.21 -6.91 -21.46
CA LEU D 17 -34.58 -6.23 -22.60
C LEU D 17 -35.55 -5.97 -23.75
N SER D 18 -36.85 -6.18 -23.48
CA SER D 18 -37.90 -6.08 -24.49
C SER D 18 -38.40 -4.65 -24.69
N SER D 19 -38.29 -4.16 -25.93
CA SER D 19 -38.71 -2.81 -26.27
C SER D 19 -40.21 -2.77 -26.53
N LEU D 20 -40.76 -1.56 -26.61
CA LEU D 20 -42.14 -1.36 -27.01
C LEU D 20 -42.32 -1.66 -28.50
N ASP D 21 -43.45 -2.30 -28.82
CA ASP D 21 -43.91 -2.45 -30.21
C ASP D 21 -44.41 -1.07 -30.69
N HIS D 22 -43.57 -0.38 -31.45
CA HIS D 22 -43.87 0.98 -31.91
C HIS D 22 -45.07 1.07 -32.82
N THR D 23 -45.25 0.06 -33.66
CA THR D 23 -46.41 -0.01 -34.53
C THR D 23 -47.63 0.02 -33.61
N SER D 24 -47.61 -0.84 -32.58
CA SER D 24 -48.62 -0.82 -31.53
C SER D 24 -48.86 0.60 -31.00
N ILE D 25 -47.78 1.33 -30.69
CA ILE D 25 -47.87 2.74 -30.25
C ILE D 25 -48.60 3.62 -31.27
N ARG D 26 -48.29 3.43 -32.56
CA ARG D 26 -48.89 4.18 -33.68
C ARG D 26 -50.41 3.97 -33.76
N ARG D 27 -50.85 2.73 -33.53
CA ARG D 27 -52.26 2.39 -33.47
C ARG D 27 -52.87 3.00 -32.22
N GLY D 28 -52.20 2.78 -31.09
CA GLY D 28 -52.62 3.26 -29.78
C GLY D 28 -52.82 4.75 -29.68
N PHE D 29 -51.99 5.52 -30.40
CA PHE D 29 -52.15 6.96 -30.53
C PHE D 29 -53.51 7.31 -31.14
N GLN D 30 -53.85 6.61 -32.22
CA GLN D 30 -55.10 6.82 -32.91
C GLN D 30 -56.29 6.46 -32.04
N VAL D 31 -56.11 5.50 -31.13
CA VAL D 31 -57.14 5.16 -30.15
C VAL D 31 -57.37 6.29 -29.13
N TYR D 32 -56.30 7.00 -28.79
CA TYR D 32 -56.43 8.23 -28.00
C TYR D 32 -57.12 9.33 -28.82
N LYS D 33 -56.64 9.56 -30.04
CA LYS D 33 -57.13 10.59 -30.96
C LYS D 33 -58.62 10.46 -31.25
N GLN D 34 -59.03 9.30 -31.75
CA GLN D 34 -60.40 9.07 -32.20
C GLN D 34 -61.39 8.96 -31.03
N VAL D 35 -60.93 8.42 -29.90
CA VAL D 35 -61.83 8.06 -28.78
C VAL D 35 -61.68 8.92 -27.51
N CYS D 36 -60.48 9.00 -26.94
CA CYS D 36 -60.32 9.63 -25.58
C CYS D 36 -59.88 11.10 -25.56
N SER D 37 -59.61 11.73 -26.70
CA SER D 37 -59.19 13.15 -26.72
C SER D 37 -60.32 14.19 -26.65
N SER D 38 -61.56 13.72 -26.61
CA SER D 38 -62.71 14.56 -26.39
C SER D 38 -63.13 14.60 -24.91
N CYS D 39 -62.42 13.85 -24.07
CA CYS D 39 -62.71 13.77 -22.63
C CYS D 39 -61.45 13.90 -21.79
N HIS D 40 -60.39 13.19 -22.18
CA HIS D 40 -59.11 13.23 -21.47
C HIS D 40 -58.12 14.14 -22.13
N SER D 41 -57.47 14.95 -21.31
CA SER D 41 -56.31 15.72 -21.73
C SER D 41 -55.08 14.81 -21.69
N MET D 42 -54.03 15.22 -22.40
CA MET D 42 -52.74 14.57 -22.31
C MET D 42 -51.65 15.63 -22.49
N ASP D 43 -51.47 16.42 -21.43
CA ASP D 43 -50.78 17.70 -21.51
C ASP D 43 -49.28 17.62 -21.80
N TYR D 44 -48.65 16.53 -21.38
CA TYR D 44 -47.18 16.42 -21.44
C TYR D 44 -46.65 15.79 -22.75
N VAL D 45 -47.57 15.39 -23.64
CA VAL D 45 -47.20 14.85 -24.95
C VAL D 45 -47.47 15.90 -26.03
N ALA D 46 -46.44 16.27 -26.77
CA ALA D 46 -46.59 17.19 -27.91
C ALA D 46 -46.49 16.43 -29.22
N TYR D 47 -46.86 17.09 -30.32
CA TYR D 47 -46.84 16.48 -31.67
C TYR D 47 -45.43 16.13 -32.15
N ARG D 48 -44.44 16.89 -31.66
CA ARG D 48 -43.04 16.60 -31.94
C ARG D 48 -42.58 15.28 -31.31
N HIS D 49 -43.13 14.92 -30.15
CA HIS D 49 -42.74 13.70 -29.43
C HIS D 49 -43.00 12.42 -30.23
N LEU D 50 -44.00 12.47 -31.09
CA LEU D 50 -44.34 11.34 -31.94
C LEU D 50 -43.24 11.02 -32.96
N VAL D 51 -42.48 12.03 -33.38
CA VAL D 51 -41.44 11.89 -34.42
C VAL D 51 -40.34 10.92 -33.98
N GLY D 52 -40.01 9.97 -34.85
CA GLY D 52 -38.97 8.96 -34.59
C GLY D 52 -39.40 7.87 -33.61
N VAL D 53 -40.70 7.79 -33.36
CA VAL D 53 -41.27 6.86 -32.39
C VAL D 53 -42.39 6.06 -33.08
N CYS D 54 -43.44 6.77 -33.51
CA CYS D 54 -44.55 6.16 -34.22
C CYS D 54 -44.86 6.84 -35.56
N TYR D 55 -44.45 8.09 -35.73
CA TYR D 55 -44.70 8.83 -36.97
C TYR D 55 -43.44 9.51 -37.47
N THR D 56 -43.37 9.81 -38.76
CA THR D 56 -42.27 10.58 -39.32
C THR D 56 -42.45 12.05 -38.97
N GLU D 57 -41.47 12.87 -39.32
CA GLU D 57 -41.58 14.31 -39.13
C GLU D 57 -42.77 14.88 -39.93
N ASP D 58 -42.86 14.43 -41.18
CA ASP D 58 -43.92 14.85 -42.09
C ASP D 58 -45.33 14.41 -41.66
N GLU D 59 -45.46 13.17 -41.18
CA GLU D 59 -46.75 12.66 -40.67
C GLU D 59 -47.22 13.42 -39.43
N ALA D 60 -46.28 13.66 -38.51
CA ALA D 60 -46.55 14.38 -37.27
C ALA D 60 -46.89 15.85 -37.51
N LYS D 61 -46.31 16.45 -38.56
CA LYS D 61 -46.66 17.80 -39.00
C LYS D 61 -48.13 17.87 -39.48
N ALA D 62 -48.56 16.84 -40.22
CA ALA D 62 -49.93 16.72 -40.69
C ALA D 62 -50.92 16.57 -39.53
N LEU D 63 -50.55 15.73 -38.55
CA LEU D 63 -51.35 15.52 -37.34
C LEU D 63 -51.49 16.77 -36.51
N ALA D 64 -50.44 17.59 -36.50
CA ALA D 64 -50.42 18.84 -35.76
C ALA D 64 -51.28 19.89 -36.43
N GLU D 65 -51.16 19.99 -37.75
CA GLU D 65 -51.90 20.95 -38.57
C GLU D 65 -53.42 20.74 -38.52
N GLU D 66 -53.83 19.49 -38.27
CA GLU D 66 -55.24 19.11 -38.16
C GLU D 66 -56.04 19.79 -37.04
N VAL D 67 -55.35 20.29 -36.01
CA VAL D 67 -56.04 20.76 -34.81
C VAL D 67 -56.01 22.29 -34.63
N GLU D 68 -57.07 22.82 -34.00
CA GLU D 68 -57.17 24.20 -33.54
C GLU D 68 -56.31 24.43 -32.30
N VAL D 69 -55.74 25.63 -32.19
CA VAL D 69 -55.08 26.06 -30.94
C VAL D 69 -55.03 27.58 -30.86
N GLN D 70 -55.21 28.10 -29.65
CA GLN D 70 -55.13 29.52 -29.40
C GLN D 70 -53.67 29.96 -29.40
N ASP D 71 -53.42 31.16 -29.93
CA ASP D 71 -52.10 31.83 -29.89
C ASP D 71 -52.31 33.34 -29.79
N GLY D 72 -51.33 34.04 -29.23
CA GLY D 72 -51.37 35.49 -29.13
C GLY D 72 -50.47 36.09 -28.06
N PRO D 73 -50.62 37.39 -27.81
CA PRO D 73 -51.50 38.24 -28.62
C PRO D 73 -50.81 38.74 -29.89
N ASN D 74 -51.62 39.13 -30.88
CA ASN D 74 -51.11 39.82 -32.06
C ASN D 74 -50.95 41.31 -31.72
N GLU D 75 -50.40 42.10 -32.65
CA GLU D 75 -50.08 43.53 -32.42
C GLU D 75 -51.31 44.38 -32.00
N ASP D 76 -52.50 43.95 -32.42
CA ASP D 76 -53.76 44.59 -32.05
C ASP D 76 -54.13 44.37 -30.58
N GLY D 77 -53.63 43.28 -30.00
CA GLY D 77 -53.91 42.91 -28.61
C GLY D 77 -55.06 41.93 -28.46
N GLU D 78 -55.19 41.01 -29.43
CA GLU D 78 -56.25 40.00 -29.42
C GLU D 78 -55.68 38.59 -29.47
N MET D 79 -56.47 37.64 -28.97
CA MET D 79 -56.07 36.22 -28.95
C MET D 79 -56.72 35.48 -30.11
N PHE D 80 -55.93 35.07 -31.08
CA PHE D 80 -56.46 34.38 -32.26
C PHE D 80 -56.36 32.85 -32.17
N MET D 81 -56.98 32.17 -33.14
CA MET D 81 -56.90 30.71 -33.28
C MET D 81 -56.12 30.38 -34.55
N ARG D 82 -55.19 29.43 -34.44
CA ARG D 82 -54.30 29.06 -35.56
C ARG D 82 -54.15 27.53 -35.75
N PRO D 83 -53.72 27.10 -36.96
CA PRO D 83 -53.39 25.68 -37.17
C PRO D 83 -52.14 25.26 -36.40
N GLY D 84 -52.21 24.09 -35.76
CA GLY D 84 -51.14 23.59 -34.89
C GLY D 84 -49.84 23.23 -35.58
N LYS D 85 -48.78 23.17 -34.78
CA LYS D 85 -47.44 22.87 -35.25
C LYS D 85 -46.83 21.83 -34.31
N LEU D 86 -45.63 21.36 -34.61
CA LEU D 86 -44.96 20.32 -33.84
C LEU D 86 -44.69 20.73 -32.39
N SER D 87 -44.39 22.01 -32.22
CA SER D 87 -44.09 22.60 -30.91
C SER D 87 -45.28 22.68 -29.96
N ASP D 88 -46.50 22.58 -30.50
CA ASP D 88 -47.72 22.53 -29.68
C ASP D 88 -47.90 21.19 -29.00
N TYR D 89 -48.39 21.23 -27.76
CA TYR D 89 -48.78 20.04 -27.02
C TYR D 89 -50.19 19.59 -27.45
N PHE D 90 -50.55 18.36 -27.10
CA PHE D 90 -51.89 17.82 -27.37
C PHE D 90 -52.95 18.64 -26.66
N PRO D 91 -53.97 19.09 -27.40
CA PRO D 91 -54.88 20.09 -26.83
C PRO D 91 -55.89 19.49 -25.85
N LYS D 92 -56.09 20.19 -24.72
CA LYS D 92 -57.06 19.81 -23.69
C LYS D 92 -58.49 19.93 -24.25
N PRO D 93 -59.38 18.96 -23.93
CA PRO D 93 -60.79 19.06 -24.34
C PRO D 93 -61.49 20.29 -23.77
N TYR D 94 -61.34 20.53 -22.46
CA TYR D 94 -62.01 21.63 -21.78
C TYR D 94 -60.99 22.69 -21.39
N PRO D 95 -61.44 23.95 -21.11
CA PRO D 95 -60.50 24.98 -20.66
C PRO D 95 -59.93 24.75 -19.24
N ASN D 96 -60.66 24.00 -18.42
CA ASN D 96 -60.33 23.82 -16.99
C ASN D 96 -61.03 22.59 -16.40
N PRO D 97 -60.67 22.20 -15.15
CA PRO D 97 -61.33 21.05 -14.51
C PRO D 97 -62.83 21.26 -14.25
N GLU D 98 -63.23 22.48 -13.90
CA GLU D 98 -64.63 22.82 -13.62
C GLU D 98 -65.56 22.59 -14.80
N ALA D 99 -65.08 22.93 -16.00
CA ALA D 99 -65.78 22.65 -17.26
C ALA D 99 -65.88 21.13 -17.53
N ALA D 100 -64.80 20.41 -17.25
CA ALA D 100 -64.74 18.96 -17.43
C ALA D 100 -65.77 18.19 -16.61
N ARG D 101 -65.94 18.61 -15.35
CA ARG D 101 -66.88 18.00 -14.39
C ARG D 101 -68.31 18.12 -14.89
N ALA D 102 -68.65 19.31 -15.39
CA ALA D 102 -69.98 19.60 -15.93
C ALA D 102 -70.37 18.70 -17.10
N ALA D 103 -69.40 18.40 -17.97
CA ALA D 103 -69.63 17.57 -19.15
C ALA D 103 -69.73 16.07 -18.84
N ASN D 104 -69.28 15.67 -17.65
CA ASN D 104 -69.27 14.25 -17.25
C ASN D 104 -70.01 13.98 -15.92
N ASN D 105 -70.93 14.87 -15.57
CA ASN D 105 -71.74 14.80 -14.33
C ASN D 105 -70.93 14.61 -13.04
N GLY D 106 -70.19 15.65 -12.70
CA GLY D 106 -69.45 15.72 -11.43
C GLY D 106 -68.05 15.15 -11.50
N ALA D 107 -67.92 13.96 -12.09
CA ALA D 107 -66.65 13.25 -12.21
C ALA D 107 -65.72 13.92 -13.22
N LEU D 108 -64.45 14.06 -12.82
CA LEU D 108 -63.40 14.62 -13.66
C LEU D 108 -62.59 13.50 -14.33
N PRO D 109 -62.57 13.48 -15.68
CA PRO D 109 -61.71 12.53 -16.42
C PRO D 109 -60.22 12.85 -16.21
N PRO D 110 -59.42 11.90 -15.65
CA PRO D 110 -58.01 12.18 -15.39
C PRO D 110 -57.17 12.34 -16.65
N ASP D 111 -56.15 13.20 -16.58
CA ASP D 111 -55.17 13.36 -17.65
C ASP D 111 -54.48 12.02 -17.89
N LEU D 112 -54.24 11.68 -19.15
CA LEU D 112 -53.72 10.35 -19.47
C LEU D 112 -52.19 10.23 -19.62
N SER D 113 -51.48 11.35 -19.52
CA SER D 113 -50.02 11.40 -19.71
C SER D 113 -49.25 10.40 -18.87
N TYR D 114 -49.67 10.25 -17.62
CA TYR D 114 -48.98 9.38 -16.67
C TYR D 114 -49.82 8.25 -16.13
N ILE D 115 -50.94 7.95 -16.77
CA ILE D 115 -51.93 7.05 -16.19
C ILE D 115 -51.41 5.63 -15.92
N VAL D 116 -50.48 5.17 -16.76
CA VAL D 116 -49.87 3.87 -16.58
C VAL D 116 -48.97 3.87 -15.34
N ARG D 117 -48.22 4.96 -15.15
CA ARG D 117 -47.34 5.12 -14.00
C ARG D 117 -48.09 5.50 -12.71
N ALA D 118 -49.26 6.12 -12.87
CA ALA D 118 -50.04 6.64 -11.74
C ALA D 118 -51.07 5.66 -11.16
N ARG D 119 -51.19 4.48 -11.77
CA ARG D 119 -52.07 3.43 -11.26
C ARG D 119 -51.34 2.10 -11.05
N HIS D 120 -51.55 1.49 -9.89
CA HIS D 120 -51.07 0.15 -9.55
C HIS D 120 -51.51 -0.85 -10.63
N GLY D 121 -50.55 -1.56 -11.21
CA GLY D 121 -50.86 -2.54 -12.24
C GLY D 121 -50.53 -2.04 -13.63
N GLY D 122 -50.60 -0.72 -13.83
CA GLY D 122 -50.12 -0.07 -15.04
C GLY D 122 -50.94 -0.41 -16.27
N GLU D 123 -50.26 -0.86 -17.32
CA GLU D 123 -50.94 -1.28 -18.55
C GLU D 123 -51.81 -2.55 -18.36
N ASP D 124 -51.41 -3.45 -17.46
CA ASP D 124 -52.25 -4.58 -17.02
C ASP D 124 -53.56 -4.10 -16.42
N TYR D 125 -53.49 -3.05 -15.60
CA TYR D 125 -54.67 -2.48 -14.98
C TYR D 125 -55.59 -1.83 -16.00
N VAL D 126 -55.04 -0.95 -16.84
CA VAL D 126 -55.84 -0.20 -17.81
C VAL D 126 -56.54 -1.14 -18.80
N PHE D 127 -55.79 -2.13 -19.29
CA PHE D 127 -56.33 -3.17 -20.19
C PHE D 127 -57.50 -3.94 -19.58
N SER D 128 -57.34 -4.35 -18.32
CA SER D 128 -58.41 -5.00 -17.59
C SER D 128 -59.62 -4.10 -17.42
N LEU D 129 -59.39 -2.81 -17.15
CA LEU D 129 -60.48 -1.84 -16.97
C LEU D 129 -61.29 -1.64 -18.26
N LEU D 130 -60.57 -1.45 -19.36
CA LEU D 130 -61.19 -1.21 -20.69
C LEU D 130 -61.97 -2.41 -21.25
N THR D 131 -61.48 -3.62 -20.97
CA THR D 131 -62.12 -4.85 -21.45
C THR D 131 -63.03 -5.49 -20.41
N GLY D 132 -62.95 -5.01 -19.17
CA GLY D 132 -63.65 -5.64 -18.04
C GLY D 132 -65.07 -5.18 -17.75
N TYR D 133 -65.55 -4.16 -18.47
CA TYR D 133 -66.93 -3.68 -18.34
C TYR D 133 -67.94 -4.81 -18.55
N CYS D 134 -68.82 -5.00 -17.57
CA CYS D 134 -69.83 -6.07 -17.63
C CYS D 134 -71.10 -5.68 -16.86
N GLU D 135 -72.18 -6.44 -17.06
CA GLU D 135 -73.47 -6.23 -16.36
C GLU D 135 -73.29 -6.51 -14.86
N PRO D 136 -73.91 -5.68 -13.98
CA PRO D 136 -73.78 -5.79 -12.52
C PRO D 136 -74.28 -7.13 -11.97
N PRO D 137 -73.74 -7.59 -10.83
CA PRO D 137 -74.30 -8.80 -10.20
C PRO D 137 -75.58 -8.48 -9.42
N THR D 138 -76.32 -9.54 -9.06
CA THR D 138 -77.51 -9.46 -8.21
C THR D 138 -77.28 -8.58 -6.96
N GLY D 139 -78.31 -7.82 -6.58
CA GLY D 139 -78.29 -6.95 -5.40
C GLY D 139 -77.42 -5.71 -5.50
N VAL D 140 -77.28 -5.17 -6.71
CA VAL D 140 -76.39 -4.04 -6.99
C VAL D 140 -77.03 -3.06 -7.98
N SER D 141 -76.99 -1.76 -7.65
CA SER D 141 -77.30 -0.68 -8.60
C SER D 141 -76.64 0.62 -8.13
N LEU D 142 -76.01 1.35 -9.05
CA LEU D 142 -75.32 2.62 -8.71
C LEU D 142 -76.13 3.86 -9.15
N ARG D 143 -75.62 5.07 -8.84
CA ARG D 143 -76.18 6.36 -9.31
C ARG D 143 -76.24 6.41 -10.84
N GLU D 144 -77.29 7.03 -11.40
CA GLU D 144 -77.56 6.94 -12.85
C GLU D 144 -76.44 7.62 -13.67
N GLY D 145 -75.51 6.80 -14.17
CA GLY D 145 -74.34 7.28 -14.88
C GLY D 145 -73.04 6.65 -14.42
N LEU D 146 -73.04 6.13 -13.19
CA LEU D 146 -71.95 5.30 -12.67
C LEU D 146 -72.17 3.84 -13.13
N TYR D 147 -71.29 3.37 -14.02
CA TYR D 147 -71.33 2.02 -14.58
C TYR D 147 -70.61 1.01 -13.69
N PHE D 148 -70.85 -0.27 -13.93
CA PHE D 148 -70.16 -1.35 -13.21
C PHE D 148 -68.88 -1.81 -13.94
N ASN D 149 -67.75 -1.73 -13.25
CA ASN D 149 -66.47 -2.24 -13.72
C ASN D 149 -65.89 -2.87 -12.47
N PRO D 150 -65.51 -4.14 -12.56
CA PRO D 150 -65.02 -4.90 -11.40
C PRO D 150 -63.61 -4.52 -11.01
N TYR D 151 -62.79 -4.13 -11.99
CA TYR D 151 -61.40 -3.76 -11.74
C TYR D 151 -61.24 -2.40 -11.06
N PHE D 152 -62.26 -1.54 -11.18
CA PHE D 152 -62.25 -0.23 -10.53
C PHE D 152 -62.48 -0.39 -9.02
N PRO D 153 -61.74 0.39 -8.22
CA PRO D 153 -61.91 0.34 -6.76
C PRO D 153 -63.30 0.82 -6.33
N GLY D 154 -63.93 0.05 -5.44
CA GLY D 154 -65.30 0.31 -5.03
C GLY D 154 -66.31 -0.22 -6.03
N GLN D 155 -65.84 -1.00 -7.01
CA GLN D 155 -66.67 -1.76 -7.97
C GLN D 155 -67.53 -0.92 -8.97
N ALA D 156 -67.53 0.40 -8.83
CA ALA D 156 -68.36 1.27 -9.68
C ALA D 156 -67.63 2.52 -10.17
N ILE D 157 -67.64 2.72 -11.50
CA ILE D 157 -66.91 3.80 -12.17
C ILE D 157 -67.81 4.71 -13.00
N GLY D 158 -67.40 5.95 -13.17
CA GLY D 158 -68.18 6.95 -13.89
C GLY D 158 -67.66 7.20 -15.28
N MET D 159 -67.32 6.14 -16.00
CA MET D 159 -66.94 6.23 -17.42
C MET D 159 -67.72 5.22 -18.24
N ALA D 160 -68.35 5.71 -19.31
CA ALA D 160 -69.05 4.85 -20.27
C ALA D 160 -68.01 4.02 -21.01
N PRO D 161 -68.24 2.68 -21.13
CA PRO D 161 -67.38 1.73 -21.84
C PRO D 161 -66.95 2.56 -23.04
N PRO D 162 -65.63 2.80 -23.25
CA PRO D 162 -65.15 3.64 -24.34
C PRO D 162 -64.68 2.89 -25.61
N ILE D 163 -64.33 1.61 -25.45
CA ILE D 163 -63.88 0.80 -26.58
C ILE D 163 -64.87 -0.36 -26.82
N TYR D 164 -65.06 -0.69 -28.10
CA TYR D 164 -65.88 -1.82 -28.56
C TYR D 164 -65.41 -2.21 -29.95
N ASN D 165 -65.98 -3.28 -30.51
CA ASN D 165 -65.56 -3.76 -31.83
C ASN D 165 -65.83 -2.72 -32.92
N GLU D 166 -64.79 -2.42 -33.68
CA GLU D 166 -64.82 -1.45 -34.79
C GLU D 166 -65.21 -0.01 -34.38
N VAL D 167 -64.72 0.47 -33.24
CA VAL D 167 -64.90 1.87 -32.82
C VAL D 167 -64.07 2.82 -33.69
N LEU D 168 -63.08 2.26 -34.39
CA LEU D 168 -62.17 3.02 -35.24
C LEU D 168 -61.56 2.10 -36.29
N GLU D 169 -61.37 2.62 -37.51
CA GLU D 169 -60.62 1.89 -38.54
C GLU D 169 -59.15 2.32 -38.48
N PHE D 170 -58.25 1.37 -38.19
CA PHE D 170 -56.82 1.65 -38.05
C PHE D 170 -56.17 1.98 -39.38
N ASP D 171 -55.15 2.86 -39.36
CA ASP D 171 -54.43 3.24 -40.58
C ASP D 171 -53.77 2.07 -41.33
N ASP D 172 -53.25 1.09 -40.58
CA ASP D 172 -52.62 -0.10 -41.16
C ASP D 172 -53.57 -1.30 -41.35
N GLY D 173 -54.85 -1.10 -41.03
CA GLY D 173 -55.87 -2.12 -41.24
C GLY D 173 -55.81 -3.36 -40.38
N THR D 174 -55.36 -3.21 -39.12
CA THR D 174 -55.43 -4.29 -38.12
C THR D 174 -56.89 -4.46 -37.68
N PRO D 175 -57.39 -5.72 -37.61
CA PRO D 175 -58.79 -5.94 -37.26
C PRO D 175 -59.11 -5.40 -35.86
N ALA D 176 -59.91 -4.33 -35.82
CA ALA D 176 -60.17 -3.54 -34.61
C ALA D 176 -61.16 -4.16 -33.59
N THR D 177 -60.79 -5.30 -33.03
CA THR D 177 -61.61 -5.94 -31.99
C THR D 177 -61.45 -5.16 -30.69
N MET D 178 -62.38 -5.32 -29.75
CA MET D 178 -62.31 -4.62 -28.47
C MET D 178 -60.98 -4.86 -27.76
N SER D 179 -60.55 -6.13 -27.77
CA SER D 179 -59.26 -6.56 -27.23
C SER D 179 -58.07 -5.85 -27.91
N GLN D 180 -58.05 -5.89 -29.25
CA GLN D 180 -56.97 -5.27 -30.03
C GLN D 180 -56.87 -3.75 -29.83
N VAL D 181 -58.03 -3.07 -29.78
CA VAL D 181 -58.08 -1.63 -29.49
C VAL D 181 -57.48 -1.33 -28.11
N ALA D 182 -57.86 -2.11 -27.09
CA ALA D 182 -57.34 -1.93 -25.73
C ALA D 182 -55.82 -2.18 -25.62
N LYS D 183 -55.36 -3.26 -26.26
CA LYS D 183 -53.92 -3.62 -26.29
C LYS D 183 -53.07 -2.48 -26.85
N ASP D 184 -53.51 -1.92 -27.98
CA ASP D 184 -52.80 -0.84 -28.65
C ASP D 184 -52.75 0.44 -27.83
N VAL D 185 -53.90 0.89 -27.33
CA VAL D 185 -53.97 2.12 -26.52
C VAL D 185 -53.14 2.06 -25.24
N CYS D 186 -53.08 0.88 -24.60
CA CYS D 186 -52.25 0.67 -23.42
C CYS D 186 -50.76 0.80 -23.74
N THR D 187 -50.35 0.18 -24.86
CA THR D 187 -48.97 0.28 -25.38
C THR D 187 -48.57 1.74 -25.62
N PHE D 188 -49.52 2.53 -26.13
CA PHE D 188 -49.30 3.97 -26.30
C PHE D 188 -49.23 4.71 -24.97
N LEU D 189 -50.14 4.38 -24.04
CA LEU D 189 -50.18 5.02 -22.72
C LEU D 189 -49.00 4.65 -21.84
N ARG D 190 -48.40 3.49 -22.12
CA ARG D 190 -47.14 3.08 -21.54
C ARG D 190 -46.03 3.99 -22.00
N TRP D 191 -45.93 4.20 -23.32
CA TRP D 191 -44.98 5.14 -23.91
C TRP D 191 -45.22 6.60 -23.47
N ALA D 192 -46.49 6.98 -23.33
CA ALA D 192 -46.88 8.31 -22.87
C ALA D 192 -46.30 8.58 -21.48
N ALA D 193 -46.53 7.64 -20.55
CA ALA D 193 -46.02 7.74 -19.19
C ALA D 193 -44.49 7.58 -19.07
N GLU D 194 -43.89 6.78 -19.96
CA GLU D 194 -42.45 6.48 -19.91
C GLU D 194 -41.79 6.48 -21.30
N PRO D 195 -41.53 7.68 -21.88
CA PRO D 195 -40.94 7.70 -23.23
C PRO D 195 -39.59 7.02 -23.29
N GLU D 196 -38.83 7.13 -22.19
CA GLU D 196 -37.47 6.59 -22.08
C GLU D 196 -37.35 5.07 -22.24
N HIS D 197 -38.48 4.36 -22.10
CA HIS D 197 -38.58 2.89 -22.05
C HIS D 197 -37.51 2.11 -22.80
N ASP D 198 -37.41 2.35 -24.11
CA ASP D 198 -36.44 1.63 -24.93
C ASP D 198 -35.01 2.02 -24.63
N HIS D 199 -34.71 3.32 -24.67
CA HIS D 199 -33.37 3.79 -24.32
C HIS D 199 -32.91 3.22 -22.98
N ARG D 200 -33.79 3.33 -21.97
CA ARG D 200 -33.59 2.77 -20.63
C ARG D 200 -33.12 1.32 -20.64
N LYS D 201 -33.82 0.49 -21.43
CA LYS D 201 -33.54 -0.94 -21.54
C LYS D 201 -32.29 -1.23 -22.38
N ARG D 202 -32.02 -0.39 -23.38
CA ARG D 202 -30.77 -0.45 -24.15
C ARG D 202 -29.61 -0.23 -23.19
N MET D 203 -29.76 0.78 -22.33
CA MET D 203 -28.75 1.08 -21.33
C MET D 203 -28.61 -0.06 -20.33
N GLY D 204 -29.73 -0.65 -19.93
CA GLY D 204 -29.75 -1.83 -19.05
C GLY D 204 -28.89 -2.98 -19.53
N LEU D 205 -29.02 -3.32 -20.81
CA LEU D 205 -28.20 -4.35 -21.44
C LEU D 205 -26.71 -4.00 -21.39
N LYS D 206 -26.38 -2.76 -21.76
CA LYS D 206 -25.00 -2.27 -21.78
C LYS D 206 -24.38 -2.19 -20.39
N MET D 207 -25.20 -1.85 -19.40
CA MET D 207 -24.78 -1.85 -17.99
C MET D 207 -24.52 -3.27 -17.49
N LEU D 208 -25.45 -4.18 -17.79
CA LEU D 208 -25.33 -5.57 -17.34
C LEU D 208 -24.10 -6.24 -17.93
N LEU D 209 -23.79 -5.93 -19.18
CA LEU D 209 -22.62 -6.48 -19.85
C LEU D 209 -21.32 -5.94 -19.26
N MET D 210 -21.25 -4.62 -19.08
CA MET D 210 -20.07 -3.97 -18.51
C MET D 210 -19.79 -4.41 -17.09
N MET D 211 -20.87 -4.58 -16.32
CA MET D 211 -20.82 -5.14 -14.96
C MET D 211 -20.38 -6.60 -14.98
N GLY D 212 -20.93 -7.37 -15.91
CA GLY D 212 -20.47 -8.74 -16.15
C GLY D 212 -18.99 -8.81 -16.42
N LEU D 213 -18.44 -7.78 -17.06
CA LEU D 213 -17.02 -7.70 -17.37
C LEU D 213 -16.20 -7.16 -16.19
N LEU D 214 -16.59 -5.99 -15.70
CA LEU D 214 -15.83 -5.25 -14.67
C LEU D 214 -15.79 -5.88 -13.28
N LEU D 215 -16.94 -6.41 -12.81
CA LEU D 215 -17.03 -7.04 -11.47
C LEU D 215 -16.03 -8.18 -11.22
N PRO D 216 -15.98 -9.20 -12.12
CA PRO D 216 -14.95 -10.23 -11.94
C PRO D 216 -13.51 -9.71 -12.08
N LEU D 217 -13.29 -8.74 -12.97
CA LEU D 217 -11.95 -8.14 -13.17
C LEU D 217 -11.45 -7.37 -11.94
N VAL D 218 -12.32 -6.51 -11.39
CA VAL D 218 -12.07 -5.72 -10.16
C VAL D 218 -11.89 -6.67 -8.96
N TYR D 219 -12.74 -7.71 -8.92
CA TYR D 219 -12.66 -8.77 -7.93
C TYR D 219 -11.34 -9.55 -8.03
N ALA D 220 -10.86 -9.79 -9.25
CA ALA D 220 -9.56 -10.43 -9.48
C ALA D 220 -8.41 -9.54 -9.02
N MET D 221 -8.52 -8.24 -9.27
CA MET D 221 -7.54 -7.25 -8.82
C MET D 221 -7.47 -7.19 -7.31
N LYS D 222 -8.65 -7.32 -6.68
CA LYS D 222 -8.80 -7.34 -5.22
C LYS D 222 -8.05 -8.54 -4.63
N ARG D 223 -8.31 -9.72 -5.20
CA ARG D 223 -7.70 -10.98 -4.75
C ARG D 223 -6.20 -10.98 -4.96
N HIS D 224 -5.76 -10.36 -6.06
CA HIS D 224 -4.34 -10.16 -6.40
C HIS D 224 -3.63 -9.43 -5.25
N LYS D 225 -4.12 -8.23 -4.93
CA LYS D 225 -3.50 -7.43 -3.88
C LYS D 225 -3.55 -8.15 -2.53
N TRP D 226 -4.71 -8.71 -2.21
CA TRP D 226 -4.93 -9.36 -0.93
C TRP D 226 -4.24 -10.72 -0.74
N SER D 227 -3.79 -11.31 -1.85
CA SER D 227 -3.08 -12.59 -1.85
C SER D 227 -1.86 -12.65 -0.93
N VAL D 228 -1.28 -11.48 -0.65
CA VAL D 228 -0.10 -11.38 0.22
C VAL D 228 -0.49 -11.80 1.63
N LEU D 229 -1.67 -11.32 2.05
CA LEU D 229 -2.22 -11.61 3.36
C LEU D 229 -2.90 -12.98 3.45
N LYS D 230 -3.65 -13.35 2.40
CA LYS D 230 -4.32 -14.66 2.35
C LYS D 230 -3.38 -15.89 2.49
N SER D 231 -2.17 -15.80 1.92
CA SER D 231 -1.18 -16.87 1.98
C SER D 231 -0.48 -16.97 3.34
N ARG D 232 -0.26 -15.81 3.96
CA ARG D 232 0.71 -15.64 5.06
C ARG D 232 0.60 -16.65 6.21
N LYS D 233 1.74 -17.03 6.76
CA LYS D 233 1.80 -17.94 7.90
C LYS D 233 2.42 -17.21 9.08
N LEU D 234 1.85 -17.38 10.28
CA LEU D 234 2.43 -16.79 11.50
C LEU D 234 3.07 -17.83 12.39
N ALA D 235 4.26 -17.55 12.91
CA ALA D 235 4.91 -18.44 13.86
C ALA D 235 5.27 -17.69 15.14
N TYR D 236 4.98 -18.33 16.27
CA TYR D 236 5.29 -17.76 17.59
C TYR D 236 6.56 -18.41 18.14
N ARG D 237 7.62 -17.62 18.29
CA ARG D 237 8.93 -18.19 18.62
C ARG D 237 9.62 -17.61 19.88
N PRO D 238 9.03 -17.81 21.09
CA PRO D 238 9.63 -17.26 22.33
C PRO D 238 10.90 -18.04 22.79
N PRO D 239 11.82 -17.38 23.54
CA PRO D 239 13.23 -17.82 23.64
C PRO D 239 13.52 -19.21 24.24
N SER E 1 18.79 -22.02 17.55
CA SER E 1 19.33 -21.04 16.56
C SER E 1 18.26 -20.57 15.59
N HIS E 2 18.51 -19.41 14.98
CA HIS E 2 17.67 -18.90 13.90
C HIS E 2 17.78 -19.73 12.61
N THR E 3 18.82 -20.56 12.54
CA THR E 3 19.05 -21.52 11.44
C THR E 3 17.99 -22.65 11.44
N ASP E 4 17.29 -22.80 12.57
CA ASP E 4 16.17 -23.75 12.73
C ASP E 4 14.88 -23.34 11.98
N ILE E 5 14.78 -22.06 11.64
CA ILE E 5 13.68 -21.52 10.83
C ILE E 5 13.87 -21.95 9.38
N LYS E 6 12.88 -22.61 8.81
CA LYS E 6 12.82 -22.84 7.35
C LYS E 6 11.44 -22.43 6.87
N VAL E 7 11.41 -21.64 5.80
CA VAL E 7 10.17 -21.07 5.22
C VAL E 7 9.12 -22.16 4.89
N PRO E 8 7.87 -22.00 5.37
CA PRO E 8 6.75 -22.89 5.07
C PRO E 8 6.56 -23.15 3.57
N ASP E 9 5.97 -24.30 3.24
CA ASP E 9 5.73 -24.67 1.86
C ASP E 9 4.56 -23.87 1.29
N PHE E 10 4.83 -23.11 0.23
CA PHE E 10 3.81 -22.24 -0.36
C PHE E 10 3.19 -22.82 -1.65
N SER E 11 3.44 -24.11 -1.88
CA SER E 11 3.04 -24.79 -3.11
C SER E 11 1.56 -24.69 -3.42
N ASP E 12 0.73 -24.79 -2.38
CA ASP E 12 -0.74 -24.63 -2.50
C ASP E 12 -1.18 -23.31 -3.10
N TYR E 13 -0.43 -22.24 -2.80
CA TYR E 13 -0.77 -20.89 -3.23
C TYR E 13 -0.05 -20.42 -4.49
N ARG E 14 1.09 -21.04 -4.82
CA ARG E 14 1.93 -20.67 -5.98
C ARG E 14 1.20 -20.75 -7.32
N ARG E 15 1.62 -19.91 -8.26
CA ARG E 15 1.24 -20.09 -9.67
C ARG E 15 1.98 -21.33 -10.19
N PRO E 16 1.34 -22.11 -11.09
CA PRO E 16 2.00 -23.21 -11.79
C PRO E 16 3.41 -22.91 -12.29
N GLU E 17 3.60 -21.75 -12.92
CA GLU E 17 4.89 -21.38 -13.52
C GLU E 17 6.07 -21.32 -12.53
N VAL E 18 5.78 -21.09 -11.26
CA VAL E 18 6.82 -20.98 -10.23
C VAL E 18 6.86 -22.15 -9.23
N LEU E 19 6.24 -23.27 -9.60
CA LEU E 19 6.22 -24.45 -8.72
C LEU E 19 7.55 -25.21 -8.64
N ASP E 20 8.27 -25.25 -9.76
CA ASP E 20 9.50 -26.04 -9.88
C ASP E 20 10.65 -25.36 -9.17
N SER E 21 11.09 -25.97 -8.06
CA SER E 21 12.16 -25.39 -7.23
C SER E 21 13.55 -25.46 -7.86
N THR E 22 13.73 -26.34 -8.85
CA THR E 22 15.00 -26.48 -9.60
C THR E 22 15.08 -25.63 -10.89
N LYS E 23 14.02 -24.85 -11.18
CA LYS E 23 13.99 -23.99 -12.37
C LYS E 23 13.89 -22.50 -11.99
N SER E 24 14.37 -21.64 -12.87
CA SER E 24 14.37 -20.20 -12.63
C SER E 24 13.00 -19.58 -12.91
N SER E 25 12.53 -18.77 -11.97
CA SER E 25 11.28 -18.00 -12.13
C SER E 25 11.33 -16.93 -13.23
N LYS E 26 12.54 -16.59 -13.70
CA LYS E 26 12.74 -15.49 -14.64
C LYS E 26 12.13 -15.67 -16.02
N GLU E 27 11.98 -16.93 -16.46
CA GLU E 27 11.19 -17.28 -17.66
C GLU E 27 9.81 -16.66 -17.56
N SER E 28 9.13 -17.02 -16.47
CA SER E 28 7.74 -16.69 -16.23
C SER E 28 7.50 -15.29 -15.70
N SER E 29 8.55 -14.57 -15.30
CA SER E 29 8.40 -13.21 -14.75
C SER E 29 7.80 -12.25 -15.78
N GLU E 30 8.33 -12.28 -17.00
CA GLU E 30 7.76 -11.55 -18.16
C GLU E 30 6.25 -11.80 -18.28
N ALA E 31 5.87 -13.07 -18.18
CA ALA E 31 4.51 -13.55 -18.35
C ALA E 31 3.58 -13.23 -17.20
N ARG E 32 4.01 -13.51 -15.97
CA ARG E 32 3.15 -13.41 -14.77
C ARG E 32 2.72 -11.98 -14.52
N LYS E 33 3.64 -11.06 -14.80
CA LYS E 33 3.38 -9.62 -14.76
C LYS E 33 2.37 -9.26 -15.85
N GLY E 34 2.64 -9.71 -17.07
CA GLY E 34 1.76 -9.51 -18.21
C GLY E 34 0.29 -9.85 -17.95
N PHE E 35 0.05 -11.04 -17.40
CA PHE E 35 -1.31 -11.47 -17.09
C PHE E 35 -1.98 -10.50 -16.12
N SER E 36 -1.31 -10.19 -15.02
CA SER E 36 -1.90 -9.39 -13.96
C SER E 36 -2.16 -7.97 -14.41
N TYR E 37 -1.22 -7.39 -15.16
CA TYR E 37 -1.37 -6.03 -15.71
C TYR E 37 -2.40 -5.92 -16.82
N LEU E 38 -2.65 -7.02 -17.53
CA LEU E 38 -3.72 -7.07 -18.54
C LEU E 38 -5.08 -6.87 -17.88
N VAL E 39 -5.29 -7.56 -16.76
CA VAL E 39 -6.52 -7.47 -15.97
C VAL E 39 -6.72 -6.00 -15.57
N THR E 40 -5.66 -5.38 -15.07
CA THR E 40 -5.65 -3.99 -14.65
C THR E 40 -5.95 -3.08 -15.84
N ALA E 41 -5.28 -3.33 -16.96
CA ALA E 41 -5.42 -2.51 -18.16
C ALA E 41 -6.84 -2.58 -18.73
N THR E 42 -7.38 -3.81 -18.82
CA THR E 42 -8.75 -4.08 -19.28
C THR E 42 -9.74 -3.30 -18.41
N THR E 43 -9.59 -3.43 -17.09
CA THR E 43 -10.43 -2.74 -16.10
C THR E 43 -10.46 -1.24 -16.37
N THR E 44 -9.29 -0.65 -16.56
CA THR E 44 -9.16 0.79 -16.82
C THR E 44 -9.90 1.22 -18.10
N VAL E 45 -9.77 0.42 -19.16
CA VAL E 45 -10.52 0.61 -20.42
C VAL E 45 -12.04 0.57 -20.20
N GLY E 46 -12.50 -0.38 -19.40
CA GLY E 46 -13.92 -0.49 -19.05
C GLY E 46 -14.43 0.68 -18.25
N VAL E 47 -13.66 1.10 -17.24
CA VAL E 47 -14.01 2.24 -16.39
C VAL E 47 -14.00 3.51 -17.24
N ALA E 48 -13.04 3.61 -18.16
CA ALA E 48 -12.97 4.74 -19.09
C ALA E 48 -14.23 4.81 -19.92
N TYR E 49 -14.65 3.67 -20.45
CA TYR E 49 -15.88 3.58 -21.25
C TYR E 49 -17.09 4.08 -20.46
N ALA E 50 -17.16 3.69 -19.19
CA ALA E 50 -18.23 4.09 -18.29
C ALA E 50 -18.17 5.60 -18.07
N ALA E 51 -17.07 6.07 -17.49
CA ALA E 51 -16.90 7.48 -17.13
C ALA E 51 -17.14 8.43 -18.28
N LYS E 52 -16.67 8.05 -19.47
CA LYS E 52 -16.95 8.77 -20.71
C LYS E 52 -18.45 8.99 -20.82
N ASN E 53 -19.20 7.89 -20.86
CA ASN E 53 -20.65 7.93 -21.00
C ASN E 53 -21.37 8.69 -19.89
N VAL E 54 -20.97 8.48 -18.63
CA VAL E 54 -21.62 9.15 -17.48
C VAL E 54 -21.41 10.66 -17.56
N VAL E 55 -20.15 11.08 -17.70
CA VAL E 55 -19.77 12.51 -17.80
C VAL E 55 -20.47 13.13 -19.02
N SER E 56 -20.40 12.41 -20.13
CA SER E 56 -20.97 12.88 -21.39
C SER E 56 -22.47 13.19 -21.29
N GLN E 57 -23.20 12.32 -20.59
CA GLN E 57 -24.62 12.50 -20.31
C GLN E 57 -24.88 13.75 -19.46
N PHE E 58 -24.14 13.88 -18.36
CA PHE E 58 -24.28 15.03 -17.49
C PHE E 58 -23.98 16.33 -18.21
N VAL E 59 -22.98 16.33 -19.09
CA VAL E 59 -22.65 17.49 -19.93
C VAL E 59 -23.83 17.80 -20.86
N SER E 60 -24.41 16.73 -21.42
CA SER E 60 -25.57 16.82 -22.29
C SER E 60 -26.76 17.51 -21.62
N SER E 61 -26.97 17.21 -20.34
CA SER E 61 -28.05 17.78 -19.51
C SER E 61 -28.14 19.28 -19.65
N MET E 62 -26.97 19.92 -19.60
CA MET E 62 -26.86 21.37 -19.57
C MET E 62 -27.11 22.01 -20.94
N SER E 63 -26.93 21.21 -21.99
CA SER E 63 -27.24 21.65 -23.34
C SER E 63 -28.77 21.77 -23.56
N ALA E 64 -29.16 22.53 -24.59
CA ALA E 64 -30.56 22.84 -24.92
C ALA E 64 -31.48 21.63 -24.90
N SER E 65 -32.54 21.71 -24.11
CA SER E 65 -33.58 20.67 -24.00
C SER E 65 -34.45 20.62 -25.25
N ALA E 66 -35.17 19.49 -25.43
CA ALA E 66 -36.01 19.23 -26.61
C ALA E 66 -37.02 20.32 -26.96
N ASP E 67 -37.60 20.95 -25.95
CA ASP E 67 -38.57 22.03 -26.15
C ASP E 67 -37.95 23.38 -26.55
N VAL E 68 -36.67 23.58 -26.22
CA VAL E 68 -35.93 24.79 -26.61
C VAL E 68 -35.41 24.61 -28.04
N LEU E 69 -35.09 23.38 -28.42
CA LEU E 69 -34.75 23.06 -29.80
C LEU E 69 -35.97 23.16 -30.71
N ALA E 70 -37.15 22.89 -30.15
CA ALA E 70 -38.42 23.03 -30.87
C ALA E 70 -38.71 24.48 -31.31
N MET E 71 -38.30 25.46 -30.50
CA MET E 71 -38.47 26.88 -30.82
C MET E 71 -37.23 27.48 -31.50
N SER E 72 -36.20 26.66 -31.69
CA SER E 72 -34.99 27.06 -32.40
C SER E 72 -35.32 27.60 -33.81
N LYS E 73 -36.09 26.82 -34.58
CA LYS E 73 -36.38 27.16 -35.97
C LYS E 73 -37.83 27.60 -36.19
N ILE E 74 -38.06 28.36 -37.26
CA ILE E 74 -39.40 28.76 -37.75
C ILE E 74 -39.47 28.59 -39.28
N GLU E 75 -40.49 27.84 -39.73
CA GLU E 75 -40.83 27.70 -41.16
C GLU E 75 -41.67 28.86 -41.65
N ILE E 76 -41.33 29.36 -42.84
CA ILE E 76 -42.04 30.46 -43.49
C ILE E 76 -42.32 30.07 -44.95
N LYS E 77 -43.56 30.28 -45.39
CA LYS E 77 -43.96 30.02 -46.77
C LYS E 77 -43.75 31.26 -47.65
N LEU E 78 -42.97 31.08 -48.70
CA LEU E 78 -42.53 32.18 -49.57
C LEU E 78 -43.60 32.68 -50.55
N SER E 79 -44.48 31.77 -50.98
CA SER E 79 -45.63 32.15 -51.83
C SER E 79 -46.73 32.91 -51.07
N ASP E 80 -46.68 32.88 -49.73
CA ASP E 80 -47.62 33.61 -48.84
C ASP E 80 -47.27 35.10 -48.57
N ILE E 81 -46.13 35.58 -49.10
CA ILE E 81 -45.74 37.00 -48.97
C ILE E 81 -45.57 37.62 -50.36
N PRO E 82 -46.40 38.66 -50.69
CA PRO E 82 -46.36 39.27 -52.02
C PRO E 82 -45.14 40.20 -52.27
N GLU E 83 -44.84 40.46 -53.54
CA GLU E 83 -43.65 41.23 -53.97
C GLU E 83 -43.65 42.71 -53.60
N GLY E 84 -42.87 43.06 -52.58
CA GLY E 84 -42.78 44.43 -52.07
C GLY E 84 -43.13 44.52 -50.60
N LYS E 85 -44.17 43.77 -50.20
CA LYS E 85 -44.68 43.77 -48.83
C LYS E 85 -43.76 43.00 -47.89
N ASN E 86 -43.63 43.55 -46.68
CA ASN E 86 -42.96 42.88 -45.56
C ASN E 86 -43.97 42.01 -44.79
N MET E 87 -43.47 40.97 -44.12
CA MET E 87 -44.28 40.13 -43.23
C MET E 87 -43.47 39.81 -41.96
N ALA E 88 -44.02 40.18 -40.81
CA ALA E 88 -43.39 39.94 -39.51
C ALA E 88 -43.70 38.52 -38.99
N PHE E 89 -42.79 37.97 -38.18
CA PHE E 89 -42.95 36.66 -37.55
C PHE E 89 -42.41 36.67 -36.12
N LYS E 90 -42.83 35.72 -35.29
CA LYS E 90 -42.29 35.58 -33.92
C LYS E 90 -41.20 34.48 -33.84
N TRP E 91 -39.94 34.91 -33.65
CA TRP E 91 -38.77 34.01 -33.67
C TRP E 91 -37.78 34.23 -32.55
N ARG E 92 -37.69 33.22 -31.68
CA ARG E 92 -36.88 33.26 -30.45
C ARG E 92 -37.32 34.42 -29.55
N GLY E 93 -38.65 34.57 -29.41
CA GLY E 93 -39.30 35.67 -28.69
C GLY E 93 -39.03 37.07 -29.24
N LYS E 94 -38.68 37.16 -30.54
CA LYS E 94 -38.38 38.43 -31.25
C LYS E 94 -39.22 38.51 -32.52
N PRO E 95 -39.48 39.74 -33.04
CA PRO E 95 -39.96 39.81 -34.42
C PRO E 95 -38.89 39.36 -35.44
N LEU E 96 -39.34 38.86 -36.59
CA LEU E 96 -38.46 38.44 -37.67
C LEU E 96 -39.04 38.88 -39.01
N PHE E 97 -38.35 39.80 -39.67
CA PHE E 97 -38.79 40.35 -40.96
C PHE E 97 -38.23 39.61 -42.15
N VAL E 98 -39.15 39.05 -42.94
CA VAL E 98 -38.89 38.48 -44.26
C VAL E 98 -39.53 39.43 -45.26
N ARG E 99 -38.79 39.77 -46.32
CA ARG E 99 -39.26 40.73 -47.29
C ARG E 99 -39.02 40.28 -48.73
N HIS E 100 -40.12 40.17 -49.47
CA HIS E 100 -40.06 39.94 -50.92
C HIS E 100 -39.65 41.27 -51.56
N ARG E 101 -38.54 41.26 -52.29
CA ARG E 101 -38.00 42.46 -52.91
C ARG E 101 -38.22 42.48 -54.42
N THR E 102 -38.62 43.64 -54.96
CA THR E 102 -38.87 43.80 -56.39
C THR E 102 -37.55 43.92 -57.16
N LYS E 103 -37.63 43.79 -58.49
CA LYS E 103 -36.46 44.02 -59.35
C LYS E 103 -35.97 45.46 -59.24
N LYS E 104 -36.87 46.39 -58.88
CA LYS E 104 -36.49 47.76 -58.55
C LYS E 104 -35.69 47.84 -57.24
N GLU E 105 -36.20 47.25 -56.17
CA GLU E 105 -35.50 47.24 -54.87
C GLU E 105 -34.15 46.51 -54.89
N ILE E 106 -34.02 45.48 -55.73
CA ILE E 106 -32.75 44.74 -55.93
C ILE E 106 -31.68 45.62 -56.57
N ASP E 107 -32.02 46.25 -57.69
CA ASP E 107 -31.08 47.10 -58.43
C ASP E 107 -30.77 48.43 -57.72
N GLN E 108 -31.77 48.94 -56.98
CA GLN E 108 -31.67 50.18 -56.18
C GLN E 108 -30.75 50.00 -54.96
N GLU E 109 -30.70 48.79 -54.42
CA GLU E 109 -29.80 48.46 -53.30
C GLU E 109 -28.47 47.83 -53.74
N ALA E 110 -28.34 47.54 -55.04
CA ALA E 110 -27.13 46.94 -55.62
C ALA E 110 -25.99 47.96 -55.80
N ALA E 111 -26.30 49.13 -56.37
CA ALA E 111 -25.29 50.15 -56.70
C ALA E 111 -25.21 51.33 -55.69
N VAL E 112 -25.62 51.06 -54.44
CA VAL E 112 -25.46 51.99 -53.31
C VAL E 112 -23.96 52.17 -52.97
N GLU E 113 -23.64 53.31 -52.36
CA GLU E 113 -22.27 53.61 -51.94
C GLU E 113 -21.82 52.74 -50.78
N VAL E 114 -20.69 52.05 -50.97
CA VAL E 114 -20.14 51.08 -50.01
C VAL E 114 -19.54 51.79 -48.77
N SER E 115 -18.76 52.85 -49.03
CA SER E 115 -18.02 53.57 -47.98
C SER E 115 -18.89 54.44 -47.08
N GLN E 116 -19.85 55.15 -47.68
CA GLN E 116 -20.72 56.13 -46.99
C GLN E 116 -21.52 55.55 -45.81
N LEU E 117 -21.81 54.25 -45.86
CA LEU E 117 -22.53 53.53 -44.80
C LEU E 117 -21.75 53.54 -43.48
N ARG E 118 -22.49 53.57 -42.36
CA ARG E 118 -21.89 53.46 -41.01
C ARG E 118 -21.39 52.04 -40.76
N ASP E 119 -22.13 51.05 -41.28
CA ASP E 119 -21.75 49.65 -41.21
C ASP E 119 -21.64 49.13 -42.66
N PRO E 120 -20.42 49.22 -43.28
CA PRO E 120 -20.21 48.85 -44.70
C PRO E 120 -20.41 47.36 -45.02
N GLN E 121 -21.59 47.04 -45.58
CA GLN E 121 -21.90 45.72 -46.12
C GLN E 121 -22.59 45.89 -47.47
N HIS E 122 -22.09 45.19 -48.48
CA HIS E 122 -22.74 45.15 -49.80
C HIS E 122 -23.95 44.21 -49.74
N ASP E 123 -24.86 44.33 -50.71
CA ASP E 123 -26.11 43.56 -50.69
C ASP E 123 -25.95 42.07 -51.05
N LEU E 124 -25.06 41.75 -52.00
CA LEU E 124 -24.76 40.35 -52.44
C LEU E 124 -24.32 39.37 -51.33
N GLU E 125 -23.82 39.93 -50.23
CA GLU E 125 -23.36 39.17 -49.06
C GLU E 125 -24.23 39.31 -47.78
N ARG E 126 -25.31 40.09 -47.89
CA ARG E 126 -26.33 40.15 -46.83
C ARG E 126 -27.45 39.12 -47.03
N VAL E 127 -27.59 38.62 -48.26
CA VAL E 127 -28.65 37.63 -48.63
C VAL E 127 -28.14 36.43 -49.44
N LYS E 128 -28.95 35.38 -49.41
CA LYS E 128 -28.65 34.14 -50.10
C LYS E 128 -29.44 34.01 -51.40
N LYS E 129 -30.67 34.52 -51.43
CA LYS E 129 -31.42 34.71 -52.68
C LYS E 129 -31.70 36.20 -52.91
N PRO E 130 -31.55 36.70 -54.18
CA PRO E 130 -31.65 38.15 -54.46
C PRO E 130 -32.98 38.80 -54.06
N GLU E 131 -34.06 38.07 -54.29
CA GLU E 131 -35.42 38.56 -54.13
C GLU E 131 -35.98 38.38 -52.71
N TRP E 132 -35.18 37.83 -51.80
CA TRP E 132 -35.53 37.61 -50.41
C TRP E 132 -34.49 38.13 -49.44
N VAL E 133 -34.90 39.04 -48.56
CA VAL E 133 -34.06 39.55 -47.48
C VAL E 133 -34.68 39.21 -46.13
N ILE E 134 -33.93 38.45 -45.32
CA ILE E 134 -34.39 38.00 -44.01
C ILE E 134 -33.55 38.65 -42.91
N LEU E 135 -34.25 39.27 -41.95
CA LEU E 135 -33.65 40.13 -40.92
C LEU E 135 -34.40 40.03 -39.59
N ILE E 136 -33.69 40.26 -38.48
CA ILE E 136 -34.29 40.19 -37.14
C ILE E 136 -34.58 41.59 -36.60
N GLY E 137 -35.84 41.81 -36.22
CA GLY E 137 -36.33 43.11 -35.76
C GLY E 137 -35.89 43.40 -34.33
N CYS E 139 -34.68 47.18 -33.58
CA CYS E 139 -33.71 48.26 -33.65
C CYS E 139 -32.47 47.93 -32.83
N THR E 140 -31.30 48.11 -33.43
CA THR E 140 -30.03 47.79 -32.78
C THR E 140 -29.61 48.75 -31.65
N HIS E 141 -30.11 49.98 -31.65
CA HIS E 141 -29.71 51.00 -30.64
C HIS E 141 -30.22 50.68 -29.23
N LEU E 142 -31.53 50.82 -29.00
CA LEU E 142 -32.11 50.65 -27.67
C LEU E 142 -33.37 49.77 -27.68
N GLY E 143 -33.51 48.99 -28.75
CA GLY E 143 -34.51 47.92 -28.82
C GLY E 143 -35.94 48.36 -28.97
N CYS E 144 -36.38 48.49 -30.21
CA CYS E 144 -37.78 48.71 -30.55
C CYS E 144 -38.13 47.74 -31.70
N VAL E 145 -39.30 47.91 -32.30
CA VAL E 145 -39.69 47.14 -33.48
C VAL E 145 -39.89 48.14 -34.64
N PRO E 146 -38.95 48.16 -35.62
CA PRO E 146 -39.08 49.06 -36.79
C PRO E 146 -40.32 48.75 -37.66
N ILE E 147 -41.00 49.81 -38.11
CA ILE E 147 -42.21 49.68 -38.93
C ILE E 147 -41.82 49.64 -40.42
N ALA E 148 -42.36 48.65 -41.14
CA ALA E 148 -42.09 48.41 -42.57
C ALA E 148 -42.72 49.46 -43.50
N ASN E 149 -42.15 49.61 -44.70
CA ASN E 149 -42.62 50.55 -45.75
C ASN E 149 -42.77 52.00 -45.27
N ALA E 150 -41.69 52.53 -44.68
CA ALA E 150 -41.63 53.89 -44.15
C ALA E 150 -40.19 54.38 -44.10
N GLY E 151 -40.00 55.63 -43.67
CA GLY E 151 -38.67 56.23 -43.52
C GLY E 151 -38.22 57.03 -44.72
N ASP E 152 -37.03 57.64 -44.57
CA ASP E 152 -36.40 58.40 -45.64
C ASP E 152 -35.89 57.46 -46.74
N PHE E 153 -35.17 56.40 -46.33
CA PHE E 153 -34.49 55.51 -47.27
C PHE E 153 -35.39 54.36 -47.76
N GLY E 154 -36.67 54.41 -47.37
CA GLY E 154 -37.74 53.55 -47.90
C GLY E 154 -37.56 52.08 -47.62
N GLY E 155 -37.53 51.72 -46.34
CA GLY E 155 -37.34 50.35 -45.92
C GLY E 155 -37.97 50.15 -44.57
N TYR E 156 -37.21 50.47 -43.53
CA TYR E 156 -37.68 50.39 -42.16
C TYR E 156 -37.34 51.68 -41.42
N TYR E 157 -38.29 52.17 -40.63
CA TYR E 157 -38.10 53.38 -39.79
C TYR E 157 -38.60 53.15 -38.36
N CYS E 158 -37.91 53.76 -37.41
CA CYS E 158 -38.16 53.57 -35.98
C CYS E 158 -38.68 54.86 -35.34
N PRO E 159 -39.89 54.80 -34.71
CA PRO E 159 -40.44 55.99 -34.03
C PRO E 159 -39.91 56.25 -32.59
N CYS E 160 -38.81 55.61 -32.21
CA CYS E 160 -38.25 55.72 -30.85
C CYS E 160 -37.26 56.88 -30.69
N HIS E 161 -36.17 56.86 -31.46
CA HIS E 161 -35.10 57.89 -31.39
C HIS E 161 -34.86 58.59 -32.73
N GLY E 162 -34.75 57.82 -33.81
CA GLY E 162 -34.67 58.39 -35.16
C GLY E 162 -33.76 57.66 -36.13
N SER E 163 -33.97 56.36 -36.27
CA SER E 163 -33.16 55.54 -37.18
C SER E 163 -33.84 55.33 -38.53
N HIS E 164 -33.04 55.34 -39.59
CA HIS E 164 -33.52 55.07 -40.95
C HIS E 164 -32.73 53.95 -41.62
N TYR E 165 -33.43 52.85 -41.88
CA TYR E 165 -32.87 51.70 -42.58
C TYR E 165 -33.33 51.69 -44.03
N ASP E 166 -32.45 51.26 -44.93
CA ASP E 166 -32.79 51.10 -46.35
C ASP E 166 -33.56 49.78 -46.59
N ALA E 167 -33.80 49.46 -47.86
CA ALA E 167 -34.47 48.23 -48.26
C ALA E 167 -33.66 46.94 -48.03
N SER E 168 -32.33 47.08 -47.92
CA SER E 168 -31.44 45.95 -47.59
C SER E 168 -31.22 45.75 -46.07
N GLY E 169 -31.84 46.61 -45.26
CA GLY E 169 -31.76 46.55 -43.79
C GLY E 169 -30.57 47.25 -43.14
N ARG E 170 -29.81 47.99 -43.95
CA ARG E 170 -28.60 48.70 -43.50
C ARG E 170 -28.94 50.10 -43.00
N ILE E 171 -28.32 50.49 -41.89
CA ILE E 171 -28.50 51.84 -41.33
C ILE E 171 -27.86 52.90 -42.24
N ARG E 172 -28.65 53.93 -42.55
CA ARG E 172 -28.22 55.02 -43.43
C ARG E 172 -28.10 56.33 -42.64
N LYS E 173 -29.20 56.79 -42.04
CA LYS E 173 -29.23 58.02 -41.23
C LYS E 173 -29.96 57.83 -39.87
N GLY E 174 -29.19 57.72 -38.79
CA GLY E 174 -29.73 57.56 -37.43
C GLY E 174 -28.72 57.17 -36.36
N PRO E 175 -29.17 57.03 -35.08
CA PRO E 175 -28.30 56.67 -33.93
C PRO E 175 -27.87 55.20 -33.77
N ALA E 176 -28.46 54.29 -34.55
CA ALA E 176 -28.14 52.86 -34.47
C ALA E 176 -26.69 52.57 -34.85
N PRO E 177 -25.97 51.73 -34.08
CA PRO E 177 -24.58 51.40 -34.38
C PRO E 177 -24.25 50.24 -35.34
N LEU E 178 -25.11 49.22 -35.35
CA LEU E 178 -24.98 48.04 -36.26
C LEU E 178 -26.29 47.83 -37.02
N ASN E 179 -26.21 47.49 -38.31
CA ASN E 179 -27.40 47.26 -39.17
C ASN E 179 -28.28 46.14 -38.60
N LEU E 180 -29.57 46.10 -38.99
CA LEU E 180 -30.48 45.05 -38.52
C LEU E 180 -29.87 43.67 -38.84
N GLU E 181 -29.94 42.75 -37.87
CA GLU E 181 -29.10 41.53 -37.94
C GLU E 181 -29.59 40.49 -38.93
N VAL E 182 -28.62 39.97 -39.71
CA VAL E 182 -28.81 38.88 -40.68
C VAL E 182 -28.68 37.53 -39.96
N PRO E 183 -29.82 36.83 -39.74
CA PRO E 183 -29.76 35.52 -39.10
C PRO E 183 -29.27 34.40 -40.01
N SER E 184 -29.13 33.22 -39.40
CA SER E 184 -28.70 32.01 -40.06
C SER E 184 -29.93 31.31 -40.62
N TYR E 185 -29.92 31.04 -41.93
CA TYR E 185 -31.04 30.38 -42.60
C TYR E 185 -30.61 29.65 -43.88
N GLU E 186 -31.51 28.80 -44.38
CA GLU E 186 -31.34 28.11 -45.66
C GLU E 186 -32.69 27.83 -46.32
N PHE E 187 -32.75 28.05 -47.63
CA PHE E 187 -33.90 27.67 -48.45
C PHE E 187 -33.83 26.17 -48.68
N THR E 188 -34.94 25.47 -48.46
CA THR E 188 -34.98 24.01 -48.60
C THR E 188 -35.62 23.59 -49.92
N SER E 189 -36.95 23.75 -50.00
CA SER E 189 -37.67 23.67 -51.27
C SER E 189 -37.79 25.12 -51.74
N ASP E 190 -37.69 25.35 -53.04
CA ASP E 190 -37.78 26.71 -53.59
C ASP E 190 -39.05 27.48 -53.13
N ASP E 191 -40.07 26.76 -52.63
CA ASP E 191 -41.27 27.35 -52.01
C ASP E 191 -41.18 27.71 -50.49
N MET E 192 -40.25 27.07 -49.77
CA MET E 192 -40.15 27.21 -48.30
C MET E 192 -38.80 27.73 -47.81
N VAL E 193 -38.83 28.39 -46.65
CA VAL E 193 -37.61 28.80 -45.93
C VAL E 193 -37.68 28.43 -44.44
N ILE E 194 -36.58 27.86 -43.94
CA ILE E 194 -36.40 27.65 -42.49
C ILE E 194 -35.35 28.63 -41.98
N VAL E 195 -35.74 29.40 -40.96
CA VAL E 195 -34.83 30.31 -40.26
C VAL E 195 -34.44 29.63 -38.96
N GLY E 196 -33.14 29.49 -38.76
CA GLY E 196 -32.59 28.89 -37.54
C GLY E 196 -31.60 27.77 -37.80
N ARG F 1 -22.51 -25.82 39.23
CA ARG F 1 -22.94 -27.10 39.85
C ARG F 1 -23.86 -27.92 38.94
N TRP F 2 -25.05 -27.38 38.68
CA TRP F 2 -26.08 -28.02 37.85
C TRP F 2 -26.12 -27.33 36.50
N LEU F 3 -25.82 -26.03 36.51
CA LEU F 3 -25.71 -25.20 35.31
C LEU F 3 -24.39 -25.38 34.57
N GLU F 4 -23.53 -26.28 35.06
CA GLU F 4 -22.24 -26.60 34.42
C GLU F 4 -22.44 -27.22 33.03
N GLY F 5 -23.61 -27.81 32.82
CA GLY F 5 -24.02 -28.32 31.51
C GLY F 5 -24.23 -27.20 30.50
N ILE F 6 -24.91 -26.14 30.95
CA ILE F 6 -25.20 -24.95 30.14
C ILE F 6 -23.93 -24.16 29.86
N ARG F 7 -23.10 -23.96 30.89
CA ARG F 7 -21.79 -23.30 30.77
C ARG F 7 -20.89 -23.93 29.71
N LYS F 8 -20.85 -25.27 29.69
CA LYS F 8 -20.09 -26.02 28.70
C LYS F 8 -20.68 -25.84 27.31
N TRP F 9 -22.02 -25.80 27.22
CA TRP F 9 -22.73 -25.60 25.95
C TRP F 9 -22.47 -24.20 25.42
N TYR F 10 -22.74 -23.20 26.26
CA TYR F 10 -22.56 -21.80 25.91
C TYR F 10 -21.14 -21.56 25.41
N TYR F 11 -20.15 -22.14 26.09
CA TYR F 11 -18.73 -21.96 25.77
C TYR F 11 -18.49 -22.28 24.31
N ASN F 12 -18.98 -23.43 23.88
CA ASN F 12 -18.83 -23.86 22.50
C ASN F 12 -19.67 -23.11 21.49
N ALA F 13 -20.87 -22.71 21.93
CA ALA F 13 -21.78 -21.89 21.13
C ALA F 13 -21.12 -20.54 20.81
N ALA F 14 -20.59 -19.88 21.84
CA ALA F 14 -19.87 -18.60 21.72
C ALA F 14 -18.74 -18.70 20.70
N GLY F 15 -17.93 -19.74 20.85
CA GLY F 15 -16.98 -20.16 19.82
C GLY F 15 -15.68 -19.39 19.62
N PHE F 16 -15.25 -18.64 20.63
CA PHE F 16 -13.97 -17.96 20.52
C PHE F 16 -12.84 -18.98 20.55
N ASN F 17 -13.13 -20.12 21.19
CA ASN F 17 -12.20 -21.25 21.27
C ASN F 17 -11.78 -21.79 19.91
N LYS F 18 -12.65 -21.61 18.92
CA LYS F 18 -12.40 -22.07 17.55
C LYS F 18 -11.32 -21.24 16.86
N LEU F 19 -11.03 -20.05 17.41
CA LEU F 19 -9.93 -19.19 16.96
C LEU F 19 -8.67 -19.31 17.84
N GLY F 20 -8.72 -20.25 18.78
CA GLY F 20 -7.68 -20.47 19.78
C GLY F 20 -7.56 -19.27 20.68
N LEU F 21 -8.70 -18.80 21.18
CA LEU F 21 -8.71 -17.73 22.16
C LEU F 21 -9.16 -18.29 23.47
N MET F 22 -8.58 -17.73 24.53
CA MET F 22 -9.10 -17.90 25.89
C MET F 22 -10.08 -16.77 26.22
N ARG F 23 -10.98 -17.02 27.18
CA ARG F 23 -12.03 -16.08 27.54
C ARG F 23 -11.46 -14.67 27.77
N ASP F 24 -10.40 -14.60 28.56
CA ASP F 24 -9.79 -13.32 28.91
C ASP F 24 -9.17 -12.51 27.75
N ASP F 25 -9.00 -13.15 26.59
CA ASP F 25 -8.56 -12.43 25.39
C ASP F 25 -9.68 -11.59 24.79
N THR F 26 -10.92 -12.07 24.97
CA THR F 26 -12.13 -11.48 24.36
C THR F 26 -12.72 -10.30 25.16
N ILE F 27 -12.20 -10.06 26.37
CA ILE F 27 -12.68 -8.94 27.20
C ILE F 27 -12.48 -7.61 26.49
N HIS F 28 -13.54 -6.81 26.46
CA HIS F 28 -13.54 -5.45 25.92
C HIS F 28 -12.62 -4.59 26.74
N GLU F 29 -11.64 -3.98 26.08
CA GLU F 29 -10.60 -3.20 26.74
C GLU F 29 -11.13 -1.86 27.24
N ASN F 30 -11.49 -1.77 28.52
CA ASN F 30 -11.72 -0.49 29.17
C ASN F 30 -10.43 -0.06 29.88
N ASP F 31 -10.47 1.02 30.65
CA ASP F 31 -9.26 1.51 31.34
C ASP F 31 -8.67 0.54 32.37
N ASP F 32 -9.52 -0.24 33.03
CA ASP F 32 -9.07 -1.27 33.99
C ASP F 32 -8.35 -2.41 33.29
N VAL F 33 -8.94 -2.91 32.22
CA VAL F 33 -8.36 -4.00 31.43
C VAL F 33 -7.01 -3.56 30.84
N LYS F 34 -6.95 -2.33 30.31
CA LYS F 34 -5.70 -1.74 29.78
C LYS F 34 -4.57 -1.84 30.80
N GLU F 35 -4.85 -1.36 32.02
CA GLU F 35 -3.91 -1.45 33.15
C GLU F 35 -3.56 -2.87 33.52
N ALA F 36 -4.56 -3.74 33.56
CA ALA F 36 -4.35 -5.16 33.86
C ALA F 36 -3.43 -5.82 32.83
N ILE F 37 -3.66 -5.55 31.54
CA ILE F 37 -2.82 -6.03 30.43
C ILE F 37 -1.38 -5.56 30.61
N ARG F 38 -1.25 -4.26 30.89
CA ARG F 38 0.02 -3.59 31.12
C ARG F 38 0.82 -4.23 32.26
N ARG F 39 0.11 -4.83 33.21
CA ARG F 39 0.71 -5.46 34.37
C ARG F 39 1.06 -6.93 34.19
N LEU F 40 0.77 -7.47 33.01
CA LEU F 40 1.08 -8.88 32.75
C LEU F 40 2.59 -9.08 32.60
N PRO F 41 3.10 -10.26 33.05
CA PRO F 41 4.52 -10.61 32.84
C PRO F 41 4.82 -10.94 31.36
N GLU F 42 6.10 -10.86 30.96
CA GLU F 42 6.49 -11.00 29.54
C GLU F 42 5.80 -12.17 28.86
N ASN F 43 5.91 -13.34 29.49
CA ASN F 43 5.26 -14.57 29.01
C ASN F 43 3.76 -14.40 28.74
N LEU F 44 2.98 -14.01 29.75
CA LEU F 44 1.52 -13.90 29.61
C LEU F 44 1.07 -12.86 28.59
N TYR F 45 1.81 -11.76 28.51
CA TYR F 45 1.54 -10.74 27.52
C TYR F 45 1.79 -11.21 26.09
N ASN F 46 2.98 -11.74 25.81
CA ASN F 46 3.31 -12.18 24.45
C ASN F 46 2.45 -13.32 23.92
N ASP F 47 1.98 -14.18 24.84
CA ASP F 47 1.02 -15.23 24.56
C ASP F 47 -0.27 -14.61 24.09
N ARG F 48 -0.74 -13.62 24.86
CA ARG F 48 -1.96 -12.86 24.55
C ARG F 48 -1.84 -12.22 23.18
N VAL F 49 -0.70 -11.57 22.94
CA VAL F 49 -0.37 -10.91 21.67
C VAL F 49 -0.49 -11.91 20.51
N PHE F 50 0.09 -13.10 20.67
CA PHE F 50 0.02 -14.06 19.59
C PHE F 50 -1.36 -14.58 19.37
N ARG F 51 -2.00 -15.03 20.46
CA ARG F 51 -3.35 -15.61 20.40
C ARG F 51 -4.33 -14.73 19.61
N ILE F 52 -4.27 -13.42 19.89
CA ILE F 52 -5.10 -12.41 19.23
C ILE F 52 -4.70 -12.23 17.77
N LYS F 53 -3.40 -12.03 17.54
CA LYS F 53 -2.83 -11.97 16.19
C LYS F 53 -3.35 -13.13 15.33
N ARG F 54 -3.29 -14.33 15.91
CA ARG F 54 -3.72 -15.56 15.26
C ARG F 54 -5.21 -15.54 14.95
N ALA F 55 -5.99 -15.12 15.96
CA ALA F 55 -7.46 -15.01 15.86
C ALA F 55 -7.93 -14.01 14.80
N LEU F 56 -7.28 -12.85 14.77
CA LEU F 56 -7.59 -11.83 13.79
C LEU F 56 -7.25 -12.28 12.39
N ASP F 57 -6.13 -12.98 12.25
CA ASP F 57 -5.74 -13.52 10.96
C ASP F 57 -6.73 -14.59 10.46
N LEU F 58 -7.19 -15.42 11.38
CA LEU F 58 -8.26 -16.39 11.11
C LEU F 58 -9.58 -15.72 10.71
N SER F 59 -9.99 -14.71 11.49
CA SER F 59 -11.17 -13.89 11.18
C SER F 59 -11.08 -13.25 9.79
N MET F 60 -9.89 -12.77 9.43
CA MET F 60 -9.60 -12.20 8.11
C MET F 60 -9.82 -13.21 6.98
N ARG F 61 -9.50 -14.48 7.23
CA ARG F 61 -9.71 -15.54 6.24
C ARG F 61 -11.09 -16.21 6.31
N GLN F 62 -11.85 -15.86 7.34
CA GLN F 62 -13.17 -16.45 7.64
C GLN F 62 -13.07 -17.96 7.85
N GLN F 63 -12.08 -18.35 8.63
CA GLN F 63 -11.80 -19.74 8.92
C GLN F 63 -11.64 -19.90 10.42
N ILE F 64 -11.69 -21.15 10.86
CA ILE F 64 -11.44 -21.50 12.25
C ILE F 64 -10.24 -22.44 12.31
N LEU F 65 -9.77 -22.75 13.50
CA LEU F 65 -8.72 -23.75 13.67
C LEU F 65 -9.29 -25.16 13.49
N PRO F 66 -8.41 -26.16 13.27
CA PRO F 66 -8.77 -27.58 13.47
C PRO F 66 -9.31 -27.85 14.89
N LYS F 67 -10.29 -28.76 14.98
CA LYS F 67 -10.96 -29.07 16.25
C LYS F 67 -10.01 -29.53 17.36
N GLU F 68 -8.92 -30.20 16.97
CA GLU F 68 -7.85 -30.60 17.89
C GLU F 68 -7.25 -29.38 18.60
N GLN F 69 -7.08 -28.31 17.82
CA GLN F 69 -6.44 -27.09 18.30
C GLN F 69 -7.37 -26.12 19.03
N TRP F 70 -8.66 -26.45 19.13
CA TRP F 70 -9.59 -25.57 19.84
C TRP F 70 -9.27 -25.53 21.33
N THR F 71 -9.49 -24.36 21.94
CA THR F 71 -9.32 -24.21 23.37
C THR F 71 -10.37 -25.06 24.04
N LYS F 72 -9.93 -26.07 24.80
CA LYS F 72 -10.85 -26.91 25.56
C LYS F 72 -11.41 -26.07 26.71
N TYR F 73 -12.67 -26.30 27.06
CA TYR F 73 -13.36 -25.57 28.14
C TYR F 73 -12.60 -25.61 29.46
N GLU F 74 -12.12 -26.81 29.82
CA GLU F 74 -11.48 -27.06 31.10
C GLU F 74 -10.07 -26.48 31.13
N GLU F 75 -9.43 -26.38 29.96
CA GLU F 75 -8.07 -25.86 29.81
C GLU F 75 -7.97 -24.32 29.74
N ASP F 76 -9.12 -23.64 29.81
CA ASP F 76 -9.18 -22.18 29.72
C ASP F 76 -8.81 -21.55 31.06
N LYS F 77 -7.52 -21.28 31.22
CA LYS F 77 -6.99 -20.61 32.42
C LYS F 77 -7.47 -19.16 32.46
N SER F 78 -7.88 -18.72 33.66
CA SER F 78 -8.41 -17.38 33.90
C SER F 78 -7.27 -16.35 34.13
N TYR F 79 -6.38 -16.20 33.14
CA TYR F 79 -5.05 -15.56 33.32
C TYR F 79 -5.05 -14.09 33.77
N LEU F 80 -6.12 -13.38 33.42
CA LEU F 80 -6.23 -11.95 33.68
C LEU F 80 -6.87 -11.62 35.04
N GLU F 81 -7.62 -12.56 35.62
CA GLU F 81 -8.34 -12.38 36.91
C GLU F 81 -7.53 -11.67 38.02
N PRO F 82 -6.39 -12.27 38.49
CA PRO F 82 -5.64 -11.64 39.58
C PRO F 82 -5.16 -10.19 39.36
N TYR F 83 -4.82 -9.84 38.13
CA TYR F 83 -4.37 -8.49 37.81
C TYR F 83 -5.54 -7.54 37.74
N LEU F 84 -6.58 -7.96 37.02
CA LEU F 84 -7.78 -7.17 36.82
C LEU F 84 -8.53 -6.93 38.11
N LYS F 85 -8.67 -7.98 38.91
CA LYS F 85 -9.30 -7.91 40.24
C LYS F 85 -8.67 -6.79 41.08
N GLU F 86 -7.34 -6.78 41.15
CA GLU F 86 -6.55 -5.80 41.91
C GLU F 86 -6.59 -4.38 41.36
N VAL F 87 -6.58 -4.25 40.03
CA VAL F 87 -6.72 -2.95 39.38
C VAL F 87 -8.05 -2.31 39.77
N ILE F 88 -9.12 -3.13 39.73
CA ILE F 88 -10.47 -2.71 40.13
C ILE F 88 -10.51 -2.39 41.63
N ARG F 89 -9.97 -3.30 42.44
CA ARG F 89 -9.89 -3.13 43.90
C ARG F 89 -9.17 -1.84 44.28
N GLU F 90 -8.14 -1.47 43.52
CA GLU F 90 -7.37 -0.23 43.73
C GLU F 90 -8.16 1.02 43.43
N ARG F 91 -8.84 1.02 42.28
CA ARG F 91 -9.63 2.16 41.84
C ARG F 91 -10.78 2.43 42.80
N LYS F 92 -11.47 1.37 43.21
CA LYS F 92 -12.53 1.45 44.22
C LYS F 92 -12.05 2.06 45.53
N GLU F 93 -10.80 1.79 45.92
CA GLU F 93 -10.19 2.44 47.09
C GLU F 93 -9.98 3.95 46.90
N ARG F 94 -9.53 4.36 45.72
CA ARG F 94 -9.33 5.78 45.42
C ARG F 94 -10.65 6.53 45.32
N GLU F 95 -11.66 5.84 44.79
CA GLU F 95 -13.00 6.38 44.65
C GLU F 95 -13.63 6.57 46.02
N GLU F 96 -13.36 5.63 46.92
CA GLU F 96 -13.83 5.70 48.30
C GLU F 96 -13.14 6.85 49.05
N TRP F 97 -11.82 6.94 48.89
CA TRP F 97 -11.02 7.98 49.54
C TRP F 97 -11.44 9.37 49.10
N ALA F 98 -11.87 9.49 47.84
CA ALA F 98 -12.39 10.74 47.29
C ALA F 98 -13.80 11.12 47.81
N LYS F 99 -14.29 10.45 48.87
CA LYS F 99 -15.58 10.77 49.54
C LYS F 99 -15.42 10.84 51.05
N GLY G 1 -4.67 10.05 14.07
CA GLY G 1 -4.55 9.00 15.13
C GLY G 1 -3.13 8.52 15.29
N ARG G 2 -2.95 7.21 15.43
CA ARG G 2 -1.62 6.66 15.65
C ARG G 2 -1.01 6.11 14.37
N GLN G 3 0.25 6.47 14.13
CA GLN G 3 1.01 6.08 12.91
C GLN G 3 1.71 4.73 13.10
N PHE G 4 1.88 3.96 12.02
CA PHE G 4 2.65 2.70 12.04
C PHE G 4 4.03 2.88 12.66
N GLY G 5 4.34 2.08 13.68
CA GLY G 5 5.56 2.26 14.47
C GLY G 5 5.31 2.77 15.88
N HIS G 6 4.07 3.15 16.18
CA HIS G 6 3.65 3.56 17.52
C HIS G 6 2.38 2.84 17.99
N LEU G 7 1.97 1.78 17.28
CA LEU G 7 0.70 1.10 17.56
C LEU G 7 0.70 0.29 18.85
N THR G 8 1.60 -0.71 18.95
CA THR G 8 1.72 -1.59 20.11
C THR G 8 3.06 -2.38 20.20
N ARG G 9 3.23 -3.12 21.29
CA ARG G 9 4.44 -3.93 21.51
C ARG G 9 4.18 -5.39 21.18
N VAL G 10 4.96 -5.93 20.24
CA VAL G 10 4.83 -7.33 19.78
C VAL G 10 6.22 -7.98 19.82
N ARG G 11 6.32 -9.14 20.46
CA ARG G 11 7.59 -9.87 20.51
C ARG G 11 7.50 -11.33 20.11
N HIS G 12 8.50 -11.73 19.31
CA HIS G 12 8.74 -13.13 18.90
C HIS G 12 7.64 -13.73 18.03
N VAL G 13 7.27 -13.01 16.98
CA VAL G 13 6.25 -13.45 16.01
C VAL G 13 6.81 -13.28 14.59
N ILE G 14 7.02 -14.38 13.89
CA ILE G 14 7.49 -14.34 12.49
C ILE G 14 6.31 -14.37 11.51
N THR G 15 6.40 -13.58 10.44
CA THR G 15 5.38 -13.56 9.39
C THR G 15 6.02 -13.80 8.03
N TYR G 16 5.72 -14.96 7.43
CA TYR G 16 6.19 -15.29 6.08
C TYR G 16 5.05 -15.07 5.10
N SER G 17 5.35 -14.48 3.93
CA SER G 17 4.35 -14.25 2.86
C SER G 17 4.96 -14.20 1.45
N LEU G 18 4.08 -14.32 0.45
CA LEU G 18 4.47 -14.32 -0.95
C LEU G 18 4.04 -13.06 -1.71
N SER G 19 4.80 -12.74 -2.76
CA SER G 19 4.45 -11.72 -3.71
C SER G 19 3.20 -12.14 -4.45
N PRO G 20 2.32 -11.17 -4.79
CA PRO G 20 1.11 -11.50 -5.55
C PRO G 20 1.38 -12.05 -6.95
N PHE G 21 2.57 -11.78 -7.49
CA PHE G 21 2.96 -12.26 -8.81
C PHE G 21 3.48 -13.69 -8.76
N GLU G 22 3.79 -14.17 -7.56
CA GLU G 22 4.27 -15.52 -7.35
C GLU G 22 3.12 -16.50 -7.13
N GLN G 23 1.92 -15.97 -6.86
CA GLN G 23 0.78 -16.82 -6.50
C GLN G 23 -0.50 -16.62 -7.33
N ARG G 24 -1.46 -17.53 -7.16
CA ARG G 24 -2.77 -17.44 -7.80
C ARG G 24 -3.72 -16.57 -7.02
N ALA G 25 -4.58 -15.85 -7.74
CA ALA G 25 -5.61 -15.01 -7.15
C ALA G 25 -6.71 -15.83 -6.48
N PHE G 26 -6.99 -17.01 -7.04
CA PHE G 26 -8.08 -17.86 -6.57
C PHE G 26 -7.60 -19.29 -6.28
N PRO G 27 -6.68 -19.47 -5.32
CA PRO G 27 -6.23 -20.85 -5.06
C PRO G 27 -7.32 -21.66 -4.38
N HIS G 28 -7.63 -22.83 -4.96
CA HIS G 28 -8.68 -23.74 -4.47
C HIS G 28 -10.03 -23.04 -4.17
N TYR G 29 -10.45 -22.19 -5.11
CA TYR G 29 -11.62 -21.30 -4.99
C TYR G 29 -12.96 -22.01 -4.76
N PHE G 30 -13.19 -23.07 -5.54
CA PHE G 30 -14.35 -23.92 -5.35
C PHE G 30 -14.04 -25.07 -4.38
N SER G 31 -12.87 -25.69 -4.55
CA SER G 31 -12.40 -26.83 -3.74
C SER G 31 -12.52 -26.62 -2.24
N LYS G 32 -11.99 -25.50 -1.76
CA LYS G 32 -12.00 -25.17 -0.34
C LYS G 32 -13.08 -24.13 -0.01
N GLY G 33 -13.52 -23.39 -1.03
CA GLY G 33 -14.49 -22.31 -0.89
C GLY G 33 -15.86 -22.80 -0.53
N ILE G 34 -16.39 -23.70 -1.37
CA ILE G 34 -17.69 -24.36 -1.16
C ILE G 34 -17.85 -24.93 0.28
N PRO G 35 -16.92 -25.83 0.73
CA PRO G 35 -17.07 -26.35 2.10
C PRO G 35 -17.02 -25.28 3.20
N ASN G 36 -16.13 -24.30 3.05
CA ASN G 36 -16.03 -23.22 4.03
C ASN G 36 -17.31 -22.40 4.10
N VAL G 37 -17.98 -22.20 2.96
CA VAL G 37 -19.26 -21.47 2.90
C VAL G 37 -20.37 -22.23 3.63
N LEU G 38 -20.48 -23.53 3.33
CA LEU G 38 -21.44 -24.40 4.00
C LEU G 38 -21.24 -24.42 5.52
N ARG G 39 -19.98 -24.44 5.94
CA ARG G 39 -19.58 -24.41 7.35
C ARG G 39 -20.02 -23.09 8.01
N ARG G 40 -19.77 -21.99 7.31
CA ARG G 40 -20.14 -20.65 7.75
C ARG G 40 -21.65 -20.47 7.81
N THR G 41 -22.35 -21.03 6.81
CA THR G 41 -23.82 -20.96 6.74
C THR G 41 -24.46 -21.79 7.85
N ARG G 42 -23.95 -23.01 8.07
CA ARG G 42 -24.44 -23.89 9.14
C ARG G 42 -24.22 -23.25 10.51
N ALA G 43 -23.09 -22.56 10.68
CA ALA G 43 -22.70 -21.95 11.96
C ALA G 43 -23.65 -20.86 12.42
N CYS G 44 -24.20 -20.08 11.48
CA CYS G 44 -25.07 -18.95 11.82
C CYS G 44 -26.56 -19.17 11.55
N ILE G 45 -26.92 -20.26 10.86
CA ILE G 45 -28.28 -20.44 10.31
C ILE G 45 -29.41 -20.34 11.34
N LEU G 46 -29.29 -21.07 12.43
CA LEU G 46 -30.37 -21.07 13.40
C LEU G 46 -30.21 -20.01 14.49
N ARG G 47 -29.41 -18.99 14.18
CA ARG G 47 -29.42 -17.70 14.86
C ARG G 47 -30.10 -16.68 13.97
N VAL G 48 -29.73 -16.71 12.68
CA VAL G 48 -30.16 -15.75 11.65
C VAL G 48 -31.56 -16.05 11.15
N ALA G 49 -31.81 -17.31 10.75
CA ALA G 49 -33.05 -17.70 10.09
C ALA G 49 -34.35 -17.63 10.91
N PRO G 50 -34.39 -18.20 12.15
CA PRO G 50 -35.66 -18.26 12.90
C PRO G 50 -36.51 -16.97 12.92
N PRO G 51 -35.90 -15.78 13.17
CA PRO G 51 -36.69 -14.55 13.10
C PRO G 51 -37.30 -14.28 11.73
N PHE G 52 -36.59 -14.59 10.65
CA PHE G 52 -37.15 -14.38 9.31
C PHE G 52 -38.19 -15.42 8.88
N VAL G 53 -38.11 -16.63 9.43
CA VAL G 53 -39.18 -17.62 9.34
C VAL G 53 -40.44 -17.03 10.01
N ALA G 54 -40.26 -16.52 11.24
CA ALA G 54 -41.31 -15.86 12.01
C ALA G 54 -41.94 -14.66 11.27
N PHE G 55 -41.10 -13.86 10.59
CA PHE G 55 -41.62 -12.77 9.74
C PHE G 55 -42.50 -13.32 8.63
N TYR G 56 -41.99 -14.34 7.92
CA TYR G 56 -42.73 -14.97 6.82
C TYR G 56 -44.10 -15.42 7.27
N LEU G 57 -44.15 -16.02 8.47
CA LEU G 57 -45.37 -16.56 9.03
C LEU G 57 -46.32 -15.46 9.48
N VAL G 58 -45.83 -14.49 10.25
CA VAL G 58 -46.65 -13.35 10.68
C VAL G 58 -47.14 -12.51 9.48
N TYR G 59 -46.36 -12.49 8.42
CA TYR G 59 -46.72 -11.83 7.16
C TYR G 59 -47.86 -12.56 6.43
N THR G 60 -47.63 -13.83 6.08
CA THR G 60 -48.61 -14.63 5.33
C THR G 60 -49.91 -14.87 6.12
N TRP G 61 -49.79 -14.93 7.45
CA TRP G 61 -50.97 -15.04 8.31
C TRP G 61 -51.77 -13.74 8.24
N GLY G 62 -51.10 -12.63 8.54
CA GLY G 62 -51.71 -11.32 8.57
C GLY G 62 -52.31 -10.85 7.24
N THR G 63 -51.69 -11.25 6.14
CA THR G 63 -52.14 -10.82 4.80
C THR G 63 -53.47 -11.47 4.43
N GLN G 64 -53.54 -12.81 4.50
CA GLN G 64 -54.77 -13.52 4.15
C GLN G 64 -55.83 -13.45 5.25
N GLU G 65 -55.45 -13.00 6.45
CA GLU G 65 -56.40 -12.67 7.52
C GLU G 65 -57.15 -11.39 7.19
N PHE G 66 -56.45 -10.43 6.59
CA PHE G 66 -57.03 -9.19 6.10
C PHE G 66 -57.99 -9.42 4.92
N GLU G 67 -57.67 -10.42 4.09
CA GLU G 67 -58.54 -10.82 2.97
C GLU G 67 -59.81 -11.49 3.48
N LYS G 68 -59.67 -12.44 4.39
CA LYS G 68 -60.81 -13.16 4.97
C LYS G 68 -61.75 -12.25 5.76
N SER G 69 -61.19 -11.31 6.52
CA SER G 69 -61.97 -10.30 7.25
C SER G 69 -62.87 -9.46 6.34
N LYS G 70 -62.42 -9.17 5.12
CA LYS G 70 -63.20 -8.38 4.15
C LYS G 70 -64.28 -9.18 3.39
N ARG G 71 -64.21 -10.50 3.47
CA ARG G 71 -65.30 -11.38 2.99
C ARG G 71 -66.51 -11.33 3.91
N LYS G 72 -67.69 -11.58 3.34
CA LYS G 72 -68.93 -11.69 4.13
C LYS G 72 -68.97 -13.04 4.84
N ASN G 73 -69.58 -13.06 6.01
CA ASN G 73 -69.77 -14.27 6.82
C ASN G 73 -71.14 -14.88 6.49
N PRO G 74 -71.24 -16.23 6.34
CA PRO G 74 -72.55 -16.78 5.95
C PRO G 74 -73.64 -16.82 7.06
N ALA G 75 -74.08 -15.63 7.52
CA ALA G 75 -75.11 -15.41 8.56
C ALA G 75 -75.57 -13.95 8.58
N VAL H 1 -66.96 -11.31 -33.49
CA VAL H 1 -65.70 -11.65 -34.19
C VAL H 1 -64.46 -11.58 -33.26
N ASP H 2 -64.62 -11.01 -32.06
CA ASP H 2 -63.49 -10.72 -31.15
C ASP H 2 -62.81 -11.93 -30.51
N PRO H 3 -61.50 -12.10 -30.74
CA PRO H 3 -60.73 -13.14 -30.05
C PRO H 3 -60.90 -13.19 -28.53
N LEU H 4 -61.20 -12.05 -27.90
CA LEU H 4 -61.41 -11.99 -26.45
C LEU H 4 -62.58 -12.84 -25.96
N THR H 5 -63.76 -12.61 -26.53
CA THR H 5 -64.98 -13.33 -26.16
C THR H 5 -64.93 -14.83 -26.51
N THR H 6 -64.11 -15.20 -27.50
CA THR H 6 -63.78 -16.61 -27.82
C THR H 6 -63.02 -17.24 -26.66
N VAL H 7 -61.93 -16.58 -26.24
CA VAL H 7 -61.05 -17.09 -25.17
C VAL H 7 -61.76 -17.11 -23.80
N ARG H 8 -62.59 -16.08 -23.54
CA ARG H 8 -63.40 -16.01 -22.31
C ARG H 8 -64.30 -17.22 -22.13
N GLU H 9 -64.88 -17.69 -23.24
CA GLU H 9 -65.64 -18.93 -23.30
C GLU H 9 -64.75 -20.15 -23.05
N GLN H 10 -63.61 -20.20 -23.75
CA GLN H 10 -62.66 -21.32 -23.68
C GLN H 10 -62.20 -21.56 -22.25
N CYS H 11 -61.85 -20.46 -21.57
CA CYS H 11 -61.38 -20.49 -20.19
C CYS H 11 -62.49 -20.76 -19.19
N GLU H 12 -63.70 -20.33 -19.52
CA GLU H 12 -64.88 -20.48 -18.64
C GLU H 12 -65.19 -21.95 -18.32
N GLN H 13 -64.79 -22.83 -19.22
CA GLN H 13 -65.02 -24.27 -19.09
C GLN H 13 -63.81 -24.99 -18.51
N LEU H 14 -63.26 -24.42 -17.44
CA LEU H 14 -62.23 -25.04 -16.64
C LEU H 14 -62.75 -25.30 -15.24
N GLU H 15 -62.18 -26.30 -14.56
CA GLU H 15 -62.61 -26.79 -13.24
C GLU H 15 -62.83 -25.68 -12.21
N LYS H 16 -61.81 -24.82 -12.09
CA LYS H 16 -61.85 -23.72 -11.11
C LYS H 16 -62.87 -22.65 -11.47
N CYS H 17 -63.11 -22.46 -12.79
CA CYS H 17 -64.09 -21.49 -13.28
C CYS H 17 -65.52 -21.97 -13.05
N VAL H 18 -65.80 -23.18 -13.54
CA VAL H 18 -67.14 -23.78 -13.46
C VAL H 18 -67.60 -24.02 -12.01
N LYS H 19 -66.66 -24.35 -11.12
CA LYS H 19 -66.91 -24.47 -9.67
C LYS H 19 -67.25 -23.11 -9.05
N ALA H 20 -66.56 -22.07 -9.49
CA ALA H 20 -66.80 -20.69 -9.04
C ALA H 20 -68.04 -20.08 -9.67
N ARG H 21 -68.38 -20.53 -10.88
CA ARG H 21 -69.59 -20.09 -11.59
C ARG H 21 -70.83 -20.64 -10.91
N GLU H 22 -70.72 -21.84 -10.36
CA GLU H 22 -71.80 -22.46 -9.57
C GLU H 22 -72.01 -21.75 -8.24
N ARG H 23 -70.90 -21.35 -7.60
CA ARG H 23 -70.92 -20.52 -6.40
C ARG H 23 -71.65 -19.19 -6.65
N LEU H 24 -71.41 -18.61 -7.83
CA LEU H 24 -72.06 -17.37 -8.30
C LEU H 24 -73.57 -17.57 -8.48
N GLU H 25 -73.95 -18.68 -9.09
CA GLU H 25 -75.35 -18.97 -9.37
C GLU H 25 -76.12 -19.37 -8.11
N LEU H 26 -75.44 -19.92 -7.12
CA LEU H 26 -76.04 -20.23 -5.81
C LEU H 26 -76.61 -18.97 -5.17
N CYS H 27 -75.80 -17.93 -5.06
CA CYS H 27 -76.22 -16.68 -4.43
C CYS H 27 -77.09 -15.83 -5.36
N ASP H 28 -77.00 -16.08 -6.66
CA ASP H 28 -77.90 -15.45 -7.62
C ASP H 28 -79.35 -15.79 -7.27
N GLU H 29 -79.67 -17.09 -7.22
CA GLU H 29 -80.99 -17.58 -6.82
C GLU H 29 -81.07 -17.87 -5.30
N ARG H 30 -80.40 -17.03 -4.51
CA ARG H 30 -80.56 -17.00 -3.06
C ARG H 30 -81.01 -15.59 -2.68
N VAL H 31 -80.30 -14.58 -3.21
CA VAL H 31 -80.69 -13.18 -3.02
C VAL H 31 -81.95 -12.85 -3.82
N SER H 32 -81.89 -13.06 -5.14
CA SER H 32 -83.00 -12.72 -6.02
C SER H 32 -84.26 -13.50 -5.66
N SER H 33 -84.13 -14.55 -4.84
CA SER H 33 -85.28 -15.24 -4.30
C SER H 33 -85.76 -14.55 -3.03
N ARG H 34 -84.91 -14.55 -2.00
CA ARG H 34 -85.25 -13.96 -0.69
C ARG H 34 -85.56 -12.47 -0.79
N SER H 35 -86.40 -11.99 0.12
CA SER H 35 -86.77 -10.58 0.20
C SER H 35 -86.17 -9.93 1.44
N GLN H 36 -86.01 -8.61 1.39
CA GLN H 36 -85.59 -7.75 2.52
C GLN H 36 -84.33 -8.19 3.30
N THR H 37 -83.22 -8.41 2.59
CA THR H 37 -81.87 -8.55 3.20
C THR H 37 -80.82 -7.86 2.29
N GLU H 38 -80.04 -6.98 2.89
CA GLU H 38 -79.17 -6.05 2.17
C GLU H 38 -77.86 -6.65 1.61
N GLU H 39 -77.70 -7.97 1.73
CA GLU H 39 -76.53 -8.68 1.18
C GLU H 39 -76.63 -8.77 -0.34
N ASP H 40 -75.48 -8.61 -1.02
CA ASP H 40 -75.39 -8.69 -2.49
C ASP H 40 -74.43 -9.81 -2.93
N CYS H 41 -74.07 -9.82 -4.22
CA CYS H 41 -73.26 -10.89 -4.80
C CYS H 41 -72.03 -10.43 -5.61
N THR H 42 -71.42 -9.31 -5.23
CA THR H 42 -70.21 -8.81 -5.90
C THR H 42 -69.06 -9.81 -5.71
N GLU H 43 -68.87 -10.22 -4.45
CA GLU H 43 -67.84 -11.16 -4.03
C GLU H 43 -67.74 -12.39 -4.92
N GLU H 44 -68.87 -13.05 -5.17
CA GLU H 44 -68.93 -14.28 -5.97
C GLU H 44 -68.54 -14.07 -7.43
N LEU H 45 -68.92 -12.92 -7.97
CA LEU H 45 -68.54 -12.54 -9.33
C LEU H 45 -67.02 -12.38 -9.47
N LEU H 46 -66.43 -11.71 -8.48
CA LEU H 46 -65.00 -11.43 -8.46
C LEU H 46 -64.17 -12.72 -8.30
N ASP H 47 -64.70 -13.68 -7.54
CA ASP H 47 -64.11 -15.02 -7.43
C ASP H 47 -64.03 -15.68 -8.79
N PHE H 48 -65.13 -15.55 -9.54
CA PHE H 48 -65.24 -16.13 -10.87
C PHE H 48 -64.31 -15.45 -11.87
N LEU H 49 -64.30 -14.12 -11.87
CA LEU H 49 -63.50 -13.35 -12.80
C LEU H 49 -62.00 -13.51 -12.58
N HIS H 50 -61.59 -13.61 -11.31
CA HIS H 50 -60.19 -13.86 -10.89
C HIS H 50 -59.65 -15.13 -11.55
N ALA H 51 -60.42 -16.21 -11.44
CA ALA H 51 -60.08 -17.49 -12.06
C ALA H 51 -60.16 -17.44 -13.57
N ARG H 52 -61.21 -16.79 -14.11
CA ARG H 52 -61.41 -16.68 -15.56
C ARG H 52 -60.31 -15.86 -16.22
N ASP H 53 -60.17 -14.61 -15.79
CA ASP H 53 -59.26 -13.67 -16.44
C ASP H 53 -57.78 -13.99 -16.22
N HIS H 54 -57.45 -14.80 -15.23
CA HIS H 54 -56.08 -15.34 -15.11
C HIS H 54 -55.77 -16.23 -16.32
N CYS H 55 -56.69 -17.12 -16.66
CA CYS H 55 -56.57 -17.99 -17.82
C CYS H 55 -56.59 -17.21 -19.13
N VAL H 56 -57.48 -16.20 -19.21
CA VAL H 56 -57.63 -15.35 -20.41
C VAL H 56 -56.28 -14.69 -20.72
N ALA H 57 -55.65 -14.11 -19.70
CA ALA H 57 -54.33 -13.50 -19.79
C ALA H 57 -53.28 -14.42 -20.42
N HIS H 58 -53.26 -15.68 -19.99
CA HIS H 58 -52.25 -16.67 -20.40
C HIS H 58 -52.15 -16.91 -21.91
N LYS H 59 -53.25 -16.69 -22.63
CA LYS H 59 -53.29 -16.97 -24.06
C LYS H 59 -54.13 -16.04 -24.96
N LEU H 60 -54.65 -14.95 -24.39
CA LEU H 60 -55.39 -13.94 -25.16
C LEU H 60 -54.47 -13.22 -26.11
N PHE H 61 -53.27 -12.90 -25.63
CA PHE H 61 -52.34 -12.08 -26.40
C PHE H 61 -51.76 -12.77 -27.63
N ASN H 62 -52.00 -14.07 -27.75
CA ASN H 62 -51.54 -14.82 -28.91
C ASN H 62 -52.33 -14.47 -30.16
N SER H 63 -53.62 -14.18 -29.98
CA SER H 63 -54.52 -13.85 -31.10
C SER H 63 -54.57 -12.33 -31.38
N LEU H 64 -53.51 -11.60 -31.00
CA LEU H 64 -53.46 -10.14 -31.12
C LEU H 64 -52.12 -9.64 -31.64
N ALA I 1 36.99 4.07 -0.39
CA ALA I 1 35.97 3.54 -1.36
C ALA I 1 35.30 2.25 -0.88
N VAL I 2 36.09 1.38 -0.25
CA VAL I 2 35.69 0.03 0.21
C VAL I 2 35.04 0.08 1.62
N PRO I 3 33.85 -0.60 1.84
CA PRO I 3 33.21 -0.60 3.19
C PRO I 3 34.01 -1.43 4.20
N ALA I 4 33.91 -1.08 5.49
CA ALA I 4 34.75 -1.71 6.52
C ALA I 4 34.31 -3.09 6.95
N THR I 5 35.12 -3.68 7.83
CA THR I 5 34.92 -4.99 8.45
C THR I 5 33.57 -5.07 9.22
N SER I 6 33.19 -3.94 9.83
CA SER I 6 32.04 -3.85 10.71
C SER I 6 31.30 -2.52 10.48
N GLU I 7 30.01 -2.61 10.17
CA GLU I 7 29.14 -1.43 10.04
C GLU I 7 28.71 -0.96 11.42
N SER I 8 28.89 0.33 11.71
CA SER I 8 28.75 0.85 13.07
C SER I 8 27.44 1.59 13.36
N PRO I 9 26.66 1.08 14.33
CA PRO I 9 25.56 1.83 14.93
C PRO I 9 25.79 2.15 16.43
N VAL I 10 25.15 3.22 16.90
CA VAL I 10 24.98 3.56 18.33
C VAL I 10 23.65 2.94 18.73
N LEU I 11 23.50 2.59 20.01
CA LEU I 11 22.22 2.08 20.58
C LEU I 11 21.87 0.69 20.04
N ASP I 12 22.83 0.00 19.42
CA ASP I 12 22.62 -1.39 18.88
C ASP I 12 23.12 -2.49 19.85
N LEU I 13 22.19 -3.38 20.30
CA LEU I 13 22.42 -4.44 21.33
C LEU I 13 23.63 -5.32 21.04
N LYS I 14 24.47 -5.54 22.06
CA LYS I 14 25.85 -6.09 21.93
C LYS I 14 25.89 -7.54 21.46
N ARG I 15 26.91 -7.86 20.65
CA ARG I 15 27.09 -9.21 20.09
C ARG I 15 27.79 -10.14 21.09
N SER I 16 27.14 -11.25 21.46
CA SER I 16 27.55 -12.10 22.62
C SER I 16 28.75 -13.00 22.35
N VAL I 17 29.44 -13.40 23.43
CA VAL I 17 30.54 -14.38 23.41
C VAL I 17 30.22 -15.53 24.38
N LEU I 18 30.32 -16.77 23.91
CA LEU I 18 29.94 -17.97 24.70
C LEU I 18 30.98 -19.09 24.90
N CYS I 19 32.07 -19.06 24.12
CA CYS I 19 33.07 -20.15 24.11
C CYS I 19 34.52 -19.64 23.96
N ARG I 20 35.50 -20.53 24.15
CA ARG I 20 36.92 -20.19 23.98
C ARG I 20 37.27 -19.81 22.52
N GLU I 21 36.72 -20.56 21.57
CA GLU I 21 36.97 -20.41 20.13
C GLU I 21 36.60 -19.07 19.54
N SER I 22 35.57 -18.43 20.09
CA SER I 22 35.12 -17.10 19.69
C SER I 22 35.78 -15.98 20.50
N LEU I 23 36.22 -16.30 21.72
CA LEU I 23 36.79 -15.33 22.65
C LEU I 23 38.29 -15.01 22.40
N ARG I 24 39.02 -15.95 21.79
CA ARG I 24 40.45 -15.77 21.46
C ARG I 24 40.59 -14.82 20.24
N GLY I 25 41.63 -13.99 20.28
CA GLY I 25 41.85 -12.92 19.31
C GLY I 25 41.55 -11.55 19.92
N GLN I 26 40.73 -11.58 20.98
CA GLN I 26 40.19 -10.37 21.63
C GLN I 26 41.13 -9.68 22.62
N ALA I 27 41.91 -10.47 23.38
CA ALA I 27 42.82 -9.92 24.39
C ALA I 27 43.84 -8.98 23.73
N ALA I 28 43.81 -7.71 24.14
CA ALA I 28 44.64 -6.63 23.56
C ALA I 28 46.12 -6.85 23.84
N GLY I 29 46.93 -6.66 22.80
CA GLY I 29 48.36 -6.98 22.87
C GLY I 29 49.29 -5.86 22.47
N ARG I 30 48.70 -4.82 21.88
CA ARG I 30 49.39 -3.59 21.45
C ARG I 30 48.46 -2.36 21.71
N PRO I 31 49.02 -1.11 21.78
CA PRO I 31 48.22 0.07 22.22
C PRO I 31 47.20 0.51 21.19
N LEU I 32 46.23 1.32 21.59
CA LEU I 32 45.13 1.67 20.69
C LEU I 32 45.50 2.59 19.53
N VAL I 33 44.85 2.35 18.40
CA VAL I 33 44.93 3.22 17.23
C VAL I 33 43.49 3.52 16.84
N ALA I 34 43.22 4.73 16.41
CA ALA I 34 41.90 5.07 15.94
C ALA I 34 41.96 5.75 14.58
N SER I 35 41.15 5.27 13.64
CA SER I 35 41.00 5.90 12.32
C SER I 35 39.58 6.43 12.11
N VAL I 36 39.48 7.57 11.42
CA VAL I 36 38.20 8.11 10.96
C VAL I 36 38.43 8.42 9.49
N SER I 37 37.35 8.52 8.70
CA SER I 37 37.49 8.71 7.28
C SER I 37 36.46 9.66 6.63
N LEU I 38 36.41 9.60 5.29
CA LEU I 38 35.29 10.08 4.46
C LEU I 38 34.41 8.91 3.95
N ASN I 39 35.05 7.80 3.59
CA ASN I 39 34.38 6.66 3.01
C ASN I 39 34.21 5.45 3.94
N VAL I 40 35.24 5.15 4.73
CA VAL I 40 35.32 3.89 5.53
C VAL I 40 34.77 4.12 6.96
N PRO I 41 33.93 3.17 7.49
CA PRO I 41 33.49 3.20 8.89
C PRO I 41 34.65 3.29 9.89
N ALA I 42 34.44 4.05 10.96
CA ALA I 42 35.49 4.35 11.94
C ALA I 42 35.87 3.11 12.76
N SER I 43 37.17 2.85 12.85
CA SER I 43 37.71 1.67 13.54
C SER I 43 38.75 2.01 14.62
N VAL I 44 38.75 1.19 15.67
CA VAL I 44 39.71 1.29 16.78
C VAL I 44 40.45 -0.05 16.92
N ARG I 45 41.78 0.00 16.87
CA ARG I 45 42.63 -1.21 16.86
C ARG I 45 43.32 -1.45 18.19
N TYR I 46 43.69 -2.69 18.45
CA TYR I 46 44.83 -2.98 19.31
C TYR I 46 46.09 -2.92 18.43
N ALA J 1 10.02 -18.22 -29.13
CA ALA J 1 9.01 -17.14 -28.87
C ALA J 1 8.51 -17.17 -27.41
N PRO J 2 8.47 -16.00 -26.72
CA PRO J 2 7.89 -15.94 -25.37
C PRO J 2 6.35 -15.97 -25.44
N THR J 3 5.71 -16.28 -24.31
CA THR J 3 4.24 -16.34 -24.21
C THR J 3 3.54 -15.03 -24.57
N LEU J 4 2.23 -15.10 -24.84
CA LEU J 4 1.46 -13.96 -25.33
C LEU J 4 1.35 -12.84 -24.32
N THR J 5 1.01 -13.18 -23.08
CA THR J 5 0.99 -12.23 -21.96
C THR J 5 2.34 -11.52 -21.81
N ALA J 6 3.44 -12.26 -21.98
CA ALA J 6 4.79 -11.70 -21.93
C ALA J 6 5.10 -10.70 -23.07
N ARG J 7 4.67 -11.01 -24.28
CA ARG J 7 4.79 -10.09 -25.42
C ARG J 7 4.02 -8.79 -25.14
N LEU J 8 2.81 -8.95 -24.61
CA LEU J 8 1.96 -7.83 -24.17
C LEU J 8 2.65 -6.96 -23.13
N TYR J 9 3.36 -7.59 -22.19
CA TYR J 9 4.08 -6.89 -21.11
C TYR J 9 5.24 -6.05 -21.66
N SER J 10 6.15 -6.70 -22.38
CA SER J 10 7.34 -6.04 -22.93
C SER J 10 7.01 -4.92 -23.92
N LEU J 11 5.99 -5.12 -24.76
CA LEU J 11 5.61 -4.14 -25.79
C LEU J 11 4.69 -3.03 -25.28
N LEU J 12 3.73 -3.37 -24.42
CA LEU J 12 2.73 -2.40 -23.98
C LEU J 12 2.79 -1.96 -22.52
N PHE J 13 3.01 -2.91 -21.60
CA PHE J 13 2.78 -2.66 -20.17
C PHE J 13 3.99 -2.25 -19.33
N ARG J 14 5.20 -2.40 -19.85
CA ARG J 14 6.39 -2.22 -19.02
C ARG J 14 6.62 -0.74 -18.64
N ARG J 15 6.87 0.10 -19.65
CA ARG J 15 6.92 1.56 -19.48
C ARG J 15 5.51 2.04 -19.18
N THR J 16 5.35 2.83 -18.11
CA THR J 16 4.04 3.34 -17.72
C THR J 16 3.50 4.32 -18.77
N SER J 17 4.40 4.97 -19.50
CA SER J 17 4.03 5.81 -20.64
C SER J 17 3.35 5.02 -21.79
N THR J 18 3.90 3.86 -22.18
CA THR J 18 3.24 2.99 -23.18
C THR J 18 1.96 2.34 -22.66
N PHE J 19 1.96 1.99 -21.36
CA PHE J 19 0.81 1.41 -20.64
C PHE J 19 -0.42 2.30 -20.70
N ALA J 20 -0.19 3.60 -20.55
CA ALA J 20 -1.25 4.60 -20.59
C ALA J 20 -1.76 4.82 -22.03
N LEU J 21 -0.84 4.95 -22.98
CA LEU J 21 -1.20 5.09 -24.38
C LEU J 21 -2.02 3.89 -24.85
N THR J 22 -1.63 2.70 -24.38
CA THR J 22 -2.35 1.46 -24.64
C THR J 22 -3.79 1.54 -24.18
N ILE J 23 -3.99 2.02 -22.96
CA ILE J 23 -5.35 2.14 -22.38
C ILE J 23 -6.24 3.06 -23.23
N VAL J 24 -5.69 4.21 -23.60
CA VAL J 24 -6.38 5.22 -24.42
C VAL J 24 -6.76 4.68 -25.82
N VAL J 25 -5.81 4.05 -26.51
CA VAL J 25 -6.06 3.42 -27.83
C VAL J 25 -7.08 2.29 -27.69
N GLY J 26 -6.83 1.37 -26.75
CA GLY J 26 -7.73 0.24 -26.47
C GLY J 26 -9.15 0.62 -26.11
N ALA J 27 -9.27 1.72 -25.36
CA ALA J 27 -10.58 2.27 -24.99
C ALA J 27 -11.37 2.70 -26.22
N LEU J 28 -10.68 3.30 -27.20
CA LEU J 28 -11.35 3.71 -28.43
C LEU J 28 -11.86 2.51 -29.23
N PHE J 29 -10.97 1.54 -29.45
CA PHE J 29 -11.28 0.31 -30.18
C PHE J 29 -12.36 -0.49 -29.46
N PHE J 30 -12.30 -0.50 -28.12
CA PHE J 30 -13.33 -1.15 -27.30
C PHE J 30 -14.66 -0.42 -27.42
N GLU J 31 -14.66 0.90 -27.29
CA GLU J 31 -15.88 1.69 -27.29
C GLU J 31 -16.75 1.43 -28.55
N ARG J 32 -16.18 1.62 -29.73
CA ARG J 32 -16.88 1.39 -31.00
C ARG J 32 -17.33 -0.06 -31.15
N ALA J 33 -16.46 -0.99 -30.79
CA ALA J 33 -16.76 -2.43 -30.84
C ALA J 33 -17.92 -2.81 -29.92
N PHE J 34 -17.81 -2.42 -28.64
CA PHE J 34 -18.81 -2.73 -27.63
C PHE J 34 -20.15 -2.13 -27.97
N ASP J 35 -20.16 -0.83 -28.31
CA ASP J 35 -21.38 -0.11 -28.64
C ASP J 35 -22.10 -0.79 -29.81
N GLN J 36 -21.40 -0.96 -30.93
CA GLN J 36 -21.98 -1.57 -32.12
C GLN J 36 -22.45 -2.99 -31.87
N GLY J 37 -21.62 -3.77 -31.16
CA GLY J 37 -21.93 -5.14 -30.77
C GLY J 37 -23.12 -5.31 -29.84
N ALA J 38 -23.24 -4.43 -28.86
CA ALA J 38 -24.33 -4.52 -27.87
C ALA J 38 -25.64 -4.01 -28.44
N ASP J 39 -25.56 -3.00 -29.30
CA ASP J 39 -26.72 -2.47 -30.02
C ASP J 39 -27.34 -3.52 -30.94
N ALA J 40 -26.48 -4.31 -31.60
CA ALA J 40 -26.90 -5.42 -32.44
C ALA J 40 -27.67 -6.44 -31.63
N ILE J 41 -27.16 -6.76 -30.43
CA ILE J 41 -27.81 -7.67 -29.48
C ILE J 41 -29.20 -7.15 -29.09
N TYR J 42 -29.30 -5.84 -28.82
CA TYR J 42 -30.57 -5.20 -28.48
C TYR J 42 -31.58 -5.18 -29.62
N GLU J 43 -31.14 -4.76 -30.80
CA GLU J 43 -31.99 -4.66 -32.00
C GLU J 43 -32.47 -6.02 -32.55
N HIS J 44 -31.65 -7.08 -32.40
CA HIS J 44 -32.09 -8.44 -32.71
C HIS J 44 -33.11 -8.94 -31.68
N ILE J 45 -32.88 -8.65 -30.40
CA ILE J 45 -33.82 -8.97 -29.29
C ILE J 45 -35.19 -8.32 -29.51
N ASN J 46 -35.19 -7.16 -30.16
CA ASN J 46 -36.40 -6.39 -30.44
C ASN J 46 -36.59 -6.20 -31.92
N GLU J 47 -36.47 -7.30 -32.66
CA GLU J 47 -36.66 -7.32 -34.12
C GLU J 47 -38.05 -6.84 -34.50
N GLY J 48 -38.10 -5.88 -35.41
CA GLY J 48 -39.36 -5.36 -35.93
C GLY J 48 -40.19 -4.48 -34.99
N LYS J 49 -39.79 -4.40 -33.73
CA LYS J 49 -40.49 -3.60 -32.71
C LYS J 49 -40.07 -2.12 -32.68
N LEU J 50 -38.82 -1.85 -33.07
CA LEU J 50 -38.23 -0.50 -33.00
C LEU J 50 -38.56 0.33 -34.25
N TRP J 51 -38.58 1.66 -34.06
CA TRP J 51 -38.78 2.63 -35.15
C TRP J 51 -37.76 2.45 -36.27
N LYS J 52 -36.52 2.08 -35.89
CA LYS J 52 -35.42 1.79 -36.82
C LYS J 52 -35.78 0.66 -37.81
N HIS J 53 -36.56 -0.32 -37.34
CA HIS J 53 -37.02 -1.45 -38.17
C HIS J 53 -38.26 -1.15 -39.02
N ILE J 54 -39.14 -0.28 -38.51
CA ILE J 54 -40.39 0.08 -39.21
C ILE J 54 -40.33 1.43 -39.96
N LYS J 55 -39.15 2.07 -39.94
CA LYS J 55 -38.91 3.37 -40.58
C LYS J 55 -39.27 3.37 -42.06
N HIS J 56 -38.81 2.33 -42.77
CA HIS J 56 -38.91 2.20 -44.22
C HIS J 56 -40.35 2.25 -44.76
N LYS J 57 -41.32 1.93 -43.90
CA LYS J 57 -42.73 1.86 -44.26
C LYS J 57 -43.35 3.23 -44.55
N TYR J 58 -42.70 4.30 -44.10
CA TYR J 58 -43.25 5.66 -44.22
C TYR J 58 -42.29 6.67 -44.89
N GLU J 59 -41.40 6.18 -45.75
CA GLU J 59 -40.39 7.01 -46.46
C GLU J 59 -40.29 6.69 -47.96
O1 6PE K . 0.21 2.68 -5.19
O2 6PE K . 0.31 0.74 -6.92
P1 6PE K . 0.49 2.21 -6.60
O3 6PE K . -0.41 3.09 -7.60
C1 6PE K . -1.62 2.55 -8.15
C2 6PE K . -2.83 2.80 -7.22
C3 6PE K . -3.16 4.29 -7.04
O4 6PE K . -2.54 5.14 -8.02
C4 6PE K . -3.22 5.50 -9.25
O5 6PE K . -3.89 4.65 -9.82
C5 6PE K . -3.09 6.90 -9.80
C6 6PE K . -2.40 6.91 -11.16
C7 6PE K . -1.31 7.97 -11.27
O6 6PE K . -3.98 2.11 -7.73
C10 6PE K . -4.29 0.83 -7.05
O7 6PE K . -4.91 0.84 -5.99
C11 6PE K . -3.85 -0.49 -7.65
C12 6PE K . -4.59 -1.65 -6.99
C13 6PE K . -4.54 -2.88 -7.87
O8 6PE K . 2.01 2.62 -6.98
C16 6PE K . 2.54 3.93 -6.76
C17 6PE K . 4.02 3.83 -6.42
N1 6PE K . 4.78 4.04 -7.63
P PO4 L . 3.26 0.30 6.13
O1 PO4 L . 4.32 1.33 5.80
O2 PO4 L . 2.94 -0.53 4.90
O3 PO4 L . 2.01 1.01 6.57
O4 PO4 L . 3.73 -0.60 7.24
C1 CDL M . 5.39 10.43 -5.69
O1 CDL M . 6.57 10.52 -4.88
CA2 CDL M . 5.76 10.07 -7.14
OA2 CDL M . 5.87 8.67 -7.51
PA1 CDL M . 5.37 8.12 -8.95
OA3 CDL M . 5.46 6.61 -8.96
OA4 CDL M . 6.08 8.90 -10.04
OA5 CDL M . 3.78 8.49 -8.94
CA3 CDL M . 3.08 9.14 -10.01
CA4 CDL M . 2.74 10.59 -9.68
OA6 CDL M . 1.40 10.86 -10.08
CA6 CDL M . 3.70 11.53 -10.38
OA8 CDL M . 3.29 12.87 -10.16
CB2 CDL M . 4.31 9.55 -5.04
OB2 CDL M . 4.77 8.27 -4.55
PB2 CDL M . 4.06 7.44 -3.34
OB3 CDL M . 4.33 8.23 -2.07
OB4 CDL M . 4.52 6.00 -3.39
OB5 CDL M . 2.46 7.50 -3.60
CB3 CDL M . 1.76 6.46 -4.29
CB4 CDL M . 0.44 6.98 -4.86
OB6 CDL M . -0.58 6.03 -4.54
CB5 CDL M . -1.69 6.62 -3.78
OB7 CDL M . -1.50 6.90 -2.62
C51 CDL M . -3.04 6.87 -4.43
C52 CDL M . -4.11 6.07 -3.72
C53 CDL M . -5.40 6.85 -3.61
C54 CDL M . -5.99 6.74 -2.21
CB6 CDL M . 0.52 7.13 -6.37
OB8 CDL M . -0.58 7.93 -6.85
CB7 CDL M . -0.41 9.28 -7.38
OB9 CDL M . 0.68 9.83 -7.26
C71 CDL M . -1.54 10.00 -8.09
C72 CDL M . -2.89 9.81 -7.39
CHA HEM N . -35.63 15.37 -5.14
CHB HEM N . -33.39 13.06 -1.54
CHC HEM N . -29.52 15.98 -2.16
CHD HEM N . -32.01 18.57 -5.40
C1A HEM N . -35.31 14.48 -4.14
C2A HEM N . -36.14 13.39 -3.78
C3A HEM N . -35.52 12.73 -2.76
C4A HEM N . -34.31 13.43 -2.50
CMA HEM N . -36.05 11.48 -2.06
CAA HEM N . -37.47 13.00 -4.40
CBA HEM N . -37.18 12.14 -5.64
CGA HEM N . -38.41 11.94 -6.47
O1A HEM N . -39.35 11.23 -6.05
O2A HEM N . -38.50 12.51 -7.59
C1B HEM N . -32.12 13.67 -1.43
C2B HEM N . -31.16 13.20 -0.49
C3B HEM N . -30.05 14.00 -0.63
C4B HEM N . -30.40 14.98 -1.71
CMB HEM N . -31.35 12.04 0.47
CAB HEM N . -28.76 13.96 0.11
CBB HEM N . -28.56 13.29 1.24
C1C HEM N . -29.85 16.97 -3.07
C2C HEM N . -29.07 18.09 -3.43
C3C HEM N . -29.79 18.84 -4.36
C4C HEM N . -31.03 18.14 -4.55
CMC HEM N . -27.67 18.41 -2.90
CAC HEM N . -29.45 20.10 -5.08
CBC HEM N . -28.31 20.78 -4.94
C1D HEM N . -33.19 17.87 -5.59
C2D HEM N . -34.20 18.34 -6.56
C3D HEM N . -35.20 17.45 -6.49
C4D HEM N . -34.81 16.44 -5.48
CMD HEM N . -34.12 19.55 -7.46
CAD HEM N . -36.49 17.48 -7.31
CBD HEM N . -36.30 16.65 -8.59
CGD HEM N . -36.75 15.22 -8.39
O1D HEM N . -37.88 14.96 -7.92
O2D HEM N . -36.01 14.27 -8.70
NA HEM N . -34.20 14.51 -3.33
NB HEM N . -31.65 14.72 -2.13
NC HEM N . -31.06 17.04 -3.72
ND HEM N . -33.59 16.75 -4.96
FE HEM N . -32.68 15.76 -3.64
CHA HEM O . -17.64 4.68 10.58
CHB HEM O . -19.31 7.65 7.15
CHC HEM O . -23.66 7.63 9.33
CHD HEM O . -21.67 5.43 13.14
C1A HEM O . -17.77 5.39 9.41
C2A HEM O . -16.82 5.38 8.35
C3A HEM O . -17.28 6.21 7.37
C4A HEM O . -18.51 6.74 7.82
CMA HEM O . -16.59 6.52 6.06
CAA HEM O . -15.55 4.56 8.31
CBA HEM O . -15.76 3.27 7.50
CGA HEM O . -16.66 2.28 8.19
O1A HEM O . -17.80 2.11 7.71
O2A HEM O . -16.24 1.66 9.20
C1B HEM O . -20.67 7.87 7.45
C2B HEM O . -21.54 8.63 6.59
C3B HEM O . -22.75 8.64 7.20
C4B HEM O . -22.60 7.85 8.45
CMB HEM O . -21.16 9.29 5.27
CAB HEM O . -24.03 9.25 6.74
CBB HEM O . -24.08 10.38 6.04
C1C HEM O . -23.53 6.96 10.54
C2C HEM O . -24.59 6.63 11.40
C3C HEM O . -24.02 6.00 12.50
C4C HEM O . -22.61 5.96 12.28
CMC HEM O . -26.04 6.93 11.12
CAC HEM O . -24.69 5.44 13.72
CBC HEM O . -25.92 5.74 14.13
C1D HEM O . -20.40 5.03 12.73
C2D HEM O . -19.51 4.21 13.59
C3D HEM O . -18.38 3.99 12.87
C4D HEM O . -18.60 4.70 11.59
CMD HEM O . -19.81 3.71 14.98
CAD HEM O . -17.17 3.19 13.32
CBD HEM O . -17.19 1.76 12.77
CGD HEM O . -16.08 0.82 13.20
O1D HEM O . -16.35 -0.39 13.35
O2D HEM O . -14.89 1.18 13.37
NA HEM O . -18.81 6.24 9.08
NB HEM O . -21.33 7.43 8.54
NC HEM O . -22.34 6.54 11.07
ND HEM O . -19.82 5.30 11.55
FE HEM O . -20.52 6.30 10.11
C1B LMT P . -58.32 -3.44 18.53
C2B LMT P . -58.61 -2.19 17.70
C3B LMT P . -58.61 -0.94 18.59
C4B LMT P . -57.88 -1.13 19.93
C5B LMT P . -56.69 -2.11 19.86
C6B LMT P . -56.05 -2.45 21.20
O1B LMT P . -58.27 -4.64 17.73
O2B LMT P . -57.65 -2.02 16.65
O3B LMT P . -59.96 -0.55 18.85
O4' LMT P . -57.43 0.13 20.42
O5B LMT P . -57.07 -3.34 19.22
O6B LMT P . -55.67 -1.26 21.91
C1' LMT P . -58.92 -8.79 17.94
C2' LMT P . -60.06 -7.93 17.36
C3' LMT P . -59.64 -6.48 17.12
C4' LMT P . -58.87 -5.82 18.28
C5' LMT P . -57.85 -6.81 18.91
C6' LMT P . -57.30 -6.37 20.28
O1' LMT P . -59.45 -10.08 18.29
O2' LMT P . -60.49 -8.50 16.12
O3' LMT P . -60.80 -5.71 16.80
O5' LMT P . -58.37 -8.14 19.10
O6' LMT P . -56.14 -5.56 20.10
C1 LMT P . -58.52 -11.16 18.34
C2 LMT P . -58.91 -12.11 19.47
C3 LMT P . -60.27 -12.80 19.26
C4 LMT P . -60.88 -13.37 20.54
C5 LMT P . -61.91 -14.46 20.22
C6 LMT P . -61.59 -15.79 20.89
C7 LMT P . -60.67 -16.67 20.01
C8 LMT P . -60.89 -18.16 20.24
C9 LMT P . -59.68 -18.98 19.74
C10 LMT P . -58.91 -19.64 20.88
C11 LMT P . -57.64 -18.88 21.23
C12 LMT P . -56.80 -19.63 22.25
O1 PG4 Q . -36.36 24.42 11.16
C1 PG4 Q . -37.60 23.74 10.99
C2 PG4 Q . -38.03 23.92 9.54
O2 PG4 Q . -37.35 22.98 8.73
C3 PG4 Q . -38.23 22.00 8.15
C4 PG4 Q . -37.68 20.60 8.39
O3 PG4 Q . -38.80 19.74 8.57
C5 PG4 Q . -38.52 18.39 8.22
C6 PG4 Q . -38.94 17.47 9.37
O4 PG4 Q . -40.33 17.61 9.74
C7 PG4 Q . -40.81 16.41 10.38
C8 PG4 Q . -41.87 16.69 11.45
O5 PG4 Q . -41.58 15.96 12.65
C1 CDL R . -19.99 -11.62 7.68
O1 CDL R . -21.38 -11.55 7.38
CA2 CDL R . -19.54 -13.08 7.67
OA2 CDL R . -20.45 -13.91 8.38
PA1 CDL R . -20.55 -15.45 7.94
OA3 CDL R . -21.10 -16.21 9.12
OA4 CDL R . -19.21 -15.83 7.34
OA5 CDL R . -21.64 -15.42 6.76
CA3 CDL R . -22.40 -16.57 6.42
CA4 CDL R . -22.54 -16.65 4.91
OA6 CDL R . -23.53 -17.64 4.64
CA5 CDL R . -24.84 -17.15 4.20
OA7 CDL R . -25.49 -16.37 4.89
C11 CDL R . -25.41 -17.63 2.86
CA6 CDL R . -21.19 -17.02 4.30
OA8 CDL R . -21.32 -17.30 2.91
CA7 CDL R . -21.10 -16.33 1.84
OA9 CDL R . -20.03 -15.77 1.77
C31 CDL R . -22.15 -16.03 0.80
CB2 CDL R . -19.17 -10.83 6.65
OB2 CDL R . -19.33 -11.30 5.31
PB2 CDL R . -18.10 -11.23 4.26
OB3 CDL R . -17.21 -12.40 4.56
OB4 CDL R . -17.46 -9.89 4.33
OB5 CDL R . -18.78 -11.42 2.80
CB3 CDL R . -19.87 -10.65 2.25
CB4 CDL R . -21.24 -10.99 2.84
OB6 CDL R . -22.11 -11.67 1.90
CB5 CDL R . -23.32 -12.37 2.37
OB7 CDL R . -23.35 -12.99 3.44
C51 CDL R . -24.57 -12.36 1.49
C52 CDL R . -25.88 -12.14 2.26
CB6 CDL R . -21.87 -9.70 3.34
OB8 CDL R . -22.41 -8.88 2.29
CB7 CDL R . -23.40 -7.87 2.62
OB9 CDL R . -23.27 -7.28 3.68
C71 CDL R . -24.57 -7.52 1.71
C72 CDL R . -25.92 -7.71 2.42
C73 CDL R . -27.00 -6.75 1.93
C74 CDL R . -28.40 -7.39 2.03
C75 CDL R . -29.49 -6.70 1.18
C76 CDL R . -30.89 -6.97 1.72
C77 CDL R . -31.97 -6.02 1.18
C78 CDL R . -33.23 -6.09 2.03
C25 PEE S . -32.40 1.66 13.89
C24 PEE S . -32.26 0.72 12.71
C23 PEE S . -31.40 -0.56 12.91
C22 PEE S . -31.25 -1.24 11.53
C21 PEE S . -30.64 -2.64 11.41
C20 PEE S . -30.67 -2.99 9.92
C19 PEE S . -30.40 -4.48 9.61
C18 PEE S . -29.48 -4.72 8.40
C17 PEE S . -28.00 -4.78 8.83
C16 PEE S . -27.47 -6.15 9.27
C15 PEE S . -26.43 -5.94 10.37
C14 PEE S . -25.09 -6.56 10.05
C13 PEE S . -24.74 -7.68 11.02
C12 PEE S . -23.42 -8.33 10.66
C11 PEE S . -23.61 -9.63 9.89
C10 PEE S . -23.54 -10.87 10.74
O4 PEE S . -23.97 -10.88 11.90
O2 PEE S . -22.96 -12.07 10.17
C2 PEE S . -23.37 -13.25 10.85
C1 PEE S . -22.14 -13.85 11.48
O3P PEE S . -21.26 -12.79 11.82
P PEE S . -20.03 -12.98 12.83
O2P PEE S . -20.49 -13.72 14.07
O1P PEE S . -19.39 -11.63 12.98
O4P PEE S . -19.01 -13.87 11.95
C4 PEE S . -18.42 -15.10 12.37
C5 PEE S . -17.27 -15.45 11.43
N PEE S . -17.81 -15.86 10.10
C3 PEE S . -23.95 -14.18 9.82
O3 PEE S . -25.21 -13.70 9.36
C30 PEE S . -25.34 -12.93 8.13
O5 PEE S . -25.15 -11.73 8.17
C31 PEE S . -25.70 -13.53 6.79
C32 PEE S . -27.06 -13.03 6.34
C33 PEE S . -27.04 -11.63 5.69
C34 PEE S . -27.84 -10.62 6.49
C35 PEE S . -28.77 -9.76 5.63
C36 PEE S . -29.92 -9.18 6.45
C37 PEE S . -31.05 -8.63 5.57
C38 PEE S . -31.90 -7.57 6.28
C9 JGW T . -13.16 5.61 3.29
C7 JGW T . -12.16 5.72 5.73
C6 JGW T . -13.03 3.51 4.78
C4 JGW T . -12.01 3.78 7.10
C2 JGW T . -11.83 1.84 8.52
C1 JGW T . -12.43 1.02 7.54
C12 JGW T . -13.79 6.80 0.80
C15 JGW T . -14.16 7.47 -0.53
C16 JGW T . -14.88 8.74 -0.13
C19 JGW T . -16.17 11.08 0.74
C20 JGW T . -16.82 10.18 -0.12
C21 JGW T . -16.19 9.00 -0.56
C22 JGW T . -17.06 12.48 2.58
F2 JGW T . -17.22 11.35 3.26
F JGW T . -18.16 13.20 2.69
F1 JGW T . -16.04 13.15 3.11
O1 JGW T . -16.79 12.23 1.17
C18 JGW T . -14.86 10.80 1.16
C17 JGW T . -14.22 9.63 0.73
C11 JGW T . -14.71 6.78 1.88
C10 JGW T . -14.41 6.20 3.11
C13 JGW T . -12.54 6.21 0.98
C14 JGW T . -12.24 5.62 2.23
C8 JGW T . -12.79 4.96 4.59
O JGW T . -13.54 2.79 3.89
C5 JGW T . -12.63 2.89 6.06
C JGW T . -12.81 1.54 6.31
C23 JGW T . -11.87 7.19 5.66
N JGW T . -11.82 5.09 6.88
C3 JGW T . -11.63 3.21 8.32
FE HEC U . -61.81 7.66 -19.48
CHA HEC U . -61.45 7.62 -16.01
CHB HEC U . -58.94 5.81 -19.80
CHC HEC U . -62.52 7.18 -22.83
CHD HEC U . -64.62 9.67 -19.13
NA HEC U . -60.42 6.85 -18.13
C1A HEC U . -60.42 6.91 -16.77
C2A HEC U . -59.29 6.22 -16.09
C3A HEC U . -58.53 5.68 -17.24
C4A HEC U . -59.33 6.12 -18.41
CMA HEC U . -57.26 4.86 -17.21
CAA HEC U . -58.98 6.14 -14.61
CBA HEC U . -59.42 4.85 -13.93
CGA HEC U . -58.93 4.89 -12.50
O1A HEC U . -59.29 5.83 -11.75
O2A HEC U . -58.17 3.98 -12.10
NB HEC U . -60.87 6.66 -21.07
C1B HEC U . -59.72 5.96 -21.03
C2B HEC U . -59.28 5.33 -22.30
C3B HEC U . -60.37 5.75 -23.20
C4B HEC U . -61.28 6.56 -22.35
CMB HEC U . -58.05 4.51 -22.55
CAB HEC U . -60.58 5.46 -24.65
CBB HEC U . -59.66 4.64 -25.53
NC HEC U . -63.33 8.32 -20.78
C1C HEC U . -63.48 8.04 -22.10
C2C HEC U . -64.70 8.64 -22.74
C3C HEC U . -65.31 9.38 -21.61
C4C HEC U . -64.40 9.10 -20.46
CMC HEC U . -65.14 8.51 -24.18
CAC HEC U . -66.55 10.21 -21.52
CBC HEC U . -67.51 10.50 -22.66
ND HEC U . -62.84 8.51 -17.84
C1D HEC U . -63.95 9.28 -17.87
C2D HEC U . -64.45 9.75 -16.53
C3D HEC U . -63.49 9.13 -15.59
C4D HEC U . -62.58 8.40 -16.51
CMD HEC U . -65.63 10.63 -16.21
CAD HEC U . -63.48 9.22 -14.07
CBD HEC U . -64.17 7.98 -13.50
CGD HEC U . -64.44 8.05 -12.00
O1D HEC U . -65.35 7.34 -11.53
O2D HEC U . -63.76 8.79 -11.26
P PO4 V . -45.28 -3.73 -14.99
O1 PO4 V . -45.43 -3.58 -16.49
O2 PO4 V . -44.31 -2.70 -14.48
O3 PO4 V . -46.63 -3.57 -14.32
O4 PO4 V . -44.70 -5.09 -14.68
C1 CDL W . -13.35 -14.83 2.17
O1 CDL W . -11.92 -14.79 2.38
CA2 CDL W . -13.67 -14.45 0.73
OA2 CDL W . -13.28 -13.10 0.45
PA1 CDL W . -13.50 -12.43 -0.99
OA3 CDL W . -12.56 -11.26 -1.16
OA4 CDL W . -13.39 -13.52 -2.03
OA5 CDL W . -15.00 -11.85 -0.87
CA3 CDL W . -15.35 -10.81 0.07
CA4 CDL W . -16.22 -9.74 -0.59
OA6 CDL W . -16.74 -10.26 -1.83
CA5 CDL W . -18.18 -10.46 -1.94
OA7 CDL W . -18.92 -10.35 -0.96
C11 CDL W . -18.75 -10.84 -3.29
C12 CDL W . -18.50 -9.78 -4.38
C13 CDL W . -17.71 -10.33 -5.57
C14 CDL W . -18.42 -10.16 -6.92
C15 CDL W . -17.95 -11.27 -7.88
C16 CDL W . -18.44 -11.14 -9.32
C17 CDL W . -18.20 -12.45 -10.05
CA6 CDL W . -15.41 -8.45 -0.83
OA8 CDL W . -15.96 -7.31 -0.13
CA7 CDL W . -16.86 -6.32 -0.75
OA9 CDL W . -16.36 -5.51 -1.49
C31 CDL W . -18.39 -6.33 -0.51
C32 CDL W . -19.11 -4.96 -0.32
C33 CDL W . -20.65 -5.05 -0.36
C34 CDL W . -21.34 -3.80 -0.95
C35 CDL W . -22.88 -3.85 -1.06
C36 CDL W . -23.50 -2.81 -2.00
C37 CDL W . -25.00 -2.56 -1.81
CB2 CDL W . -13.85 -16.23 2.48
OB2 CDL W . -13.24 -17.19 1.61
PB2 CDL W . -13.80 -18.70 1.40
OB3 CDL W . -14.82 -19.00 2.47
OB4 CDL W . -12.58 -19.59 1.29
OB5 CDL W . -14.57 -18.65 -0.04
CB3 CDL W . -15.78 -17.92 -0.24
CB4 CDL W . -16.06 -17.66 -1.72
OB6 CDL W . -15.83 -16.28 -2.05
CB5 CDL W . -16.92 -15.28 -1.97
OB7 CDL W . -17.48 -15.06 -0.90
C51 CDL W . -17.33 -14.51 -3.20
C52 CDL W . -18.80 -14.76 -3.57
C53 CDL W . -19.05 -14.46 -5.05
C54 CDL W . -19.14 -15.74 -5.89
C55 CDL W . -19.40 -15.43 -7.35
C56 CDL W . -18.97 -16.58 -8.26
C57 CDL W . -18.12 -16.08 -9.42
CB6 CDL W . -17.47 -18.12 -2.03
OB8 CDL W . -17.50 -19.51 -2.29
CB7 CDL W . -18.23 -20.00 -3.45
OB9 CDL W . -17.58 -20.36 -4.41
C71 CDL W . -19.75 -20.03 -3.50
FE1 FES X . -34.80 53.01 -32.16
FE2 FES X . -32.54 54.63 -30.76
S1 FES X . -32.91 53.96 -32.85
S2 FES X . -34.22 53.35 -30.03
O1 PX4 Y . -0.70 -0.65 -10.15
O2 PX4 Y . -1.09 -2.20 -12.17
P1 PX4 Y . -0.83 -0.81 -11.65
O3 PX4 Y . 0.48 -0.19 -12.36
C1 PX4 Y . 1.01 -0.61 -13.62
C2 PX4 Y . 2.54 -0.49 -13.51
N1 PX4 Y . 3.34 -0.64 -14.73
C3 PX4 Y . 4.65 0.00 -14.55
C4 PX4 Y . 3.65 -2.04 -15.00
C5 PX4 Y . 2.69 -0.02 -15.89
O4 PX4 Y . -1.97 0.23 -12.20
C6 PX4 Y . -2.40 1.45 -11.54
C7 PX4 Y . -3.74 2.04 -12.06
C8 PX4 Y . -3.56 2.82 -13.36
O5 PX4 Y . -2.49 3.77 -13.32
C9 PX4 Y . -1.69 4.07 -14.51
O6 PX4 Y . -0.65 3.42 -14.66
C10 PX4 Y . -2.11 5.17 -15.50
C11 PX4 Y . -3.05 4.77 -16.66
C12 PX4 Y . -4.13 5.83 -16.91
C13 PX4 Y . -4.42 6.09 -18.39
C14 PX4 Y . -5.87 6.52 -18.64
C15 PX4 Y . -6.04 8.05 -18.70
C16 PX4 Y . -7.15 8.62 -17.79
C17 PX4 Y . -6.81 9.98 -17.14
C18 PX4 Y . -8.06 10.74 -16.65
C19 PX4 Y . -7.97 12.26 -16.87
C20 PX4 Y . -9.19 12.91 -17.58
C21 PX4 Y . -8.84 13.68 -18.88
C22 PX4 Y . -10.04 14.29 -19.58
O7 PX4 Y . -4.74 1.03 -12.33
C23 PX4 Y . -6.01 1.01 -11.59
O8 PX4 Y . -6.04 0.43 -10.50
C24 PX4 Y . -7.26 1.67 -12.15
C25 PX4 Y . -8.46 0.71 -12.27
C26 PX4 Y . -9.33 0.69 -11.01
C27 PX4 Y . -10.76 1.17 -11.29
P PO4 Z . -2.33 -19.53 -13.40
O1 PO4 Z . -2.58 -19.91 -14.84
O2 PO4 Z . -0.84 -19.25 -13.17
O3 PO4 Z . -3.09 -18.27 -13.05
O4 PO4 Z . -2.85 -20.65 -12.51
C27 PEE AA . -13.80 7.67 -11.95
C26 PEE AA . -14.29 8.77 -12.88
C25 PEE AA . -15.44 9.63 -12.31
C24 PEE AA . -16.69 9.80 -13.21
C23 PEE AA . -17.83 8.81 -12.89
C22 PEE AA . -17.53 7.40 -13.39
C21 PEE AA . -18.36 6.25 -12.81
C20 PEE AA . -17.66 4.91 -13.00
C19 PEE AA . -18.57 3.73 -12.63
C18 PEE AA . -18.06 2.42 -13.22
C17 PEE AA . -19.05 1.25 -13.24
C16 PEE AA . -20.29 1.55 -14.10
C15 PEE AA . -20.51 0.54 -15.21
C14 PEE AA . -20.95 1.29 -16.46
C13 PEE AA . -22.26 0.81 -17.08
C12 PEE AA . -22.26 0.86 -18.61
C11 PEE AA . -21.93 2.24 -19.19
C10 PEE AA . -22.75 2.52 -20.43
O4 PEE AA . -22.18 2.82 -21.46
O2 PEE AA . -24.23 2.45 -20.38
C2 PEE AA . -25.03 3.42 -21.10
C1 PEE AA . -25.04 3.20 -22.63
O3P PEE AA . -25.00 4.36 -23.48
P PEE AA . -25.90 4.46 -24.84
O2P PEE AA . -27.33 4.67 -24.40
O1P PEE AA . -25.64 3.32 -25.77
O4P PEE AA . -25.46 5.82 -25.61
C4 PEE AA . -24.13 6.33 -25.77
C5 PEE AA . -23.42 5.61 -26.92
N PEE AA . -22.07 5.14 -26.51
C3 PEE AA . -24.65 4.85 -20.68
O3 PEE AA . -24.10 4.83 -19.36
C30 PEE AA . -24.90 4.79 -18.15
O5 PEE AA . -25.58 5.75 -17.82
C31 PEE AA . -24.87 3.57 -17.26
C32 PEE AA . -24.94 4.00 -15.78
C33 PEE AA . -23.60 4.22 -15.08
C34 PEE AA . -23.79 5.19 -13.90
C35 PEE AA . -22.58 5.34 -12.97
C1 CDL BA . -23.48 12.26 -25.96
O1 CDL BA . -24.04 12.40 -27.27
CA2 CDL BA . -22.69 10.95 -26.00
OA2 CDL BA . -21.31 11.08 -26.36
PA1 CDL BA . -20.71 11.42 -27.84
OA3 CDL BA . -20.21 10.16 -28.52
OA4 CDL BA . -21.69 12.32 -28.55
OA5 CDL BA . -19.40 12.33 -27.54
CA3 CDL BA . -18.24 11.85 -26.87
CA4 CDL BA . -16.93 12.10 -27.65
OA6 CDL BA . -16.59 13.48 -27.66
CA6 CDL BA . -17.00 11.57 -29.07
OA8 CDL BA . -16.14 10.43 -29.15
CA7 CDL BA . -16.22 9.44 -30.21
OA9 CDL BA . -17.30 8.89 -30.40
C31 CDL BA . -14.99 9.11 -31.04
C32 CDL BA . -14.78 10.14 -32.15
C33 CDL BA . -13.96 9.55 -33.29
C34 CDL BA . -14.47 9.94 -34.68
C35 CDL BA . -14.62 8.73 -35.61
C36 CDL BA . -13.74 8.80 -36.85
C37 CDL BA . -13.27 7.41 -37.30
C38 CDL BA . -13.59 7.11 -38.75
C39 CDL BA . -14.07 5.66 -38.91
CB2 CDL BA . -22.64 13.50 -25.59
OB2 CDL BA . -22.85 14.73 -26.31
PB2 CDL BA . -22.53 16.20 -25.63
OB3 CDL BA . -23.76 16.62 -24.86
OB4 CDL BA . -21.20 16.18 -24.91
OB5 CDL BA . -22.40 17.21 -26.88
CB3 CDL BA . -23.52 17.98 -27.35
CB4 CDL BA . -23.16 19.45 -27.61
OB6 CDL BA . -22.45 19.62 -28.87
CB5 CDL BA . -23.33 19.81 -30.02
OB7 CDL BA . -24.41 20.36 -29.89
C51 CDL BA . -22.92 19.31 -31.41
C52 CDL BA . -21.79 20.14 -32.02
C53 CDL BA . -20.71 19.25 -32.62
C54 CDL BA . -19.51 19.10 -31.70
C55 CDL BA . -18.39 20.10 -32.03
C56 CDL BA . -18.30 21.23 -31.00
C57 CDL BA . -16.94 21.91 -30.94
C58 CDL BA . -16.86 23.13 -31.84
CB6 CDL BA . -22.40 20.10 -26.45
OB8 CDL BA . -22.16 21.49 -26.66
CB7 CDL BA . -23.10 22.38 -27.35
OB9 CDL BA . -24.15 22.68 -26.82
C71 CDL BA . -22.77 22.99 -28.69
P PO4 CA . 4.14 -11.59 38.20
O1 PO4 CA . 5.42 -10.93 37.74
O2 PO4 CA . 4.28 -13.08 37.99
O3 PO4 CA . 2.98 -11.07 37.38
O4 PO4 CA . 3.88 -11.31 39.66
C1 CDL DA . -47.12 -2.73 -4.40
O1 CDL DA . -45.71 -2.90 -4.61
CA2 CDL DA . -47.93 -3.59 -5.36
OA2 CDL DA . -47.76 -3.15 -6.72
PA1 CDL DA . -46.65 -3.77 -7.71
OA3 CDL DA . -45.91 -2.61 -8.31
OA4 CDL DA . -47.32 -4.77 -8.62
OA5 CDL DA . -45.61 -4.57 -6.77
CB2 CDL DA . -47.47 -3.07 -2.95
OB2 CDL DA . -46.67 -4.17 -2.49
PB2 CDL DA . -47.24 -5.40 -1.62
OB3 CDL DA . -46.08 -5.91 -0.79
OB4 CDL DA . -48.50 -4.97 -0.90
OB5 CDL DA . -47.60 -6.55 -2.71
CB3 CDL DA . -48.70 -6.43 -3.62
CB4 CDL DA . -49.70 -7.58 -3.59
OB6 CDL DA . -51.03 -7.09 -3.83
CB6 CDL DA . -49.69 -8.31 -2.25
OB8 CDL DA . -49.32 -9.68 -2.48
CB7 CDL DA . -47.94 -10.14 -2.69
OB9 CDL DA . -47.10 -9.37 -3.18
C71 CDL DA . -47.55 -11.56 -2.30
C72 CDL DA . -46.88 -12.35 -3.43
P PO4 EA . -5.77 -17.79 -10.94
O1 PO4 EA . -4.61 -16.83 -10.84
O2 PO4 EA . -5.30 -19.20 -11.21
O3 PO4 EA . -6.70 -17.37 -12.07
O4 PO4 EA . -6.51 -17.76 -9.64
P PO4 FA . -9.94 -24.67 -8.04
O1 PO4 FA . -9.41 -23.40 -8.66
O2 PO4 FA . -8.76 -25.46 -7.47
O3 PO4 FA . -10.61 -25.51 -9.10
O4 PO4 FA . -10.95 -24.38 -6.96
P PO4 GA . -26.00 -22.89 16.60
O1 PO4 GA . -26.61 -22.13 15.45
O2 PO4 GA . -25.66 -24.29 16.16
O3 PO4 GA . -24.71 -22.22 17.02
O4 PO4 GA . -26.97 -22.89 17.76
#